data_7UZW
#
_entry.id   7UZW
#
_cell.length_a   1.00
_cell.length_b   1.00
_cell.length_c   1.00
_cell.angle_alpha   90.00
_cell.angle_beta   90.00
_cell.angle_gamma   90.00
#
_symmetry.space_group_name_H-M   'P 1'
#
loop_
_entity.id
_entity.type
_entity.pdbx_description
1 polymer 'CRISPR system Cms endoribonuclease Csm3'
2 polymer 'CRISPR system Cms protein Csm4'
3 polymer 'CRISPR system single-strand-specific deoxyribonuclease Cas10/Csm1 (subtype III-A)'
4 polymer crRNA
#
loop_
_entity_poly.entity_id
_entity_poly.type
_entity_poly.pdbx_seq_one_letter_code
_entity_poly.pdbx_strand_id
1 'polypeptide(L)'
;MYSKIKISGTIEVVTGLHIGGGGESSMIGAIDSPVVRDLQTKLPIIPGSSIKGKMRNLLAKHFGLKMKQESHNQDDERVL
RLFGSSEKGNIQRARLQISDAFFSEKTKEHFAQNDIAYTETKFENTINRLTAVANPRQIERVTRGSEFDFVFIYNVDEES
QVEDDFENIEKAIHLLENDYLGGGGTRGNGRIQFKDTNIETVVGEYDSTNLKIK
;
A,B,C,D,E
2 'polypeptide(L)'
;MTLATKVFKLSFKTPVHFGKKRLSDGEMTITADTLFSALFIETLQLGKDTDWLLNDLIISDTFPYENELYYLPKPLIKID
SKEEDNHKAFKKLKYVPVHHYNQYLNGELSAEDATDLNDIFNIGYFSLQTKVSLIAQETDSSADSEPYSVGTFTFEPEAG
LYFIAKGSEETLDHLNNIMTALQYSGLGGKRNAGYGQFEYEIINNQQLSKLLNQNGKHSILLSTAMAKKEEIESALKEAR
YILTKRSGFVQSTNYSEMLVKKSDFYSFSSGSVFKNIFNGDIFNVGHNGKHPVYRYAKPLWLEV
;
H
3 'polypeptide(L)'
;MNKKNILMYGSLLHDIGKIIYRSGDHTFSRGTHSKLGHQFLSQFSEFKDNEVLDNVAYHHYKELAKANLDNDNTAYITYI
ADNIASGIDRRDIIEEGDEEYEKQLFNFDKYTPLYSVFNIVNSEKLKQTNGKFKFSNESNIEYPKTENIQYSSGNYTTLM
KDMSHDLEHKLSIKEGTFPSLLQWTESLWQYVPSSTNKNQLIDISLYDHSRITCAIASCIFDYLNENNIHNYKDELFSKY
ENTKSFYQKEAFLLLSMDMSGIQDFIYNISGSKALKSLRSRSFYLELMLEVIVDQLLERLELARANLLYTGGGHAYLLVS
NTDKVKKKITQFNNELKKWFMSEFTTDLSLSMAFEKCSGDDLMNTSGNYRTIWRNVSSKLSDIKAHKYSAEDILKLNHFH
SYGDRECKECLRSDIDINDDGLCSICEGIINISNDLRDKSFFVLSETGKLKMPFNKFISVIDYEEAEMLVQNNNQVRIYS
KNKPYIGIGISTNLWMCDYDYASQNQDMREKGIGSYVDREEGVKRLGVVRADIDNLGATFISGIPEKYNSISRTATLSRQ
LSLFFKYELNHLLENYQITAIYSGGDDLFLIGAWDDIIEASIYINDKFKEFTLDKLTLSAGVGMFSGKYPVSKMAFETGR
LEEAAKTGEKNQISLWLQEKVYNWDEFKKNILEEKLLVLQQGFSQTDEHGKAFIYKMLALLRNNEAINIARLAYLLARSK
MNEDFTSKIFNWAQNDKDKNQLITALEYYIYQIREAD
;
F
4 'polyribonucleotide' ACGAGAACACGUAUGCCGAAGUAUAUAAAUCAUCAGUACAAAG G
#
# COMPACT_ATOMS: atom_id res chain seq x y z
N TYR A 2 0.23 -38.75 11.17
CA TYR A 2 -0.02 -37.33 10.98
C TYR A 2 -1.29 -36.88 11.67
N SER A 3 -1.16 -36.05 12.70
CA SER A 3 -2.30 -35.65 13.51
C SER A 3 -2.27 -34.16 13.77
N LYS A 4 -3.46 -33.60 13.96
CA LYS A 4 -3.66 -32.19 14.23
C LYS A 4 -4.49 -32.04 15.48
N ILE A 5 -4.00 -31.20 16.40
CA ILE A 5 -4.57 -30.98 17.73
C ILE A 5 -5.13 -29.57 17.78
N LYS A 6 -6.33 -29.43 18.34
CA LYS A 6 -7.05 -28.16 18.34
C LYS A 6 -7.11 -27.60 19.75
N ILE A 7 -6.99 -26.27 19.87
CA ILE A 7 -7.08 -25.59 21.16
C ILE A 7 -8.01 -24.40 21.01
N SER A 8 -9.07 -24.36 21.80
CA SER A 8 -10.05 -23.29 21.70
C SER A 8 -10.31 -22.70 23.06
N GLY A 9 -10.67 -21.41 23.08
CA GLY A 9 -10.91 -20.77 24.36
C GLY A 9 -11.34 -19.34 24.20
N THR A 10 -11.34 -18.61 25.32
CA THR A 10 -11.87 -17.26 25.38
C THR A 10 -10.82 -16.28 25.86
N ILE A 11 -10.67 -15.18 25.15
CA ILE A 11 -9.85 -14.05 25.56
C ILE A 11 -10.75 -13.02 26.20
N GLU A 12 -10.39 -12.56 27.39
CA GLU A 12 -11.16 -11.56 28.12
C GLU A 12 -10.32 -10.32 28.30
N VAL A 13 -10.92 -9.16 28.03
CA VAL A 13 -10.24 -7.87 28.11
C VAL A 13 -10.35 -7.34 29.53
N VAL A 14 -9.21 -7.01 30.12
CA VAL A 14 -9.16 -6.49 31.49
C VAL A 14 -9.14 -4.98 31.51
N THR A 15 -8.10 -4.37 30.97
CA THR A 15 -8.09 -2.95 30.70
C THR A 15 -8.22 -2.73 29.20
N GLY A 16 -8.58 -1.51 28.83
CA GLY A 16 -8.85 -1.19 27.44
C GLY A 16 -7.80 -1.67 26.46
N LEU A 17 -8.21 -2.06 25.27
CA LEU A 17 -7.33 -2.66 24.29
C LEU A 17 -7.37 -1.87 22.99
N HIS A 18 -6.20 -1.67 22.39
CA HIS A 18 -6.04 -0.88 21.18
C HIS A 18 -5.08 -1.60 20.24
N ILE A 19 -5.60 -2.53 19.44
CA ILE A 19 -4.79 -3.07 18.35
C ILE A 19 -4.57 -2.03 17.28
N GLY A 20 -5.60 -1.24 16.97
CA GLY A 20 -5.40 -0.01 16.24
C GLY A 20 -4.59 -0.14 14.97
N GLY A 21 -4.87 -1.16 14.18
CA GLY A 21 -4.10 -1.40 12.98
C GLY A 21 -4.41 -0.49 11.82
N GLY A 22 -5.39 0.40 11.96
CA GLY A 22 -5.73 1.29 10.87
C GLY A 22 -4.57 2.19 10.49
N GLY A 23 -3.86 2.71 11.47
CA GLY A 23 -2.72 3.58 11.23
C GLY A 23 -1.44 3.09 11.88
N SER A 33 -7.41 7.62 14.87
CA SER A 33 -6.84 6.42 15.47
C SER A 33 -7.91 5.36 15.72
N PRO A 34 -8.29 4.65 14.66
CA PRO A 34 -9.35 3.64 14.82
C PRO A 34 -8.82 2.28 15.25
N VAL A 35 -9.73 1.35 15.46
CA VAL A 35 -9.43 -0.02 15.81
C VAL A 35 -9.82 -0.90 14.63
N VAL A 36 -9.12 -2.03 14.49
CA VAL A 36 -9.40 -2.92 13.36
C VAL A 36 -10.79 -3.52 13.51
N ARG A 37 -11.53 -3.55 12.40
CA ARG A 37 -12.90 -4.01 12.37
C ARG A 37 -13.11 -4.98 11.23
N ASP A 38 -13.95 -5.99 11.44
CA ASP A 38 -14.52 -6.74 10.34
C ASP A 38 -15.54 -5.86 9.62
N LEU A 39 -15.59 -6.00 8.30
CA LEU A 39 -16.44 -5.12 7.51
C LEU A 39 -17.70 -5.79 6.99
N GLN A 40 -18.02 -6.98 7.50
CA GLN A 40 -19.35 -7.55 7.32
C GLN A 40 -20.22 -7.37 8.55
N THR A 41 -19.63 -7.21 9.72
CA THR A 41 -20.37 -7.06 10.97
C THR A 41 -20.11 -5.74 11.67
N LYS A 42 -18.96 -5.10 11.42
CA LYS A 42 -18.57 -3.85 12.08
C LYS A 42 -18.43 -4.03 13.59
N LEU A 43 -17.51 -4.89 13.96
CA LEU A 43 -17.15 -5.18 15.34
C LEU A 43 -15.65 -5.39 15.40
N PRO A 44 -15.04 -5.24 16.58
CA PRO A 44 -13.59 -5.39 16.68
C PRO A 44 -13.16 -6.84 16.58
N ILE A 45 -11.90 -7.03 16.17
CA ILE A 45 -11.26 -8.35 16.10
C ILE A 45 -9.83 -8.24 16.59
N ILE A 46 -9.27 -9.38 16.98
CA ILE A 46 -7.88 -9.48 17.42
C ILE A 46 -7.11 -10.25 16.35
N PRO A 47 -6.24 -9.59 15.59
CA PRO A 47 -5.49 -10.31 14.56
C PRO A 47 -4.52 -11.31 15.16
N GLY A 48 -4.30 -12.40 14.44
CA GLY A 48 -3.46 -13.47 14.95
C GLY A 48 -1.98 -13.23 14.79
N SER A 49 -1.59 -12.39 13.84
CA SER A 49 -0.20 -12.03 13.71
C SER A 49 0.30 -11.22 14.89
N SER A 50 -0.57 -10.42 15.51
CA SER A 50 -0.23 -9.78 16.77
C SER A 50 0.19 -10.81 17.81
N ILE A 51 -0.63 -11.84 18.00
CA ILE A 51 -0.38 -12.83 19.02
C ILE A 51 0.90 -13.59 18.74
N LYS A 52 1.09 -13.97 17.47
CA LYS A 52 2.30 -14.72 17.11
C LYS A 52 3.55 -13.87 17.33
N GLY A 53 3.52 -12.61 16.93
CA GLY A 53 4.69 -11.77 17.10
C GLY A 53 5.03 -11.53 18.56
N LYS A 54 4.02 -11.28 19.39
CA LYS A 54 4.30 -11.06 20.80
C LYS A 54 4.86 -12.32 21.46
N MET A 55 4.31 -13.49 21.12
CA MET A 55 4.85 -14.71 21.70
C MET A 55 6.27 -14.97 21.22
N ARG A 56 6.53 -14.71 19.94
CA ARG A 56 7.89 -14.83 19.43
C ARG A 56 8.86 -14.00 20.27
N ASN A 57 8.56 -12.72 20.43
CA ASN A 57 9.46 -11.83 21.16
C ASN A 57 9.65 -12.29 22.59
N LEU A 58 8.54 -12.57 23.29
CA LEU A 58 8.64 -12.88 24.72
C LEU A 58 9.41 -14.16 24.94
N LEU A 59 9.01 -15.24 24.27
CA LEU A 59 9.63 -16.52 24.53
C LEU A 59 11.07 -16.53 24.03
N ALA A 60 11.39 -15.75 22.99
CA ALA A 60 12.77 -15.65 22.55
C ALA A 60 13.63 -14.98 23.60
N LYS A 61 13.16 -13.84 24.14
CA LYS A 61 13.93 -13.17 25.18
C LYS A 61 14.06 -14.03 26.42
N HIS A 62 13.13 -14.95 26.65
CA HIS A 62 13.27 -15.84 27.80
C HIS A 62 14.60 -16.59 27.76
N PHE A 63 14.82 -17.36 26.70
CA PHE A 63 16.10 -18.01 26.53
C PHE A 63 17.14 -17.00 26.05
N GLY A 64 18.38 -17.46 25.93
CA GLY A 64 19.47 -16.59 25.54
C GLY A 64 19.26 -15.87 24.23
N LEU A 65 19.36 -14.55 24.26
CA LEU A 65 19.27 -13.71 23.07
C LEU A 65 20.58 -12.94 22.94
N LYS A 66 21.35 -13.25 21.90
CA LYS A 66 22.71 -12.76 21.74
C LYS A 66 22.73 -11.58 20.78
N MET A 67 23.84 -10.82 20.80
CA MET A 67 24.00 -9.70 19.89
C MET A 67 24.04 -10.18 18.44
N LYS A 68 24.85 -11.21 18.17
CA LYS A 68 24.85 -11.82 16.86
C LYS A 68 23.49 -12.44 16.54
N GLN A 69 22.86 -13.04 17.55
CA GLN A 69 21.49 -13.51 17.39
C GLN A 69 20.49 -12.37 17.38
N GLU A 70 20.91 -11.17 17.79
CA GLU A 70 20.05 -10.00 17.60
C GLU A 70 20.09 -9.52 16.15
N SER A 71 21.24 -9.64 15.50
CA SER A 71 21.39 -9.06 14.17
C SER A 71 20.50 -9.77 13.15
N HIS A 72 20.56 -11.09 13.10
CA HIS A 72 20.05 -11.86 11.97
C HIS A 72 18.61 -12.33 12.13
N ASN A 73 17.93 -11.97 13.22
CA ASN A 73 16.55 -12.38 13.48
C ASN A 73 16.39 -13.88 13.61
N GLN A 74 17.49 -14.60 13.85
CA GLN A 74 17.50 -16.00 14.23
C GLN A 74 17.41 -16.10 15.75
N ASP A 75 16.93 -17.25 16.22
CA ASP A 75 16.64 -17.40 17.63
C ASP A 75 17.06 -18.80 18.06
N ASP A 76 16.68 -19.18 19.27
CA ASP A 76 17.03 -20.49 19.78
C ASP A 76 16.39 -21.57 18.92
N GLU A 77 16.96 -22.78 18.99
CA GLU A 77 16.46 -23.88 18.18
C GLU A 77 15.01 -24.21 18.52
N ARG A 78 14.67 -24.17 19.81
CA ARG A 78 13.30 -24.48 20.23
C ARG A 78 12.31 -23.48 19.65
N VAL A 79 12.66 -22.19 19.72
CA VAL A 79 11.77 -21.15 19.21
C VAL A 79 11.57 -21.31 17.71
N LEU A 80 12.65 -21.59 16.98
CA LEU A 80 12.52 -21.80 15.55
C LEU A 80 11.66 -23.03 15.26
N ARG A 81 11.81 -24.07 16.08
CA ARG A 81 11.04 -25.27 15.88
C ARG A 81 9.55 -25.01 16.01
N LEU A 82 9.15 -24.19 16.97
CA LEU A 82 7.72 -24.02 17.22
C LEU A 82 7.08 -22.97 16.31
N PHE A 83 7.86 -22.01 15.80
CA PHE A 83 7.31 -20.96 14.95
C PHE A 83 7.85 -20.96 13.53
N GLY A 84 8.90 -21.71 13.25
CA GLY A 84 9.41 -21.83 11.90
C GLY A 84 10.51 -20.85 11.56
N SER A 85 11.53 -21.29 10.84
CA SER A 85 12.56 -20.40 10.33
C SER A 85 12.56 -20.34 8.81
N SER A 86 12.74 -21.48 8.15
CA SER A 86 12.47 -21.65 6.73
C SER A 86 13.06 -20.53 5.87
N GLU A 87 14.13 -19.90 6.34
CA GLU A 87 14.83 -18.88 5.57
C GLU A 87 16.35 -19.00 5.61
N LYS A 88 16.91 -19.80 6.50
CA LYS A 88 18.34 -19.78 6.81
C LYS A 88 19.17 -20.65 5.88
N GLY A 89 18.64 -21.04 4.73
CA GLY A 89 19.26 -22.13 4.01
C GLY A 89 19.11 -23.47 4.69
N ASN A 90 18.34 -23.53 5.77
CA ASN A 90 17.93 -24.76 6.43
C ASN A 90 16.47 -24.58 6.82
N ILE A 91 15.58 -24.97 5.92
CA ILE A 91 14.16 -24.67 6.07
C ILE A 91 13.60 -25.32 7.32
N GLN A 92 12.70 -24.60 8.00
CA GLN A 92 12.01 -25.10 9.18
C GLN A 92 10.53 -24.81 9.01
N ARG A 93 9.72 -25.86 8.93
CA ARG A 93 8.28 -25.68 8.82
C ARG A 93 7.66 -25.53 10.20
N ALA A 94 6.70 -24.61 10.30
CA ALA A 94 6.07 -24.31 11.57
C ALA A 94 5.17 -25.46 12.02
N ARG A 95 4.78 -25.40 13.28
CA ARG A 95 3.90 -26.41 13.86
C ARG A 95 2.66 -25.84 14.51
N LEU A 96 2.63 -24.55 14.82
CA LEU A 96 1.55 -23.94 15.56
C LEU A 96 0.94 -22.84 14.71
N GLN A 97 -0.29 -23.05 14.25
CA GLN A 97 -1.01 -22.10 13.41
C GLN A 97 -1.99 -21.34 14.28
N ILE A 98 -1.87 -20.01 14.26
CA ILE A 98 -2.65 -19.10 15.07
C ILE A 98 -3.66 -18.41 14.16
N SER A 99 -4.94 -18.63 14.42
CA SER A 99 -5.99 -17.96 13.69
C SER A 99 -6.43 -16.72 14.45
N ASP A 100 -7.24 -15.91 13.80
CA ASP A 100 -7.74 -14.69 14.42
C ASP A 100 -8.75 -15.04 15.52
N ALA A 101 -9.24 -14.00 16.19
CA ALA A 101 -10.30 -14.14 17.18
C ALA A 101 -11.33 -13.05 16.93
N PHE A 102 -12.60 -13.39 17.14
CA PHE A 102 -13.71 -12.51 16.77
C PHE A 102 -14.60 -12.25 17.97
N PHE A 103 -15.39 -11.18 17.85
CA PHE A 103 -16.29 -10.80 18.93
C PHE A 103 -17.33 -11.88 19.15
N SER A 104 -17.57 -12.23 20.41
CA SER A 104 -18.45 -13.35 20.72
C SER A 104 -19.91 -12.93 20.69
N GLU A 105 -20.78 -13.91 20.46
CA GLU A 105 -22.22 -13.63 20.36
C GLU A 105 -22.84 -13.41 21.73
N LYS A 106 -22.37 -14.13 22.75
CA LYS A 106 -22.82 -13.89 24.11
C LYS A 106 -22.64 -12.42 24.49
N THR A 107 -21.47 -11.87 24.18
CA THR A 107 -21.18 -10.51 24.60
C THR A 107 -22.01 -9.51 23.81
N LYS A 108 -22.23 -9.75 22.52
CA LYS A 108 -23.04 -8.81 21.75
C LYS A 108 -24.48 -8.82 22.22
N GLU A 109 -24.99 -10.00 22.60
CA GLU A 109 -26.30 -10.07 23.22
C GLU A 109 -26.35 -9.25 24.50
N HIS A 110 -25.38 -9.46 25.38
CA HIS A 110 -25.38 -8.74 26.65
C HIS A 110 -25.33 -7.23 26.43
N PHE A 111 -24.47 -6.78 25.52
CA PHE A 111 -24.30 -5.34 25.34
C PHE A 111 -25.52 -4.72 24.71
N ALA A 112 -26.16 -5.40 23.75
CA ALA A 112 -27.38 -4.88 23.18
C ALA A 112 -28.50 -4.83 24.21
N GLN A 113 -28.55 -5.82 25.11
CA GLN A 113 -29.60 -5.81 26.13
C GLN A 113 -29.42 -4.66 27.11
N ASN A 114 -28.21 -4.49 27.65
CA ASN A 114 -27.97 -3.44 28.62
C ASN A 114 -27.59 -2.11 27.99
N ASP A 115 -27.54 -2.02 26.67
CA ASP A 115 -27.26 -0.79 25.92
C ASP A 115 -25.89 -0.24 26.38
N ILE A 116 -24.86 -0.98 25.99
CA ILE A 116 -23.47 -0.60 26.26
C ILE A 116 -22.77 -0.45 24.93
N ALA A 117 -22.25 0.74 24.66
CA ALA A 117 -21.51 0.97 23.44
C ALA A 117 -20.21 0.16 23.44
N TYR A 118 -19.82 -0.29 22.26
CA TYR A 118 -18.69 -1.19 22.11
C TYR A 118 -17.34 -0.51 22.19
N THR A 119 -17.28 0.82 22.13
CA THR A 119 -16.00 1.50 21.98
C THR A 119 -15.95 2.76 22.83
N GLU A 120 -14.83 2.94 23.50
CA GLU A 120 -14.55 4.12 24.32
C GLU A 120 -13.65 5.05 23.53
N THR A 121 -13.75 6.34 23.80
CA THR A 121 -12.86 7.36 23.24
C THR A 121 -12.23 8.12 24.40
N LYS A 122 -11.07 7.66 24.84
CA LYS A 122 -10.36 8.32 25.92
C LYS A 122 -9.66 9.56 25.40
N PHE A 123 -9.78 10.67 26.14
CA PHE A 123 -9.14 11.93 25.79
C PHE A 123 -7.87 12.08 26.62
N GLU A 124 -6.79 12.48 25.98
CA GLU A 124 -5.49 12.50 26.63
C GLU A 124 -4.78 13.80 26.33
N ASN A 125 -3.76 14.09 27.12
CA ASN A 125 -3.09 15.39 27.10
C ASN A 125 -1.59 15.21 27.29
N THR A 126 -0.82 16.13 26.72
CA THR A 126 0.62 16.16 27.00
C THR A 126 1.07 17.56 27.39
N ILE A 127 1.92 17.61 28.40
CA ILE A 127 2.51 18.83 28.95
C ILE A 127 3.99 18.85 28.59
N ASN A 128 4.40 19.78 27.72
CA ASN A 128 5.79 19.89 27.35
C ASN A 128 6.56 20.72 28.35
N ARG A 129 7.89 20.59 28.31
CA ARG A 129 8.74 21.30 29.24
C ARG A 129 9.07 22.69 28.70
N LEU A 130 9.50 23.59 29.62
CA LEU A 130 9.90 24.99 29.28
C LEU A 130 8.68 25.87 28.98
N THR A 131 7.58 25.31 28.49
CA THR A 131 6.43 26.12 28.09
C THR A 131 5.11 25.70 28.71
N ALA A 132 4.97 24.47 29.19
CA ALA A 132 3.78 23.99 29.89
C ALA A 132 2.49 24.20 29.11
N VAL A 133 2.56 24.37 27.79
CA VAL A 133 1.37 24.44 26.96
C VAL A 133 0.99 23.03 26.57
N ALA A 134 -0.28 22.66 26.81
CA ALA A 134 -0.74 21.30 26.66
C ALA A 134 -1.36 21.07 25.30
N ASN A 135 -1.16 19.87 24.75
CA ASN A 135 -1.84 19.52 23.52
C ASN A 135 -2.61 18.21 23.70
N PRO A 136 -3.87 18.17 23.27
CA PRO A 136 -4.72 17.00 23.53
C PRO A 136 -4.82 16.04 22.35
N ARG A 137 -5.48 14.91 22.56
CA ARG A 137 -5.60 13.87 21.55
C ARG A 137 -6.70 12.90 21.97
N GLN A 138 -7.10 12.06 21.03
CA GLN A 138 -8.19 11.11 21.22
C GLN A 138 -7.71 9.71 20.86
N ILE A 139 -8.06 8.72 21.69
CA ILE A 139 -7.69 7.33 21.43
C ILE A 139 -8.92 6.44 21.62
N GLU A 140 -9.25 5.65 20.60
CA GLU A 140 -10.34 4.70 20.69
C GLU A 140 -9.85 3.39 21.27
N ARG A 141 -10.74 2.68 21.94
CA ARG A 141 -10.33 1.50 22.68
C ARG A 141 -11.52 0.61 22.98
N VAL A 142 -11.29 -0.70 22.96
CA VAL A 142 -12.34 -1.67 23.25
C VAL A 142 -12.72 -1.62 24.72
N THR A 143 -14.00 -1.88 25.00
CA THR A 143 -14.50 -1.85 26.37
C THR A 143 -14.05 -3.09 27.13
N ARG A 144 -13.98 -2.95 28.45
CA ARG A 144 -13.61 -4.07 29.28
C ARG A 144 -14.84 -4.91 29.57
N GLY A 145 -14.61 -6.21 29.77
CA GLY A 145 -15.69 -7.17 29.86
C GLY A 145 -16.03 -7.80 28.54
N SER A 146 -15.46 -7.31 27.44
CA SER A 146 -15.63 -7.94 26.15
C SER A 146 -14.96 -9.31 26.15
N GLU A 147 -15.34 -10.13 25.18
CA GLU A 147 -14.77 -11.44 25.00
C GLU A 147 -14.47 -11.67 23.53
N PHE A 148 -13.51 -12.56 23.28
CA PHE A 148 -13.19 -13.00 21.95
C PHE A 148 -12.96 -14.50 21.98
N ASP A 149 -13.15 -15.15 20.84
CA ASP A 149 -13.03 -16.60 20.75
C ASP A 149 -11.81 -16.96 19.90
N PHE A 150 -10.88 -17.73 20.48
CA PHE A 150 -9.62 -18.01 19.82
C PHE A 150 -9.44 -19.51 19.58
N VAL A 151 -8.74 -19.83 18.48
CA VAL A 151 -8.48 -21.18 18.04
C VAL A 151 -7.04 -21.32 17.57
N PHE A 152 -6.37 -22.40 18.00
CA PHE A 152 -5.00 -22.74 17.65
C PHE A 152 -5.00 -24.16 17.08
N ILE A 153 -4.12 -24.42 16.11
CA ILE A 153 -3.94 -25.77 15.58
C ILE A 153 -2.46 -26.13 15.68
N TYR A 154 -2.16 -27.34 16.14
CA TYR A 154 -0.78 -27.76 16.28
C TYR A 154 -0.59 -29.11 15.59
N ASN A 155 0.49 -29.23 14.82
CA ASN A 155 0.75 -30.39 13.99
C ASN A 155 1.77 -31.32 14.63
N VAL A 156 1.46 -32.61 14.66
CA VAL A 156 2.38 -33.60 15.22
C VAL A 156 3.25 -34.08 14.06
N ASP A 157 4.31 -33.33 13.79
CA ASP A 157 5.32 -33.77 12.84
C ASP A 157 6.26 -34.81 13.44
N GLU A 158 6.33 -34.90 14.76
CA GLU A 158 7.17 -35.87 15.43
C GLU A 158 6.51 -36.19 16.77
N GLU A 159 6.58 -37.46 17.17
CA GLU A 159 5.83 -37.90 18.34
C GLU A 159 6.50 -37.45 19.64
N SER A 160 7.83 -37.46 19.69
CA SER A 160 8.54 -37.32 20.96
C SER A 160 8.76 -35.87 21.38
N GLN A 161 8.31 -34.89 20.61
CA GLN A 161 8.51 -33.49 20.95
C GLN A 161 7.25 -32.81 21.47
N VAL A 162 6.13 -33.53 21.57
CA VAL A 162 4.85 -32.89 21.87
C VAL A 162 4.85 -32.31 23.28
N GLU A 163 5.33 -33.08 24.25
CA GLU A 163 5.27 -32.62 25.63
C GLU A 163 6.10 -31.37 25.85
N ASP A 164 7.31 -31.35 25.27
CA ASP A 164 8.16 -30.17 25.38
C ASP A 164 7.54 -28.97 24.68
N ASP A 165 6.97 -29.18 23.49
CA ASP A 165 6.36 -28.06 22.78
C ASP A 165 5.22 -27.44 23.57
N PHE A 166 4.36 -28.27 24.16
CA PHE A 166 3.28 -27.71 24.98
C PHE A 166 3.78 -27.07 26.26
N GLU A 167 4.87 -27.58 26.86
CA GLU A 167 5.44 -26.85 27.98
C GLU A 167 5.87 -25.45 27.56
N ASN A 168 6.49 -25.33 26.40
CA ASN A 168 6.93 -24.01 25.95
C ASN A 168 5.75 -23.10 25.65
N ILE A 169 4.67 -23.65 25.08
CA ILE A 169 3.50 -22.83 24.83
C ILE A 169 2.88 -22.34 26.14
N GLU A 170 2.92 -23.18 27.17
CA GLU A 170 2.44 -22.75 28.49
C GLU A 170 3.27 -21.60 29.02
N LYS A 171 4.59 -21.66 28.85
CA LYS A 171 5.43 -20.54 29.26
C LYS A 171 5.06 -19.27 28.51
N ALA A 172 4.83 -19.38 27.20
CA ALA A 172 4.44 -18.21 26.43
C ALA A 172 3.12 -17.63 26.91
N ILE A 173 2.15 -18.49 27.25
CA ILE A 173 0.86 -18.01 27.77
C ILE A 173 1.05 -17.25 29.08
N HIS A 174 1.83 -17.83 29.99
CA HIS A 174 2.09 -17.14 31.27
C HIS A 174 2.69 -15.77 31.04
N LEU A 175 3.75 -15.72 30.22
CA LEU A 175 4.42 -14.45 29.95
C LEU A 175 3.48 -13.44 29.32
N LEU A 176 2.66 -13.87 28.35
CA LEU A 176 1.77 -12.91 27.71
C LEU A 176 0.69 -12.43 28.66
N GLU A 177 0.24 -13.29 29.58
CA GLU A 177 -0.79 -12.88 30.51
C GLU A 177 -0.24 -11.92 31.56
N ASN A 178 1.07 -11.88 31.75
CA ASN A 178 1.69 -10.81 32.55
C ASN A 178 2.37 -9.75 31.67
N ASP A 179 1.75 -9.38 30.56
CA ASP A 179 2.31 -8.42 29.60
C ASP A 179 1.14 -7.69 28.96
N TYR A 180 1.35 -7.10 27.79
CA TYR A 180 0.26 -6.43 27.09
C TYR A 180 0.22 -6.80 25.62
N LEU A 181 -0.98 -6.70 25.05
CA LEU A 181 -1.21 -6.76 23.62
C LEU A 181 -1.60 -5.39 23.12
N GLY A 182 -1.20 -5.07 21.90
CA GLY A 182 -1.47 -3.75 21.38
C GLY A 182 -0.46 -2.74 21.89
N GLY A 183 -0.82 -1.47 21.76
CA GLY A 183 0.06 -0.38 22.13
C GLY A 183 -0.40 0.37 23.35
N GLY A 184 0.48 1.26 23.81
CA GLY A 184 0.25 1.96 25.05
C GLY A 184 0.21 1.04 26.25
N GLY A 185 1.02 -0.02 26.23
CA GLY A 185 0.98 -0.98 27.31
C GLY A 185 1.59 -0.47 28.59
N THR A 186 2.64 0.33 28.49
CA THR A 186 3.26 0.91 29.66
C THR A 186 2.41 2.02 30.28
N ARG A 187 1.53 2.63 29.50
CA ARG A 187 0.66 3.69 29.97
C ARG A 187 -0.70 3.19 30.42
N GLY A 188 -0.92 1.88 30.39
CA GLY A 188 -2.13 1.31 30.94
C GLY A 188 -2.86 0.32 30.07
N ASN A 189 -2.92 0.58 28.76
CA ASN A 189 -3.82 -0.13 27.89
C ASN A 189 -3.45 -1.61 27.77
N GLY A 190 -4.43 -2.40 27.36
CA GLY A 190 -4.17 -3.71 26.80
C GLY A 190 -3.78 -4.81 27.74
N ARG A 191 -4.66 -5.24 28.62
CA ARG A 191 -4.37 -6.41 29.43
C ARG A 191 -5.46 -7.46 29.23
N ILE A 192 -5.06 -8.73 29.21
CA ILE A 192 -5.92 -9.82 28.79
C ILE A 192 -5.83 -10.97 29.77
N GLN A 193 -6.81 -11.87 29.71
CA GLN A 193 -6.71 -13.19 30.32
C GLN A 193 -7.31 -14.23 29.38
N PHE A 194 -6.92 -15.47 29.59
CA PHE A 194 -7.47 -16.61 28.85
C PHE A 194 -8.30 -17.45 29.79
N LYS A 195 -9.43 -17.97 29.30
CA LYS A 195 -10.23 -18.84 30.15
C LYS A 195 -11.01 -19.83 29.30
N ASP A 196 -11.52 -20.85 29.97
CA ASP A 196 -12.40 -21.86 29.38
C ASP A 196 -11.75 -22.52 28.17
N THR A 197 -10.59 -23.14 28.39
CA THR A 197 -9.85 -23.77 27.32
C THR A 197 -10.35 -25.19 27.07
N ASN A 198 -9.79 -25.81 26.04
CA ASN A 198 -10.20 -27.16 25.65
C ASN A 198 -9.18 -27.70 24.66
N ILE A 199 -8.78 -28.96 24.85
CA ILE A 199 -7.82 -29.63 23.98
C ILE A 199 -8.51 -30.84 23.36
N GLU A 200 -8.34 -31.02 22.06
CA GLU A 200 -8.92 -32.17 21.36
C GLU A 200 -8.07 -32.53 20.15
N THR A 201 -7.94 -33.83 19.90
CA THR A 201 -7.24 -34.34 18.72
C THR A 201 -8.24 -34.34 17.58
N VAL A 202 -8.20 -33.30 16.75
CA VAL A 202 -9.24 -33.18 15.76
C VAL A 202 -8.98 -34.08 14.56
N VAL A 203 -7.72 -34.36 14.24
CA VAL A 203 -7.41 -35.30 13.16
C VAL A 203 -6.30 -36.22 13.62
N GLY A 204 -6.41 -37.50 13.31
CA GLY A 204 -5.35 -38.44 13.57
C GLY A 204 -5.68 -39.36 14.73
N GLU A 205 -4.64 -40.04 15.21
CA GLU A 205 -4.75 -41.02 16.28
C GLU A 205 -3.71 -40.77 17.37
N TYR A 206 -3.56 -39.52 17.79
CA TYR A 206 -2.70 -39.15 18.90
C TYR A 206 -3.55 -38.63 20.05
N ASP A 207 -3.55 -39.35 21.17
CA ASP A 207 -4.34 -38.93 22.31
C ASP A 207 -3.75 -37.68 22.96
N SER A 208 -4.62 -36.83 23.48
CA SER A 208 -4.24 -35.54 24.02
C SER A 208 -4.99 -35.27 25.31
N THR A 209 -5.10 -36.28 26.17
CA THR A 209 -5.86 -36.14 27.40
C THR A 209 -5.03 -35.60 28.55
N ASN A 210 -3.73 -35.88 28.56
CA ASN A 210 -2.85 -35.43 29.62
C ASN A 210 -2.34 -34.01 29.39
N LEU A 211 -2.70 -33.39 28.28
CA LEU A 211 -2.18 -32.10 27.88
C LEU A 211 -3.01 -30.98 28.48
N LYS A 212 -2.37 -29.85 28.74
CA LYS A 212 -3.07 -28.72 29.34
C LYS A 212 -2.29 -27.45 29.10
N ILE A 213 -3.02 -26.38 28.81
CA ILE A 213 -2.49 -25.03 28.72
C ILE A 213 -3.32 -24.15 29.64
N LYS A 214 -2.68 -23.61 30.68
CA LYS A 214 -3.41 -22.86 31.70
C LYS A 214 -3.72 -21.44 31.26
N TYR B 2 -19.70 -47.30 -18.58
CA TYR B 2 -18.77 -46.25 -18.20
C TYR B 2 -19.55 -45.05 -17.68
N SER B 3 -19.22 -44.60 -16.48
CA SER B 3 -20.02 -43.58 -15.81
C SER B 3 -19.15 -42.42 -15.34
N LYS B 4 -19.75 -41.24 -15.33
CA LYS B 4 -19.15 -40.03 -14.79
C LYS B 4 -20.05 -39.51 -13.67
N ILE B 5 -19.42 -39.12 -12.56
CA ILE B 5 -20.10 -38.68 -11.34
C ILE B 5 -19.67 -37.25 -11.02
N LYS B 6 -20.63 -36.44 -10.57
CA LYS B 6 -20.43 -35.02 -10.29
C LYS B 6 -20.71 -34.74 -8.82
N ILE B 7 -19.76 -34.12 -8.13
CA ILE B 7 -19.91 -33.74 -6.73
C ILE B 7 -19.94 -32.22 -6.65
N SER B 8 -21.07 -31.66 -6.23
CA SER B 8 -21.28 -30.22 -6.25
C SER B 8 -21.53 -29.71 -4.84
N GLY B 9 -21.19 -28.44 -4.62
CA GLY B 9 -21.38 -27.87 -3.31
C GLY B 9 -20.91 -26.44 -3.24
N THR B 10 -20.79 -25.93 -2.01
CA THR B 10 -20.32 -24.58 -1.77
C THR B 10 -19.24 -24.59 -0.70
N ILE B 11 -18.35 -23.61 -0.79
CA ILE B 11 -17.30 -23.38 0.20
C ILE B 11 -17.45 -21.98 0.75
N GLU B 12 -17.41 -21.88 2.07
CA GLU B 12 -17.57 -20.61 2.77
C GLU B 12 -16.25 -20.18 3.38
N VAL B 13 -15.99 -18.88 3.35
CA VAL B 13 -14.76 -18.32 3.89
C VAL B 13 -14.98 -17.93 5.35
N VAL B 14 -14.23 -18.55 6.25
CA VAL B 14 -14.38 -18.31 7.68
C VAL B 14 -13.51 -17.17 8.17
N THR B 15 -12.22 -17.20 7.86
CA THR B 15 -11.35 -16.06 8.06
C THR B 15 -10.81 -15.65 6.70
N GLY B 16 -10.36 -14.42 6.61
CA GLY B 16 -9.93 -13.85 5.34
C GLY B 16 -9.05 -14.76 4.51
N LEU B 17 -9.21 -14.71 3.20
CA LEU B 17 -8.52 -15.59 2.27
C LEU B 17 -7.55 -14.78 1.43
N HIS B 18 -6.43 -15.38 1.08
CA HIS B 18 -5.42 -14.70 0.28
C HIS B 18 -4.70 -15.70 -0.61
N ILE B 19 -5.05 -15.72 -1.90
CA ILE B 19 -4.37 -16.56 -2.86
C ILE B 19 -3.24 -15.81 -3.54
N GLY B 20 -3.51 -14.61 -4.04
CA GLY B 20 -2.46 -13.70 -4.43
C GLY B 20 -1.51 -14.17 -5.49
N GLY B 21 -2.02 -14.68 -6.60
CA GLY B 21 -1.15 -15.06 -7.69
C GLY B 21 -0.42 -13.89 -8.30
N GLY B 22 -1.08 -12.72 -8.35
CA GLY B 22 -0.44 -11.56 -8.94
C GLY B 22 0.76 -11.08 -8.15
N GLY B 23 0.66 -11.09 -6.82
CA GLY B 23 1.74 -10.65 -5.96
C GLY B 23 2.90 -11.63 -5.91
N ASP B 32 2.47 -8.99 -1.62
CA ASP B 32 1.70 -10.09 -2.26
C ASP B 32 0.23 -9.67 -2.35
N SER B 33 -0.10 -8.45 -1.92
CA SER B 33 -1.53 -8.01 -1.86
C SER B 33 -2.39 -8.45 -3.04
N PRO B 34 -2.12 -8.08 -4.33
CA PRO B 34 -3.02 -8.43 -5.45
C PRO B 34 -3.59 -9.85 -5.44
N VAL B 35 -4.88 -10.01 -5.11
CA VAL B 35 -5.50 -11.32 -5.09
C VAL B 35 -5.95 -11.68 -6.50
N VAL B 36 -5.89 -12.97 -6.83
CA VAL B 36 -6.31 -13.42 -8.15
C VAL B 36 -7.79 -13.12 -8.37
N ARG B 37 -8.09 -12.62 -9.56
CA ARG B 37 -9.46 -12.30 -9.96
C ARG B 37 -9.63 -12.71 -11.40
N ASP B 38 -10.77 -12.32 -11.97
CA ASP B 38 -10.87 -12.21 -13.42
C ASP B 38 -10.50 -10.80 -13.84
N LEU B 39 -9.91 -10.67 -15.02
CA LEU B 39 -9.46 -9.36 -15.48
C LEU B 39 -10.58 -8.50 -16.03
N GLN B 40 -11.78 -9.04 -16.16
CA GLN B 40 -12.94 -8.27 -16.62
C GLN B 40 -13.93 -7.97 -15.51
N THR B 41 -14.46 -9.00 -14.86
CA THR B 41 -15.47 -8.82 -13.82
C THR B 41 -14.89 -8.51 -12.45
N LYS B 42 -13.57 -8.65 -12.29
CA LYS B 42 -12.88 -8.25 -11.06
C LYS B 42 -13.49 -8.92 -9.84
N LEU B 43 -13.85 -10.20 -9.96
CA LEU B 43 -14.39 -10.94 -8.84
C LEU B 43 -13.43 -12.02 -8.41
N PRO B 44 -13.16 -12.15 -7.12
CA PRO B 44 -12.18 -13.16 -6.65
C PRO B 44 -12.63 -14.57 -6.97
N ILE B 45 -11.65 -15.43 -7.23
CA ILE B 45 -11.90 -16.84 -7.51
C ILE B 45 -10.79 -17.65 -6.87
N ILE B 46 -11.06 -18.95 -6.71
CA ILE B 46 -10.09 -19.91 -6.19
C ILE B 46 -9.69 -20.83 -7.34
N PRO B 47 -8.47 -20.74 -7.85
CA PRO B 47 -8.05 -21.63 -8.93
C PRO B 47 -8.02 -23.08 -8.49
N GLY B 48 -8.31 -23.98 -9.43
CA GLY B 48 -8.36 -25.40 -9.11
C GLY B 48 -7.01 -26.02 -8.88
N SER B 49 -5.95 -25.43 -9.42
CA SER B 49 -4.61 -25.91 -9.12
C SER B 49 -4.29 -25.73 -7.65
N SER B 50 -4.75 -24.64 -7.06
CA SER B 50 -4.54 -24.42 -5.63
C SER B 50 -5.13 -25.56 -4.81
N ILE B 51 -6.40 -25.86 -5.04
CA ILE B 51 -7.05 -26.93 -4.29
C ILE B 51 -6.38 -28.27 -4.57
N LYS B 52 -6.06 -28.53 -5.83
CA LYS B 52 -5.46 -29.81 -6.17
C LYS B 52 -4.13 -30.00 -5.46
N GLY B 53 -3.29 -28.96 -5.47
CA GLY B 53 -2.00 -29.07 -4.82
C GLY B 53 -2.10 -29.20 -3.32
N LYS B 54 -2.97 -28.41 -2.69
CA LYS B 54 -3.09 -28.50 -1.24
C LYS B 54 -3.62 -29.87 -0.82
N MET B 55 -4.61 -30.39 -1.53
CA MET B 55 -5.14 -31.71 -1.21
C MET B 55 -4.08 -32.79 -1.44
N ARG B 56 -3.31 -32.67 -2.52
CA ARG B 56 -2.25 -33.63 -2.76
C ARG B 56 -1.24 -33.64 -1.62
N ASN B 57 -0.80 -32.46 -1.19
CA ASN B 57 0.17 -32.37 -0.12
C ASN B 57 -0.37 -32.98 1.17
N LEU B 58 -1.60 -32.63 1.54
CA LEU B 58 -2.15 -33.15 2.78
C LEU B 58 -2.28 -34.67 2.74
N LEU B 59 -2.86 -35.19 1.66
CA LEU B 59 -3.11 -36.62 1.59
C LEU B 59 -1.82 -37.41 1.52
N ALA B 60 -0.81 -36.88 0.82
CA ALA B 60 0.50 -37.52 0.83
C ALA B 60 1.10 -37.54 2.22
N LYS B 61 0.99 -36.43 2.95
CA LYS B 61 1.48 -36.41 4.33
C LYS B 61 0.76 -37.44 5.19
N HIS B 62 -0.52 -37.69 4.91
CA HIS B 62 -1.25 -38.70 5.66
C HIS B 62 -0.62 -40.08 5.50
N PHE B 63 -0.24 -40.43 4.28
CA PHE B 63 0.34 -41.73 4.00
C PHE B 63 1.83 -41.74 4.31
N ASP B 76 2.46 -42.88 -3.03
CA ASP B 76 1.81 -44.18 -2.97
C ASP B 76 0.86 -44.33 -4.16
N GLU B 77 0.35 -45.55 -4.33
CA GLU B 77 -0.46 -45.84 -5.50
C GLU B 77 -1.80 -45.12 -5.47
N ARG B 78 -2.28 -44.73 -4.28
CA ARG B 78 -3.56 -44.03 -4.19
C ARG B 78 -3.48 -42.63 -4.78
N VAL B 79 -2.47 -41.86 -4.37
CA VAL B 79 -2.29 -40.53 -4.92
C VAL B 79 -2.01 -40.62 -6.41
N LEU B 80 -1.29 -41.66 -6.83
CA LEU B 80 -0.97 -41.82 -8.24
C LEU B 80 -2.19 -42.22 -9.06
N ARG B 81 -3.12 -43.02 -8.52
CA ARG B 81 -4.30 -43.37 -9.30
C ARG B 81 -5.31 -42.24 -9.34
N LEU B 82 -5.31 -41.37 -8.33
CA LEU B 82 -6.36 -40.36 -8.26
C LEU B 82 -5.92 -39.01 -8.79
N PHE B 83 -4.65 -38.62 -8.63
CA PHE B 83 -4.13 -37.39 -9.22
C PHE B 83 -3.25 -37.63 -10.41
N GLY B 84 -2.67 -38.83 -10.54
CA GLY B 84 -1.96 -39.20 -11.74
C GLY B 84 -0.53 -38.72 -11.78
N SER B 85 0.40 -39.60 -12.16
CA SER B 85 1.80 -39.22 -12.27
C SER B 85 2.24 -39.20 -13.74
N SER B 86 2.18 -40.34 -14.42
CA SER B 86 2.31 -40.42 -15.87
C SER B 86 3.69 -39.99 -16.39
N GLU B 87 4.72 -39.89 -15.54
CA GLU B 87 6.09 -39.86 -16.05
C GLU B 87 7.11 -40.65 -15.26
N LYS B 88 6.74 -41.36 -14.20
CA LYS B 88 7.72 -42.00 -13.34
C LYS B 88 8.22 -43.34 -13.89
N GLY B 89 8.10 -43.60 -15.18
CA GLY B 89 8.31 -44.92 -15.74
C GLY B 89 7.05 -45.75 -15.84
N ASN B 90 6.01 -45.38 -15.10
CA ASN B 90 4.66 -45.89 -15.29
C ASN B 90 3.71 -44.71 -15.53
N ILE B 91 2.68 -44.94 -16.33
CA ILE B 91 1.82 -43.87 -16.83
C ILE B 91 0.43 -44.08 -16.23
N GLN B 92 -0.02 -43.17 -15.38
CA GLN B 92 -1.34 -43.26 -14.77
C GLN B 92 -2.12 -41.99 -15.12
N ARG B 93 -3.36 -42.16 -15.55
CA ARG B 93 -4.16 -41.03 -16.00
C ARG B 93 -5.04 -40.52 -14.88
N ALA B 94 -5.22 -39.20 -14.83
CA ALA B 94 -5.96 -38.58 -13.75
C ALA B 94 -7.40 -39.07 -13.71
N ARG B 95 -7.87 -39.32 -12.50
CA ARG B 95 -9.19 -39.86 -12.27
C ARG B 95 -10.12 -38.90 -11.56
N LEU B 96 -9.63 -37.73 -11.15
CA LEU B 96 -10.47 -36.72 -10.52
C LEU B 96 -10.15 -35.39 -11.14
N GLN B 97 -11.17 -34.66 -11.57
CA GLN B 97 -11.01 -33.37 -12.19
C GLN B 97 -11.62 -32.31 -11.30
N ILE B 98 -10.82 -31.31 -10.93
CA ILE B 98 -11.21 -30.23 -10.03
C ILE B 98 -11.30 -28.95 -10.85
N SER B 99 -12.42 -28.25 -10.73
CA SER B 99 -12.69 -27.05 -11.49
C SER B 99 -12.52 -25.82 -10.62
N ASP B 100 -12.48 -24.66 -11.28
CA ASP B 100 -12.38 -23.39 -10.59
C ASP B 100 -13.68 -23.10 -9.83
N ALA B 101 -13.60 -22.15 -8.92
CA ALA B 101 -14.72 -21.77 -8.08
C ALA B 101 -15.07 -20.30 -8.31
N PHE B 102 -16.35 -19.97 -8.13
CA PHE B 102 -16.84 -18.64 -8.45
C PHE B 102 -17.76 -18.12 -7.37
N PHE B 103 -17.87 -16.78 -7.30
CA PHE B 103 -18.80 -16.14 -6.39
C PHE B 103 -20.23 -16.56 -6.71
N SER B 104 -21.04 -16.73 -5.67
CA SER B 104 -22.40 -17.19 -5.83
C SER B 104 -23.38 -16.01 -5.89
N GLU B 105 -24.57 -16.28 -6.45
CA GLU B 105 -25.57 -15.23 -6.62
C GLU B 105 -26.13 -14.75 -5.29
N LYS B 106 -26.36 -15.67 -4.35
CA LYS B 106 -26.89 -15.29 -3.04
C LYS B 106 -25.98 -14.28 -2.37
N THR B 107 -24.68 -14.53 -2.39
CA THR B 107 -23.75 -13.64 -1.71
C THR B 107 -23.68 -12.29 -2.39
N LYS B 108 -23.73 -12.26 -3.73
CA LYS B 108 -23.69 -10.97 -4.41
C LYS B 108 -24.92 -10.14 -4.05
N GLU B 109 -26.10 -10.77 -4.05
CA GLU B 109 -27.30 -10.02 -3.72
C GLU B 109 -27.24 -9.49 -2.29
N HIS B 110 -26.86 -10.34 -1.34
CA HIS B 110 -26.89 -9.91 0.05
C HIS B 110 -25.89 -8.79 0.29
N PHE B 111 -24.68 -8.91 -0.27
CA PHE B 111 -23.68 -7.87 -0.08
C PHE B 111 -24.10 -6.57 -0.76
N ALA B 112 -24.72 -6.65 -1.94
CA ALA B 112 -25.16 -5.44 -2.61
C ALA B 112 -26.23 -4.72 -1.79
N GLN B 113 -27.14 -5.48 -1.17
CA GLN B 113 -28.15 -4.83 -0.33
C GLN B 113 -27.53 -4.20 0.91
N ASN B 114 -26.69 -4.95 1.63
CA ASN B 114 -26.12 -4.42 2.87
C ASN B 114 -25.01 -3.40 2.63
N ASP B 115 -24.59 -3.19 1.38
CA ASP B 115 -23.52 -2.25 1.04
C ASP B 115 -22.20 -2.61 1.72
N ILE B 116 -21.67 -3.76 1.32
CA ILE B 116 -20.36 -4.23 1.77
C ILE B 116 -19.46 -4.40 0.57
N ALA B 117 -18.19 -4.03 0.73
CA ALA B 117 -17.21 -4.31 -0.31
C ALA B 117 -16.90 -5.80 -0.36
N TYR B 118 -16.29 -6.23 -1.46
CA TYR B 118 -15.95 -7.63 -1.62
C TYR B 118 -14.59 -7.98 -1.03
N THR B 119 -13.70 -7.00 -0.84
CA THR B 119 -12.34 -7.28 -0.42
C THR B 119 -11.89 -6.29 0.65
N GLU B 120 -11.09 -6.77 1.58
CA GLU B 120 -10.53 -6.00 2.67
C GLU B 120 -9.07 -5.68 2.40
N THR B 121 -8.55 -4.67 3.10
CA THR B 121 -7.12 -4.36 3.10
C THR B 121 -6.64 -4.35 4.56
N LYS B 122 -5.61 -5.13 4.84
CA LYS B 122 -5.09 -5.25 6.19
C LYS B 122 -3.72 -4.59 6.29
N PHE B 123 -3.51 -3.81 7.35
CA PHE B 123 -2.25 -3.12 7.60
C PHE B 123 -1.47 -3.87 8.66
N GLU B 124 -0.20 -4.14 8.40
CA GLU B 124 0.65 -4.86 9.35
C GLU B 124 1.99 -4.13 9.49
N ASN B 125 2.83 -4.66 10.36
CA ASN B 125 4.05 -3.98 10.80
C ASN B 125 5.11 -5.01 11.13
N THR B 126 6.37 -4.59 11.03
CA THR B 126 7.48 -5.45 11.38
C THR B 126 8.46 -4.68 12.26
N ILE B 127 9.09 -5.39 13.18
CA ILE B 127 9.92 -4.82 14.22
C ILE B 127 11.33 -5.34 14.05
N ASN B 128 12.31 -4.43 14.11
CA ASN B 128 13.70 -4.82 14.04
C ASN B 128 14.21 -5.18 15.43
N ARG B 129 14.84 -6.35 15.52
CA ARG B 129 15.62 -6.69 16.70
C ARG B 129 16.81 -5.75 16.77
N LEU B 130 17.23 -5.39 17.98
CA LEU B 130 18.44 -4.60 18.21
C LEU B 130 18.28 -3.14 17.78
N THR B 131 17.17 -2.80 17.15
CA THR B 131 16.96 -1.46 16.65
C THR B 131 15.59 -0.90 16.97
N ALA B 132 14.62 -1.75 17.28
CA ALA B 132 13.27 -1.37 17.70
C ALA B 132 12.61 -0.36 16.76
N VAL B 133 12.99 -0.34 15.50
CA VAL B 133 12.32 0.49 14.51
C VAL B 133 11.38 -0.40 13.72
N ALA B 134 10.20 0.12 13.40
CA ALA B 134 9.14 -0.65 12.76
C ALA B 134 8.86 -0.11 11.37
N ASN B 135 8.47 -1.00 10.46
CA ASN B 135 8.13 -0.64 9.09
C ASN B 135 6.90 -1.39 8.63
N PRO B 136 6.09 -0.80 7.77
CA PRO B 136 4.75 -1.31 7.51
C PRO B 136 4.63 -2.28 6.34
N ARG B 137 3.42 -2.84 6.20
CA ARG B 137 3.03 -3.73 5.12
C ARG B 137 1.53 -3.62 4.88
N GLN B 138 1.10 -4.01 3.68
CA GLN B 138 -0.31 -4.17 3.38
C GLN B 138 -0.56 -5.54 2.76
N ILE B 139 -1.67 -6.16 3.14
CA ILE B 139 -2.09 -7.43 2.58
C ILE B 139 -3.57 -7.34 2.23
N GLU B 140 -3.89 -7.57 0.97
CA GLU B 140 -5.26 -7.54 0.50
C GLU B 140 -5.88 -8.91 0.68
N ARG B 141 -7.16 -8.96 1.05
CA ARG B 141 -7.70 -10.19 1.60
C ARG B 141 -9.20 -10.29 1.40
N VAL B 142 -9.66 -11.42 0.88
CA VAL B 142 -11.08 -11.61 0.58
C VAL B 142 -11.90 -11.62 1.87
N THR B 143 -13.07 -11.00 1.81
CA THR B 143 -13.87 -10.70 2.98
C THR B 143 -14.44 -11.95 3.62
N ARG B 144 -14.77 -11.82 4.90
CA ARG B 144 -15.37 -12.89 5.68
C ARG B 144 -16.82 -13.08 5.27
N GLY B 145 -17.27 -14.34 5.28
CA GLY B 145 -18.65 -14.67 5.05
C GLY B 145 -19.05 -14.93 3.62
N SER B 146 -18.16 -14.66 2.66
CA SER B 146 -18.48 -14.89 1.26
C SER B 146 -18.66 -16.39 0.99
N GLU B 147 -19.16 -16.69 -0.21
CA GLU B 147 -19.44 -18.06 -0.62
C GLU B 147 -18.99 -18.30 -2.05
N PHE B 148 -18.57 -19.53 -2.33
CA PHE B 148 -18.18 -19.95 -3.67
C PHE B 148 -18.83 -21.28 -4.00
N ASP B 149 -19.09 -21.50 -5.29
CA ASP B 149 -19.70 -22.74 -5.78
C ASP B 149 -18.66 -23.58 -6.49
N PHE B 150 -18.70 -24.90 -6.28
CA PHE B 150 -17.69 -25.77 -6.84
C PHE B 150 -18.30 -27.09 -7.29
N VAL B 151 -17.66 -27.70 -8.30
CA VAL B 151 -18.01 -29.01 -8.82
C VAL B 151 -16.74 -29.81 -9.10
N PHE B 152 -16.76 -31.09 -8.75
CA PHE B 152 -15.71 -32.05 -9.07
C PHE B 152 -16.28 -33.15 -9.94
N ILE B 153 -15.44 -33.74 -10.79
CA ILE B 153 -15.85 -34.86 -11.63
C ILE B 153 -14.97 -36.06 -11.32
N TYR B 154 -15.59 -37.23 -11.28
CA TYR B 154 -14.89 -38.50 -11.09
C TYR B 154 -15.29 -39.44 -12.23
N ASN B 155 -14.30 -40.05 -12.88
CA ASN B 155 -14.51 -40.96 -13.99
C ASN B 155 -14.36 -42.39 -13.50
N VAL B 156 -15.44 -43.16 -13.56
CA VAL B 156 -15.40 -44.50 -12.98
C VAL B 156 -14.70 -45.45 -13.93
N ASP B 157 -13.39 -45.63 -13.76
CA ASP B 157 -12.65 -46.56 -14.60
C ASP B 157 -12.57 -47.96 -14.04
N GLU B 158 -12.82 -48.14 -12.75
CA GLU B 158 -12.81 -49.45 -12.13
C GLU B 158 -13.94 -49.52 -11.12
N GLU B 159 -14.83 -50.49 -11.29
CA GLU B 159 -16.02 -50.55 -10.45
C GLU B 159 -15.67 -50.89 -9.01
N SER B 160 -14.67 -51.74 -8.81
CA SER B 160 -14.39 -52.26 -7.47
C SER B 160 -13.54 -51.32 -6.63
N GLN B 161 -13.51 -50.03 -6.95
CA GLN B 161 -12.61 -49.10 -6.27
C GLN B 161 -13.27 -47.79 -5.89
N VAL B 162 -14.55 -47.59 -6.20
CA VAL B 162 -15.16 -46.29 -6.01
C VAL B 162 -15.28 -45.96 -4.52
N GLU B 163 -15.58 -46.97 -3.71
CA GLU B 163 -15.67 -46.76 -2.27
C GLU B 163 -14.32 -46.31 -1.70
N ASP B 164 -13.24 -46.96 -2.13
CA ASP B 164 -11.91 -46.57 -1.65
C ASP B 164 -11.55 -45.15 -2.08
N ASP B 165 -11.80 -44.82 -3.35
CA ASP B 165 -11.48 -43.48 -3.81
C ASP B 165 -12.29 -42.43 -3.05
N PHE B 166 -13.55 -42.74 -2.73
CA PHE B 166 -14.34 -41.74 -2.04
C PHE B 166 -14.00 -41.63 -0.56
N GLU B 167 -13.57 -42.72 0.07
CA GLU B 167 -12.99 -42.61 1.40
C GLU B 167 -11.80 -41.66 1.39
N ASN B 168 -10.90 -41.82 0.42
CA ASN B 168 -9.72 -40.97 0.38
C ASN B 168 -10.09 -39.50 0.12
N ILE B 169 -11.04 -39.26 -0.79
CA ILE B 169 -11.42 -37.87 -1.05
C ILE B 169 -12.08 -37.24 0.17
N GLU B 170 -12.85 -38.03 0.92
CA GLU B 170 -13.43 -37.52 2.17
C GLU B 170 -12.35 -37.12 3.16
N LYS B 171 -11.32 -37.96 3.30
CA LYS B 171 -10.22 -37.62 4.20
C LYS B 171 -9.54 -36.34 3.78
N ALA B 172 -9.33 -36.17 2.48
CA ALA B 172 -8.68 -34.95 2.02
C ALA B 172 -9.51 -33.71 2.35
N ILE B 173 -10.82 -33.79 2.16
CA ILE B 173 -11.64 -32.61 2.46
C ILE B 173 -11.63 -32.32 3.95
N HIS B 174 -11.66 -33.35 4.79
CA HIS B 174 -11.53 -33.15 6.23
C HIS B 174 -10.24 -32.41 6.58
N LEU B 175 -9.11 -32.91 6.08
CA LEU B 175 -7.83 -32.28 6.39
C LEU B 175 -7.80 -30.83 5.91
N LEU B 176 -8.29 -30.56 4.70
CA LEU B 176 -8.27 -29.18 4.24
C LEU B 176 -9.22 -28.30 5.03
N GLU B 177 -10.28 -28.87 5.59
CA GLU B 177 -11.16 -28.10 6.45
C GLU B 177 -10.45 -27.66 7.71
N ASN B 178 -9.60 -28.52 8.27
CA ASN B 178 -8.84 -28.18 9.47
C ASN B 178 -7.48 -27.58 9.18
N ASP B 179 -7.33 -26.87 8.07
CA ASP B 179 -6.05 -26.35 7.63
C ASP B 179 -6.36 -25.05 6.92
N TYR B 180 -5.44 -24.54 6.11
CA TYR B 180 -5.66 -23.28 5.44
C TYR B 180 -5.38 -23.39 3.96
N LEU B 181 -6.02 -22.50 3.19
CA LEU B 181 -5.72 -22.32 1.79
C LEU B 181 -5.09 -20.96 1.57
N GLY B 182 -4.15 -20.90 0.65
CA GLY B 182 -3.53 -19.65 0.29
C GLY B 182 -2.23 -19.41 1.01
N GLY B 183 -1.95 -18.13 1.23
CA GLY B 183 -0.70 -17.69 1.83
C GLY B 183 -0.91 -16.99 3.15
N GLY B 184 0.10 -17.07 4.01
CA GLY B 184 0.04 -16.46 5.32
C GLY B 184 -0.99 -17.07 6.25
N GLY B 185 -1.10 -18.39 6.25
CA GLY B 185 -2.06 -19.06 7.10
C GLY B 185 -1.57 -19.36 8.48
N THR B 186 -0.25 -19.33 8.70
CA THR B 186 0.28 -19.47 10.04
C THR B 186 -0.03 -18.25 10.89
N ARG B 187 -0.34 -17.12 10.26
CA ARG B 187 -0.68 -15.89 10.95
C ARG B 187 -2.18 -15.60 10.95
N GLY B 188 -3.00 -16.43 10.34
CA GLY B 188 -4.43 -16.30 10.53
C GLY B 188 -5.33 -16.17 9.33
N ASN B 189 -4.90 -16.62 8.16
CA ASN B 189 -5.71 -16.51 6.95
C ASN B 189 -6.06 -17.87 6.37
N GLY B 190 -7.15 -17.89 5.62
CA GLY B 190 -7.42 -18.98 4.70
C GLY B 190 -8.49 -19.97 5.11
N ARG B 191 -8.96 -19.96 6.35
CA ARG B 191 -9.78 -21.07 6.82
C ARG B 191 -11.13 -21.10 6.10
N ILE B 192 -11.55 -22.31 5.72
CA ILE B 192 -12.72 -22.50 4.87
C ILE B 192 -13.59 -23.62 5.42
N GLN B 193 -14.84 -23.65 4.97
CA GLN B 193 -15.77 -24.73 5.27
C GLN B 193 -16.49 -25.18 4.01
N PHE B 194 -17.06 -26.38 4.07
CA PHE B 194 -17.77 -26.99 2.95
C PHE B 194 -19.21 -27.28 3.33
N LYS B 195 -20.15 -26.79 2.51
CA LYS B 195 -21.57 -26.91 2.78
C LYS B 195 -22.30 -27.41 1.53
N ASP B 196 -23.50 -27.97 1.75
CA ASP B 196 -24.50 -28.17 0.71
C ASP B 196 -24.00 -29.06 -0.42
N THR B 197 -23.75 -30.32 -0.08
CA THR B 197 -23.23 -31.29 -1.04
C THR B 197 -24.34 -32.03 -1.76
N ASN B 198 -24.13 -32.25 -3.05
CA ASN B 198 -25.02 -33.09 -3.86
C ASN B 198 -24.18 -33.98 -4.75
N ILE B 199 -24.49 -35.27 -4.78
CA ILE B 199 -23.69 -36.27 -5.47
C ILE B 199 -24.59 -36.99 -6.48
N GLU B 200 -24.45 -36.64 -7.76
CA GLU B 200 -25.31 -37.15 -8.82
C GLU B 200 -24.48 -37.83 -9.90
N THR B 201 -24.99 -38.97 -10.38
CA THR B 201 -24.38 -39.69 -11.49
C THR B 201 -24.88 -39.07 -12.78
N VAL B 202 -23.96 -38.52 -13.57
CA VAL B 202 -24.33 -37.69 -14.70
C VAL B 202 -24.15 -38.37 -16.05
N VAL B 203 -23.32 -39.41 -16.13
CA VAL B 203 -23.27 -40.23 -17.34
C VAL B 203 -23.23 -41.69 -16.92
N GLY B 204 -24.10 -42.50 -17.50
CA GLY B 204 -24.10 -43.93 -17.24
C GLY B 204 -25.27 -44.34 -16.35
N GLU B 205 -25.15 -45.54 -15.79
CA GLU B 205 -26.17 -46.16 -14.97
C GLU B 205 -25.54 -46.83 -13.74
N TYR B 206 -24.72 -46.09 -13.01
CA TYR B 206 -24.13 -46.55 -11.76
C TYR B 206 -24.80 -45.84 -10.59
N ASP B 207 -25.03 -46.57 -9.51
CA ASP B 207 -25.87 -46.12 -8.40
C ASP B 207 -25.03 -45.33 -7.41
N SER B 208 -25.18 -44.00 -7.43
CA SER B 208 -24.47 -43.11 -6.53
C SER B 208 -25.43 -42.23 -5.77
N THR B 209 -26.54 -42.80 -5.31
CA THR B 209 -27.45 -42.11 -4.41
C THR B 209 -27.17 -42.41 -2.96
N ASN B 210 -26.09 -43.16 -2.67
CA ASN B 210 -25.73 -43.53 -1.31
C ASN B 210 -24.46 -42.89 -0.80
N LEU B 211 -23.67 -42.27 -1.69
CA LEU B 211 -22.40 -41.68 -1.30
C LEU B 211 -22.60 -40.43 -0.45
N LYS B 212 -21.58 -40.10 0.34
CA LYS B 212 -21.57 -38.90 1.16
C LYS B 212 -20.18 -38.29 1.14
N ILE B 213 -20.13 -36.96 1.03
CA ILE B 213 -18.91 -36.19 1.19
C ILE B 213 -19.24 -34.98 2.05
N LYS B 214 -18.51 -34.80 3.14
CA LYS B 214 -18.83 -33.73 4.07
C LYS B 214 -17.69 -32.73 4.19
N TYR C 2 16.00 -13.80 33.19
CA TYR C 2 14.82 -12.98 32.98
C TYR C 2 13.87 -13.12 34.18
N SER C 3 13.30 -12.00 34.63
CA SER C 3 12.37 -12.03 35.75
C SER C 3 11.45 -10.81 35.66
N LYS C 4 10.23 -11.00 36.12
CA LYS C 4 9.28 -9.91 36.33
C LYS C 4 8.84 -9.97 37.78
N ILE C 5 8.81 -8.81 38.41
CA ILE C 5 8.50 -8.64 39.83
C ILE C 5 7.23 -7.80 39.94
N LYS C 6 6.37 -8.15 40.89
CA LYS C 6 5.08 -7.50 41.05
C LYS C 6 5.05 -6.60 42.28
N ILE C 7 4.55 -5.38 42.10
CA ILE C 7 4.21 -4.48 43.18
C ILE C 7 2.71 -4.30 43.17
N SER C 8 2.10 -4.16 44.34
CA SER C 8 0.66 -4.00 44.42
C SER C 8 0.32 -3.18 45.64
N GLY C 9 -0.84 -2.54 45.61
CA GLY C 9 -1.23 -1.78 46.77
C GLY C 9 -2.54 -1.04 46.57
N THR C 10 -2.84 -0.18 47.54
CA THR C 10 -4.06 0.60 47.58
C THR C 10 -3.72 2.08 47.59
N ILE C 11 -4.46 2.85 46.82
CA ILE C 11 -4.40 4.30 46.83
C ILE C 11 -5.55 4.80 47.69
N GLU C 12 -5.24 5.69 48.63
CA GLU C 12 -6.23 6.27 49.53
C GLU C 12 -6.43 7.74 49.18
N VAL C 13 -7.68 8.13 48.97
CA VAL C 13 -8.01 9.48 48.56
C VAL C 13 -8.19 10.34 49.81
N VAL C 14 -7.41 11.41 49.92
CA VAL C 14 -7.41 12.24 51.11
C VAL C 14 -8.32 13.45 50.95
N THR C 15 -8.13 14.22 49.90
CA THR C 15 -9.05 15.27 49.49
C THR C 15 -9.64 14.89 48.15
N GLY C 16 -10.48 15.76 47.60
CA GLY C 16 -11.21 15.41 46.39
C GLY C 16 -10.27 15.13 45.23
N LEU C 17 -10.63 14.15 44.42
CA LEU C 17 -9.88 13.79 43.23
C LEU C 17 -10.72 14.08 42.00
N HIS C 18 -10.16 14.79 41.03
CA HIS C 18 -10.87 15.15 39.81
C HIS C 18 -9.95 14.94 38.62
N ILE C 19 -9.94 13.73 38.07
CA ILE C 19 -9.13 13.46 36.89
C ILE C 19 -9.79 14.07 35.66
N GLY C 20 -11.09 13.86 35.51
CA GLY C 20 -11.82 14.49 34.42
C GLY C 20 -11.39 14.02 33.05
N GLY C 21 -11.02 12.75 32.92
CA GLY C 21 -10.48 12.25 31.67
C GLY C 21 -11.41 12.46 30.49
N GLY C 22 -12.71 12.52 30.73
CA GLY C 22 -13.65 12.85 29.68
C GLY C 22 -13.82 14.32 29.42
N GLY C 23 -13.16 15.16 30.21
CA GLY C 23 -13.28 16.60 30.04
C GLY C 23 -12.00 17.25 29.55
N SER C 33 -18.63 19.48 33.68
CA SER C 33 -17.29 19.13 34.13
C SER C 33 -17.29 17.77 34.82
N PRO C 34 -17.45 16.70 34.05
CA PRO C 34 -17.60 15.37 34.62
C PRO C 34 -16.25 14.75 34.93
N VAL C 35 -16.28 13.49 35.37
CA VAL C 35 -15.09 12.72 35.67
C VAL C 35 -14.96 11.63 34.63
N VAL C 36 -13.86 10.88 34.71
CA VAL C 36 -13.66 9.75 33.81
C VAL C 36 -14.23 8.50 34.46
N ARG C 37 -15.02 7.75 33.69
CA ARG C 37 -15.77 6.63 34.24
C ARG C 37 -15.65 5.41 33.33
N ASP C 38 -15.75 4.23 33.93
CA ASP C 38 -16.01 3.03 33.16
C ASP C 38 -17.44 3.07 32.63
N LEU C 39 -17.73 2.24 31.64
CA LEU C 39 -19.10 2.11 31.16
C LEU C 39 -19.58 0.67 31.11
N GLN C 40 -18.87 -0.26 31.76
CA GLN C 40 -19.48 -1.52 32.14
C GLN C 40 -20.08 -1.45 33.54
N THR C 41 -19.58 -0.56 34.39
CA THR C 41 -20.06 -0.42 35.75
C THR C 41 -20.45 1.01 36.10
N LYS C 42 -19.94 2.01 35.39
CA LYS C 42 -20.26 3.43 35.60
C LYS C 42 -19.78 3.92 36.97
N LEU C 43 -18.49 3.75 37.21
CA LEU C 43 -17.81 4.20 38.42
C LEU C 43 -16.51 4.89 38.02
N PRO C 44 -15.94 5.72 38.88
CA PRO C 44 -14.69 6.39 38.55
C PRO C 44 -13.51 5.43 38.53
N ILE C 45 -12.48 5.79 37.77
CA ILE C 45 -11.21 5.08 37.75
C ILE C 45 -10.09 6.10 37.74
N ILE C 46 -8.88 5.61 38.03
CA ILE C 46 -7.66 6.40 37.91
C ILE C 46 -6.84 5.82 36.76
N PRO C 47 -6.68 6.52 35.66
CA PRO C 47 -5.87 5.99 34.56
C PRO C 47 -4.40 5.90 34.93
N GLY C 48 -3.71 4.95 34.30
CA GLY C 48 -2.29 4.81 34.55
C GLY C 48 -1.46 5.89 33.92
N SER C 49 -1.97 6.53 32.87
CA SER C 49 -1.19 7.55 32.19
C SER C 49 -0.85 8.70 33.12
N SER C 50 -1.84 9.17 33.90
CA SER C 50 -1.62 10.30 34.77
C SER C 50 -0.61 9.99 35.87
N ILE C 51 -0.70 8.79 36.46
CA ILE C 51 0.25 8.40 37.48
C ILE C 51 1.67 8.38 36.91
N LYS C 52 1.84 7.76 35.74
CA LYS C 52 3.16 7.69 35.14
C LYS C 52 3.71 9.07 34.87
N GLY C 53 2.90 9.94 34.26
CA GLY C 53 3.38 11.26 33.91
C GLY C 53 3.77 12.09 35.12
N LYS C 54 2.97 12.03 36.17
CA LYS C 54 3.25 12.85 37.34
C LYS C 54 4.51 12.36 38.06
N MET C 55 4.65 11.05 38.22
CA MET C 55 5.86 10.51 38.83
C MET C 55 7.10 10.88 38.01
N ARG C 56 6.98 10.79 36.69
CA ARG C 56 8.12 11.12 35.84
C ARG C 56 8.50 12.58 35.98
N ASN C 57 7.51 13.48 36.01
CA ASN C 57 7.82 14.90 36.11
C ASN C 57 8.50 15.21 37.44
N LEU C 58 8.01 14.63 38.53
CA LEU C 58 8.67 14.83 39.82
C LEU C 58 10.11 14.33 39.80
N LEU C 59 10.33 13.08 39.38
CA LEU C 59 11.66 12.51 39.46
C LEU C 59 12.61 13.12 38.45
N ALA C 60 12.10 13.79 37.43
CA ALA C 60 12.99 14.50 36.53
C ALA C 60 13.36 15.86 37.10
N LYS C 61 12.40 16.58 37.66
CA LYS C 61 12.70 17.89 38.24
C LYS C 61 13.64 17.75 39.42
N HIS C 62 13.52 16.66 40.17
CA HIS C 62 14.37 16.48 41.34
C HIS C 62 15.83 16.37 40.95
N PHE C 63 16.12 15.58 39.92
CA PHE C 63 17.42 15.60 39.29
C PHE C 63 17.54 16.84 38.41
N GLY C 64 18.63 16.93 37.67
CA GLY C 64 18.85 18.10 36.85
C GLY C 64 17.78 18.33 35.79
N LEU C 65 17.51 19.60 35.50
CA LEU C 65 16.67 19.98 34.38
C LEU C 65 17.32 21.18 33.70
N LYS C 66 17.85 20.97 32.50
CA LYS C 66 18.52 22.02 31.75
C LYS C 66 17.58 22.60 30.69
N MET C 67 17.79 23.87 30.35
CA MET C 67 16.89 24.54 29.42
C MET C 67 16.92 23.86 28.05
N LYS C 68 18.13 23.56 27.56
CA LYS C 68 18.24 22.75 26.35
C LYS C 68 17.62 21.37 26.55
N GLN C 69 17.82 20.79 27.74
CA GLN C 69 17.15 19.53 28.08
C GLN C 69 15.66 19.74 28.28
N GLU C 70 15.25 20.97 28.61
CA GLU C 70 13.81 21.26 28.70
C GLU C 70 13.18 21.32 27.33
N SER C 71 13.96 21.66 26.31
CA SER C 71 13.39 21.92 24.99
C SER C 71 12.73 20.68 24.39
N HIS C 72 13.37 19.52 24.48
CA HIS C 72 12.99 18.37 23.66
C HIS C 72 12.69 17.11 24.47
N ASN C 73 12.36 17.23 25.75
CA ASN C 73 12.16 16.07 26.61
C ASN C 73 13.38 15.15 26.60
N GLN C 74 14.56 15.77 26.65
CA GLN C 74 15.81 15.08 26.94
C GLN C 74 16.10 15.25 28.42
N ASP C 75 16.34 14.14 29.11
CA ASP C 75 16.40 14.21 30.56
C ASP C 75 17.42 13.20 31.05
N ASP C 76 17.54 13.09 32.37
CA ASP C 76 18.57 12.31 33.03
C ASP C 76 18.57 10.86 32.52
N GLU C 77 19.69 10.18 32.77
CA GLU C 77 19.87 8.81 32.29
C GLU C 77 19.02 7.82 33.07
N ARG C 78 18.99 7.94 34.40
CA ARG C 78 18.19 7.03 35.19
C ARG C 78 16.72 7.18 34.86
N VAL C 79 16.27 8.40 34.58
CA VAL C 79 14.89 8.65 34.22
C VAL C 79 14.52 7.88 32.96
N LEU C 80 15.39 7.90 31.95
CA LEU C 80 15.12 7.19 30.71
C LEU C 80 15.32 5.69 30.87
N ARG C 81 16.16 5.27 31.79
CA ARG C 81 16.32 3.85 32.04
C ARG C 81 15.09 3.26 32.73
N LEU C 82 14.40 4.05 33.55
CA LEU C 82 13.28 3.52 34.31
C LEU C 82 11.93 3.84 33.68
N PHE C 83 11.89 4.72 32.68
CA PHE C 83 10.63 5.07 32.04
C PHE C 83 10.66 5.01 30.53
N GLY C 84 11.82 4.90 29.91
CA GLY C 84 11.92 4.56 28.50
C GLY C 84 11.90 5.73 27.55
N SER C 85 12.88 5.79 26.64
CA SER C 85 12.82 6.72 25.53
C SER C 85 12.89 6.02 24.19
N SER C 86 13.93 5.21 23.95
CA SER C 86 14.26 4.59 22.67
C SER C 86 13.92 5.50 21.49
N GLU C 87 14.22 6.78 21.63
CA GLU C 87 13.77 7.78 20.68
C GLU C 87 14.90 8.52 19.98
N LYS C 88 16.08 8.61 20.58
CA LYS C 88 17.19 9.34 20.00
C LYS C 88 18.22 8.43 19.34
N GLY C 89 17.80 7.32 18.75
CA GLY C 89 18.73 6.32 18.24
C GLY C 89 19.35 5.45 19.31
N ASN C 90 19.07 5.70 20.58
CA ASN C 90 19.46 4.83 21.67
C ASN C 90 18.25 3.99 22.04
N ILE C 91 18.45 2.70 22.26
CA ILE C 91 17.35 1.76 22.40
C ILE C 91 17.04 1.54 23.87
N GLN C 92 15.85 1.97 24.30
CA GLN C 92 15.48 1.92 25.72
C GLN C 92 13.96 1.84 25.79
N ARG C 93 13.43 0.66 26.07
CA ARG C 93 12.01 0.53 26.34
C ARG C 93 11.77 0.54 27.84
N ALA C 94 10.57 0.96 28.23
CA ALA C 94 10.31 1.21 29.64
C ALA C 94 10.44 -0.06 30.45
N ARG C 95 10.93 0.09 31.67
CA ARG C 95 11.17 -1.02 32.56
C ARG C 95 10.11 -1.16 33.64
N LEU C 96 9.24 -0.17 33.80
CA LEU C 96 8.15 -0.20 34.76
C LEU C 96 6.83 -0.13 34.02
N GLN C 97 5.96 -1.11 34.26
CA GLN C 97 4.64 -1.17 33.65
C GLN C 97 3.61 -0.79 34.70
N ILE C 98 2.85 0.27 34.42
CA ILE C 98 1.88 0.85 35.34
C ILE C 98 0.48 0.57 34.83
N SER C 99 -0.38 0.08 35.70
CA SER C 99 -1.74 -0.32 35.34
C SER C 99 -2.76 0.64 35.95
N ASP C 100 -3.98 0.53 35.46
CA ASP C 100 -5.04 1.43 35.88
C ASP C 100 -5.54 1.06 37.26
N ALA C 101 -6.23 2.00 37.89
CA ALA C 101 -6.74 1.82 39.24
C ALA C 101 -8.26 1.77 39.18
N PHE C 102 -8.83 0.74 39.78
CA PHE C 102 -10.25 0.45 39.68
C PHE C 102 -10.91 0.58 41.04
N PHE C 103 -12.14 1.07 41.04
CA PHE C 103 -12.81 1.45 42.27
C PHE C 103 -13.02 0.19 43.10
N SER C 104 -12.50 0.20 44.32
CA SER C 104 -12.32 -1.05 45.06
C SER C 104 -13.64 -1.55 45.65
N GLU C 105 -13.63 -2.84 46.01
CA GLU C 105 -14.85 -3.51 46.45
C GLU C 105 -15.26 -3.13 47.87
N LYS C 106 -14.31 -3.03 48.80
CA LYS C 106 -14.65 -2.69 50.17
C LYS C 106 -15.31 -1.33 50.26
N THR C 107 -14.80 -0.38 49.49
CA THR C 107 -15.44 0.92 49.42
C THR C 107 -16.85 0.80 48.88
N LYS C 108 -17.06 -0.07 47.88
CA LYS C 108 -18.41 -0.26 47.35
C LYS C 108 -19.35 -0.75 48.45
N GLU C 109 -18.92 -1.76 49.21
CA GLU C 109 -19.77 -2.31 50.27
C GLU C 109 -20.10 -1.25 51.32
N HIS C 110 -19.08 -0.57 51.82
CA HIS C 110 -19.29 0.44 52.86
C HIS C 110 -20.21 1.55 52.37
N PHE C 111 -19.93 2.07 51.17
CA PHE C 111 -20.72 3.17 50.64
C PHE C 111 -22.15 2.77 50.38
N ALA C 112 -22.36 1.54 49.90
CA ALA C 112 -23.73 1.08 49.68
C ALA C 112 -24.49 0.98 51.00
N GLN C 113 -23.88 0.37 52.02
CA GLN C 113 -24.64 0.12 53.24
C GLN C 113 -24.68 1.31 54.19
N ASN C 114 -24.00 2.42 53.90
CA ASN C 114 -24.23 3.65 54.64
C ASN C 114 -24.98 4.70 53.84
N ASP C 115 -25.33 4.43 52.59
CA ASP C 115 -26.02 5.39 51.72
C ASP C 115 -25.19 6.67 51.55
N ILE C 116 -23.96 6.48 51.07
CA ILE C 116 -23.06 7.58 50.73
C ILE C 116 -22.70 7.46 49.26
N ALA C 117 -22.91 8.52 48.51
CA ALA C 117 -22.68 8.47 47.08
C ALA C 117 -21.19 8.44 46.77
N TYR C 118 -20.87 8.25 45.49
CA TYR C 118 -19.50 8.19 45.01
C TYR C 118 -19.02 9.51 44.44
N THR C 119 -19.77 10.58 44.61
CA THR C 119 -19.45 11.82 43.90
C THR C 119 -20.04 13.02 44.61
N GLU C 120 -19.18 13.99 44.91
CA GLU C 120 -19.59 15.29 45.40
C GLU C 120 -19.74 16.25 44.24
N THR C 121 -20.62 17.23 44.40
CA THR C 121 -20.81 18.29 43.42
C THR C 121 -20.58 19.61 44.11
N LYS C 122 -19.40 20.19 43.91
CA LYS C 122 -19.02 21.41 44.58
C LYS C 122 -19.32 22.63 43.74
N PHE C 123 -19.95 23.63 44.37
CA PHE C 123 -20.30 24.88 43.70
C PHE C 123 -19.19 25.89 43.96
N GLU C 124 -18.65 26.48 42.89
CA GLU C 124 -17.53 27.38 43.00
C GLU C 124 -17.89 28.75 42.44
N ASN C 125 -17.22 29.78 42.93
CA ASN C 125 -17.55 31.14 42.58
C ASN C 125 -16.29 31.89 42.17
N THR C 126 -16.45 32.81 41.23
CA THR C 126 -15.36 33.71 40.85
C THR C 126 -15.81 35.15 41.00
N ILE C 127 -14.93 35.95 41.61
CA ILE C 127 -15.15 37.38 41.83
C ILE C 127 -14.25 38.15 40.89
N ASN C 128 -14.83 39.04 40.11
CA ASN C 128 -14.08 39.77 39.10
C ASN C 128 -13.39 40.97 39.72
N ARG C 129 -12.39 41.50 39.01
CA ARG C 129 -11.65 42.65 39.52
C ARG C 129 -12.32 43.95 39.10
N LEU C 130 -12.50 44.84 40.06
CA LEU C 130 -13.08 46.17 39.88
C LEU C 130 -14.52 46.10 39.39
N THR C 131 -15.17 44.95 39.49
CA THR C 131 -16.53 44.81 39.03
C THR C 131 -17.45 44.15 40.06
N ALA C 132 -16.92 43.26 40.88
CA ALA C 132 -17.64 42.63 41.97
C ALA C 132 -18.88 41.88 41.49
N VAL C 133 -18.77 41.21 40.36
CA VAL C 133 -19.80 40.31 39.86
C VAL C 133 -19.31 38.89 40.04
N ALA C 134 -20.19 38.02 40.53
CA ALA C 134 -19.86 36.62 40.76
C ALA C 134 -20.28 35.77 39.56
N ASN C 135 -19.41 34.84 39.18
CA ASN C 135 -19.76 33.83 38.19
C ASN C 135 -19.74 32.46 38.84
N PRO C 136 -20.80 31.67 38.70
CA PRO C 136 -20.84 30.35 39.31
C PRO C 136 -20.36 29.24 38.40
N ARG C 137 -19.86 28.18 39.03
CA ARG C 137 -19.39 27.01 38.33
C ARG C 137 -19.71 25.79 39.16
N GLN C 138 -19.71 24.63 38.51
CA GLN C 138 -19.93 23.35 39.18
C GLN C 138 -18.80 22.40 38.86
N ILE C 139 -18.26 21.76 39.88
CA ILE C 139 -17.15 20.81 39.72
C ILE C 139 -17.57 19.49 40.35
N GLU C 140 -17.28 18.40 39.66
CA GLU C 140 -17.73 17.08 40.06
C GLU C 140 -16.54 16.31 40.59
N ARG C 141 -16.42 16.23 41.91
CA ARG C 141 -15.25 15.65 42.54
C ARG C 141 -15.57 14.26 43.06
N VAL C 142 -14.62 13.35 42.92
CA VAL C 142 -14.73 12.07 43.60
C VAL C 142 -14.75 12.32 45.10
N THR C 143 -15.46 11.46 45.82
CA THR C 143 -15.66 11.66 47.24
C THR C 143 -14.42 11.29 48.05
N ARG C 144 -14.36 11.84 49.24
CA ARG C 144 -13.27 11.58 50.16
C ARG C 144 -13.43 10.18 50.73
N GLY C 145 -12.35 9.65 51.28
CA GLY C 145 -12.37 8.36 51.93
C GLY C 145 -12.37 7.16 51.01
N SER C 146 -12.30 7.38 49.71
CA SER C 146 -12.35 6.27 48.76
C SER C 146 -11.06 5.47 48.80
N GLU C 147 -11.01 4.42 47.99
CA GLU C 147 -9.80 3.63 47.80
C GLU C 147 -9.75 3.14 46.37
N PHE C 148 -8.55 2.81 45.91
CA PHE C 148 -8.33 2.20 44.61
C PHE C 148 -7.24 1.14 44.75
N ASP C 149 -7.14 0.26 43.76
CA ASP C 149 -6.14 -0.80 43.74
C ASP C 149 -5.21 -0.64 42.54
N PHE C 150 -3.90 -0.75 42.78
CA PHE C 150 -2.93 -0.60 41.72
C PHE C 150 -1.94 -1.75 41.71
N VAL C 151 -1.42 -2.05 40.51
CA VAL C 151 -0.43 -3.09 40.28
C VAL C 151 0.64 -2.54 39.35
N PHE C 152 1.91 -2.76 39.68
CA PHE C 152 3.06 -2.45 38.85
C PHE C 152 3.82 -3.73 38.53
N ILE C 153 4.42 -3.77 37.34
CA ILE C 153 5.29 -4.88 36.95
C ILE C 153 6.67 -4.32 36.61
N TYR C 154 7.69 -4.93 37.18
CA TYR C 154 9.07 -4.54 36.94
C TYR C 154 9.78 -5.61 36.13
N ASN C 155 10.40 -5.21 35.02
CA ASN C 155 11.23 -6.08 34.20
C ASN C 155 12.65 -6.06 34.72
N VAL C 156 13.29 -7.21 34.82
CA VAL C 156 14.68 -7.29 35.24
C VAL C 156 15.48 -7.55 33.97
N ASP C 157 15.95 -6.48 33.34
CA ASP C 157 16.80 -6.58 32.16
C ASP C 157 18.28 -6.64 32.48
N GLU C 158 18.65 -6.47 33.74
CA GLU C 158 20.05 -6.44 34.14
C GLU C 158 20.13 -6.74 35.63
N GLU C 159 20.99 -7.68 36.00
CA GLU C 159 20.96 -8.23 37.35
C GLU C 159 21.58 -7.28 38.38
N SER C 160 22.28 -6.24 37.92
CA SER C 160 23.01 -5.37 38.83
C SER C 160 22.47 -3.93 38.86
N GLN C 161 21.17 -3.74 38.70
CA GLN C 161 20.56 -2.42 38.80
C GLN C 161 19.25 -2.43 39.58
N VAL C 162 18.84 -3.58 40.11
CA VAL C 162 17.53 -3.70 40.75
C VAL C 162 17.45 -2.80 41.97
N GLU C 163 18.50 -2.82 42.80
CA GLU C 163 18.48 -2.03 44.03
C GLU C 163 18.41 -0.55 43.72
N ASP C 164 19.19 -0.09 42.74
CA ASP C 164 19.18 1.33 42.42
C ASP C 164 17.84 1.76 41.87
N ASP C 165 17.25 0.93 40.99
CA ASP C 165 15.97 1.32 40.42
C ASP C 165 14.88 1.34 41.47
N PHE C 166 14.92 0.42 42.43
CA PHE C 166 13.94 0.46 43.51
C PHE C 166 14.15 1.65 44.44
N GLU C 167 15.40 2.06 44.66
CA GLU C 167 15.61 3.27 45.44
C GLU C 167 15.00 4.48 44.75
N ASN C 168 15.20 4.58 43.44
CA ASN C 168 14.59 5.70 42.73
C ASN C 168 13.07 5.62 42.78
N ILE C 169 12.52 4.40 42.74
CA ILE C 169 11.07 4.26 42.79
C ILE C 169 10.52 4.73 44.14
N GLU C 170 11.18 4.35 45.23
CA GLU C 170 10.68 4.79 46.53
C GLU C 170 10.83 6.29 46.69
N LYS C 171 11.85 6.88 46.08
CA LYS C 171 11.92 8.34 46.08
C LYS C 171 10.74 8.96 45.35
N ALA C 172 10.38 8.41 44.20
CA ALA C 172 9.22 8.95 43.47
C ALA C 172 7.93 8.80 44.28
N ILE C 173 7.76 7.64 44.93
CA ILE C 173 6.54 7.43 45.71
C ILE C 173 6.47 8.41 46.88
N HIS C 174 7.59 8.64 47.57
CA HIS C 174 7.58 9.57 48.70
C HIS C 174 7.26 10.98 48.23
N LEU C 175 7.93 11.43 47.17
CA LEU C 175 7.63 12.74 46.60
C LEU C 175 6.15 12.87 46.25
N LEU C 176 5.55 11.83 45.67
CA LEU C 176 4.14 11.94 45.31
C LEU C 176 3.24 11.90 46.53
N GLU C 177 3.64 11.22 47.61
CA GLU C 177 2.87 11.33 48.84
C GLU C 177 2.92 12.73 49.42
N ASN C 178 3.86 13.57 48.97
CA ASN C 178 3.84 14.97 49.36
C ASN C 178 3.47 15.92 48.22
N ASP C 179 2.50 15.53 47.39
CA ASP C 179 2.11 16.35 46.25
C ASP C 179 0.68 15.93 45.88
N TYR C 180 0.19 16.35 44.71
CA TYR C 180 -1.19 16.11 44.32
C TYR C 180 -1.26 15.41 42.97
N LEU C 181 -2.22 14.49 42.86
CA LEU C 181 -2.54 13.79 41.63
C LEU C 181 -3.90 14.26 41.15
N GLY C 182 -4.00 14.64 39.89
CA GLY C 182 -5.26 15.02 39.29
C GLY C 182 -5.20 16.43 38.71
N GLY C 183 -6.28 17.18 38.88
CA GLY C 183 -6.38 18.51 38.35
C GLY C 183 -6.83 19.51 39.39
N GLY C 184 -6.32 20.72 39.29
CA GLY C 184 -6.66 21.77 40.22
C GLY C 184 -6.25 21.47 41.65
N GLY C 185 -5.03 20.96 41.82
CA GLY C 185 -4.56 20.63 43.15
C GLY C 185 -4.00 21.77 43.95
N THR C 186 -3.80 22.93 43.34
CA THR C 186 -3.33 24.09 44.09
C THR C 186 -4.46 24.77 44.83
N ARG C 187 -5.66 24.20 44.81
CA ARG C 187 -6.80 24.73 45.53
C ARG C 187 -7.41 23.68 46.45
N GLY C 188 -6.74 22.55 46.66
CA GLY C 188 -7.19 21.56 47.61
C GLY C 188 -7.65 20.25 47.02
N ASN C 189 -7.17 19.83 45.86
CA ASN C 189 -7.64 18.60 45.25
C ASN C 189 -6.49 17.63 45.00
N GLY C 190 -6.80 16.35 45.13
CA GLY C 190 -5.96 15.31 44.60
C GLY C 190 -4.98 14.69 45.56
N ARG C 191 -4.96 15.11 46.81
CA ARG C 191 -3.96 14.56 47.73
C ARG C 191 -4.28 13.11 48.05
N ILE C 192 -3.26 12.25 47.97
CA ILE C 192 -3.44 10.81 48.06
C ILE C 192 -2.43 10.23 49.04
N GLN C 193 -2.58 8.94 49.29
CA GLN C 193 -1.64 8.15 50.09
C GLN C 193 -1.57 6.75 49.51
N PHE C 194 -0.56 6.00 49.95
CA PHE C 194 -0.35 4.63 49.52
C PHE C 194 -0.37 3.70 50.73
N LYS C 195 -1.03 2.56 50.59
CA LYS C 195 -1.08 1.60 51.70
C LYS C 195 -0.95 0.17 51.17
N ASP C 196 -0.45 -0.70 52.05
CA ASP C 196 -0.45 -2.15 51.86
C ASP C 196 0.28 -2.55 50.58
N THR C 197 1.57 -2.28 50.55
CA THR C 197 2.40 -2.59 49.40
C THR C 197 3.06 -3.94 49.57
N ASN C 198 2.94 -4.78 48.55
CA ASN C 198 3.48 -6.14 48.57
C ASN C 198 4.32 -6.37 47.33
N ILE C 199 5.45 -7.04 47.49
CA ILE C 199 6.39 -7.29 46.40
C ILE C 199 6.47 -8.79 46.17
N GLU C 200 6.22 -9.21 44.94
CA GLU C 200 6.36 -10.60 44.55
C GLU C 200 7.06 -10.70 43.21
N THR C 201 7.87 -11.73 43.05
CA THR C 201 8.50 -12.07 41.78
C THR C 201 7.59 -13.06 41.06
N VAL C 202 6.97 -12.61 39.98
CA VAL C 202 6.01 -13.46 39.29
C VAL C 202 6.69 -14.40 38.31
N VAL C 203 7.72 -13.94 37.59
CA VAL C 203 8.32 -14.78 36.56
C VAL C 203 9.82 -14.83 36.76
N GLY C 204 10.33 -15.98 37.19
CA GLY C 204 11.74 -16.21 37.30
C GLY C 204 12.11 -16.85 38.62
N GLU C 205 13.40 -16.77 38.94
CA GLU C 205 13.97 -17.33 40.16
C GLU C 205 14.75 -16.25 40.90
N TYR C 206 14.15 -15.09 41.09
CA TYR C 206 14.81 -13.94 41.67
C TYR C 206 14.23 -13.67 43.05
N ASP C 207 15.04 -13.06 43.91
CA ASP C 207 14.71 -12.84 45.32
C ASP C 207 14.13 -11.45 45.53
N SER C 208 13.08 -11.37 46.34
CA SER C 208 12.46 -10.09 46.68
C SER C 208 12.11 -10.05 48.15
N THR C 209 13.03 -10.49 49.00
CA THR C 209 12.83 -10.40 50.44
C THR C 209 13.49 -9.18 51.05
N ASN C 210 14.53 -8.66 50.41
CA ASN C 210 15.21 -7.47 50.90
C ASN C 210 14.69 -6.19 50.27
N LEU C 211 13.79 -6.29 49.30
CA LEU C 211 13.29 -5.12 48.60
C LEU C 211 12.12 -4.51 49.35
N LYS C 212 12.04 -3.18 49.34
CA LYS C 212 10.96 -2.48 50.03
C LYS C 212 10.69 -1.16 49.33
N ILE C 213 9.45 -0.71 49.43
CA ILE C 213 9.03 0.62 49.00
C ILE C 213 8.09 1.17 50.06
N LYS C 214 8.37 2.38 50.53
CA LYS C 214 7.56 2.95 51.60
C LYS C 214 6.38 3.72 51.03
N TYR D 2 16.29 20.20 45.29
CA TYR D 2 14.84 20.32 45.19
C TYR D 2 14.20 19.77 46.46
N SER D 3 13.32 20.56 47.07
CA SER D 3 12.80 20.20 48.39
C SER D 3 11.43 20.83 48.61
N LYS D 4 10.75 20.32 49.62
CA LYS D 4 9.37 20.67 49.92
C LYS D 4 9.20 20.78 51.42
N ILE D 5 8.82 21.98 51.87
CA ILE D 5 8.58 22.32 53.27
C ILE D 5 7.09 22.25 53.55
N LYS D 6 6.75 21.93 54.80
CA LYS D 6 5.36 21.82 55.24
C LYS D 6 5.06 22.89 56.28
N ILE D 7 3.89 23.52 56.15
CA ILE D 7 3.38 24.49 57.11
C ILE D 7 2.06 23.97 57.63
N SER D 8 1.91 23.90 58.95
CA SER D 8 0.71 23.30 59.51
C SER D 8 0.24 24.12 60.69
N GLY D 9 -1.04 24.00 61.02
CA GLY D 9 -1.52 24.64 62.23
C GLY D 9 -3.04 24.58 62.36
N THR D 10 -3.56 25.48 63.18
CA THR D 10 -4.98 25.53 63.49
C THR D 10 -5.54 26.91 63.20
N ILE D 11 -6.73 26.94 62.60
CA ILE D 11 -7.51 28.16 62.40
C ILE D 11 -8.61 28.16 63.45
N GLU D 12 -8.66 29.21 64.26
CA GLU D 12 -9.64 29.35 65.33
C GLU D 12 -10.60 30.47 64.99
N VAL D 13 -11.88 30.15 64.94
CA VAL D 13 -12.94 31.09 64.57
C VAL D 13 -13.52 31.67 65.84
N VAL D 14 -13.74 32.99 65.85
CA VAL D 14 -14.19 33.65 67.06
C VAL D 14 -15.64 34.09 66.89
N THR D 15 -15.99 34.55 65.70
CA THR D 15 -17.35 34.98 65.39
C THR D 15 -17.98 34.02 64.40
N GLY D 16 -19.13 34.43 63.87
CA GLY D 16 -19.86 33.63 62.92
C GLY D 16 -19.07 33.32 61.66
N LEU D 17 -19.24 32.09 61.15
CA LEU D 17 -18.56 31.65 59.95
C LEU D 17 -19.59 31.03 59.02
N HIS D 18 -19.98 31.77 57.99
CA HIS D 18 -20.92 31.29 56.99
C HIS D 18 -20.19 31.15 55.67
N ILE D 19 -20.12 29.92 55.16
CA ILE D 19 -19.43 29.62 53.92
C ILE D 19 -20.39 29.13 52.84
N GLY D 20 -21.40 28.36 53.22
CA GLY D 20 -22.56 28.10 52.37
C GLY D 20 -22.25 27.48 51.03
N GLY D 21 -21.12 26.79 50.90
CA GLY D 21 -20.71 26.25 49.60
C GLY D 21 -21.74 25.33 48.98
N GLY D 22 -22.60 24.73 49.80
CA GLY D 22 -23.69 23.93 49.25
C GLY D 22 -24.79 24.80 48.66
N GLY D 23 -24.77 26.09 48.96
CA GLY D 23 -25.77 27.00 48.44
C GLY D 23 -25.69 27.24 46.95
N SER D 33 -30.52 27.93 52.70
CA SER D 33 -29.14 28.39 52.76
C SER D 33 -28.35 27.56 53.76
N PRO D 34 -27.93 26.38 53.37
CA PRO D 34 -27.17 25.51 54.26
C PRO D 34 -25.68 25.83 54.20
N VAL D 35 -24.89 24.96 54.83
CA VAL D 35 -23.44 25.10 54.91
C VAL D 35 -22.79 23.93 54.18
N VAL D 36 -21.74 24.20 53.43
CA VAL D 36 -21.04 23.14 52.72
C VAL D 36 -20.53 22.12 53.72
N ARG D 37 -20.57 20.85 53.33
CA ARG D 37 -20.36 19.77 54.29
C ARG D 37 -19.81 18.55 53.58
N ASP D 38 -18.93 17.82 54.27
CA ASP D 38 -18.46 16.53 53.76
C ASP D 38 -19.61 15.54 53.75
N LEU D 39 -19.65 14.72 52.72
CA LEU D 39 -20.70 13.71 52.58
C LEU D 39 -20.33 12.39 53.24
N GLN D 40 -19.14 12.25 53.80
CA GLN D 40 -18.75 11.01 54.45
C GLN D 40 -18.77 11.10 55.97
N THR D 41 -18.54 12.28 56.54
CA THR D 41 -18.65 12.49 57.98
C THR D 41 -19.83 13.34 58.37
N LYS D 42 -20.40 14.11 57.43
CA LYS D 42 -21.50 15.03 57.71
C LYS D 42 -21.07 16.14 58.67
N LEU D 43 -19.98 16.81 58.34
CA LEU D 43 -19.47 17.93 59.12
C LEU D 43 -18.96 19.01 58.18
N PRO D 44 -18.96 20.26 58.62
CA PRO D 44 -18.56 21.35 57.73
C PRO D 44 -17.08 21.31 57.40
N ILE D 45 -16.72 22.08 56.37
CA ILE D 45 -15.33 22.30 55.98
C ILE D 45 -15.18 23.74 55.52
N ILE D 46 -13.94 24.19 55.43
CA ILE D 46 -13.58 25.39 54.69
C ILE D 46 -12.88 24.95 53.41
N PRO D 47 -13.44 25.21 52.24
CA PRO D 47 -12.74 24.87 51.02
C PRO D 47 -11.44 25.64 50.92
N GLY D 48 -10.41 24.99 50.39
CA GLY D 48 -9.16 25.69 50.18
C GLY D 48 -9.26 26.77 49.13
N SER D 49 -10.22 26.66 48.24
CA SER D 49 -10.44 27.71 47.25
C SER D 49 -10.74 29.04 47.94
N SER D 50 -11.55 29.00 49.01
CA SER D 50 -11.91 30.23 49.70
C SER D 50 -10.68 30.91 50.29
N ILE D 51 -9.83 30.14 50.97
CA ILE D 51 -8.64 30.72 51.60
C ILE D 51 -7.71 31.28 50.53
N LYS D 52 -7.46 30.51 49.49
CA LYS D 52 -6.54 30.98 48.46
C LYS D 52 -7.06 32.25 47.82
N GLY D 53 -8.35 32.30 47.51
CA GLY D 53 -8.89 33.50 46.89
C GLY D 53 -8.86 34.70 47.80
N LYS D 54 -9.26 34.53 49.06
CA LYS D 54 -9.27 35.64 49.98
C LYS D 54 -7.87 36.19 50.22
N MET D 55 -6.91 35.29 50.42
CA MET D 55 -5.53 35.72 50.63
C MET D 55 -4.99 36.42 49.39
N ARG D 56 -5.30 35.88 48.21
CA ARG D 56 -4.82 36.52 46.98
C ARG D 56 -5.37 37.92 46.86
N ASN D 57 -6.66 38.09 47.11
CA ASN D 57 -7.26 39.41 46.96
C ASN D 57 -6.66 40.41 47.96
N LEU D 58 -6.48 39.99 49.22
CA LEU D 58 -5.90 40.91 50.19
C LEU D 58 -4.48 41.30 49.83
N LEU D 59 -3.60 40.30 49.72
CA LEU D 59 -2.19 40.58 49.45
C LEU D 59 -1.99 41.20 48.08
N ALA D 60 -2.98 41.13 47.19
CA ALA D 60 -2.84 41.76 45.90
C ALA D 60 -3.34 43.18 45.93
N LYS D 61 -4.37 43.47 46.73
CA LYS D 61 -4.82 44.84 46.88
C LYS D 61 -3.78 45.68 47.59
N HIS D 62 -3.04 45.10 48.54
CA HIS D 62 -2.02 45.87 49.22
C HIS D 62 -1.01 46.48 48.26
N PHE D 63 -0.42 45.66 47.40
CA PHE D 63 0.52 46.20 46.44
C PHE D 63 -0.25 46.98 45.38
N GLY D 64 0.46 47.46 44.37
CA GLY D 64 -0.16 48.22 43.30
C GLY D 64 -1.25 47.46 42.59
N LEU D 65 -2.42 48.09 42.46
CA LEU D 65 -3.57 47.49 41.79
C LEU D 65 -4.10 48.49 40.77
N LYS D 66 -3.52 48.48 39.58
CA LYS D 66 -3.84 49.46 38.55
C LYS D 66 -5.19 49.14 37.89
N MET D 67 -5.89 50.19 37.47
CA MET D 67 -7.16 50.00 36.79
C MET D 67 -6.97 49.34 35.43
N LYS D 68 -5.91 49.72 34.70
CA LYS D 68 -5.60 49.06 33.44
C LYS D 68 -5.24 47.60 33.67
N GLN D 69 -4.49 47.32 34.73
CA GLN D 69 -4.20 45.93 35.09
C GLN D 69 -5.49 45.20 35.49
N GLU D 70 -6.40 45.90 36.17
CA GLU D 70 -7.67 45.29 36.54
C GLU D 70 -8.48 44.92 35.31
N SER D 71 -8.48 45.78 34.30
CA SER D 71 -9.22 45.47 33.07
C SER D 71 -8.67 44.23 32.39
N HIS D 72 -7.35 44.11 32.32
CA HIS D 72 -6.69 42.96 31.71
C HIS D 72 -6.39 41.84 32.71
N ASN D 73 -6.79 42.00 33.97
CA ASN D 73 -6.60 40.99 35.01
C ASN D 73 -5.13 40.61 35.17
N GLN D 74 -4.26 41.61 35.07
CA GLN D 74 -2.84 41.46 35.33
C GLN D 74 -2.54 41.88 36.75
N ASP D 75 -1.57 41.22 37.37
CA ASP D 75 -1.26 41.45 38.78
C ASP D 75 0.23 41.72 38.94
N ASP D 76 0.63 41.94 40.19
CA ASP D 76 2.02 42.23 40.50
C ASP D 76 2.84 40.95 40.55
N GLU D 77 4.12 41.08 40.20
CA GLU D 77 4.98 39.93 39.97
C GLU D 77 5.09 39.05 41.22
N ARG D 78 5.11 39.67 42.40
CA ARG D 78 5.18 38.89 43.63
C ARG D 78 3.99 37.96 43.77
N VAL D 79 2.80 38.47 43.46
CA VAL D 79 1.60 37.66 43.60
C VAL D 79 1.65 36.45 42.68
N LEU D 80 2.08 36.66 41.42
CA LEU D 80 2.13 35.56 40.47
C LEU D 80 3.22 34.55 40.79
N ARG D 81 4.36 34.98 41.34
CA ARG D 81 5.36 33.99 41.69
C ARG D 81 4.92 33.18 42.89
N LEU D 82 4.19 33.81 43.81
CA LEU D 82 3.72 33.04 44.97
C LEU D 82 2.48 32.22 44.62
N PHE D 83 1.75 32.58 43.56
CA PHE D 83 0.47 31.95 43.27
C PHE D 83 0.32 31.42 41.85
N GLY D 84 0.92 32.06 40.85
CA GLY D 84 0.89 31.52 39.51
C GLY D 84 -0.34 31.87 38.73
N SER D 85 -0.16 32.38 37.51
CA SER D 85 -1.26 32.66 36.60
C SER D 85 -1.14 31.93 35.28
N SER D 86 0.02 32.03 34.63
CA SER D 86 0.28 31.37 33.35
C SER D 86 -0.82 31.66 32.35
N GLU D 87 -1.25 32.91 32.29
CA GLU D 87 -2.32 33.32 31.40
C GLU D 87 -1.88 34.29 30.31
N LYS D 88 -0.87 35.11 30.56
CA LYS D 88 -0.43 36.13 29.61
C LYS D 88 0.61 35.60 28.63
N GLY D 89 0.66 34.29 28.41
CA GLY D 89 1.70 33.70 27.61
C GLY D 89 2.98 33.43 28.37
N ASN D 90 3.13 33.94 29.58
CA ASN D 90 4.26 33.66 30.43
C ASN D 90 3.84 32.62 31.46
N ILE D 91 4.56 31.49 31.48
CA ILE D 91 4.16 30.36 32.29
C ILE D 91 4.70 30.54 33.70
N GLN D 92 3.80 30.49 34.69
CA GLN D 92 4.18 30.63 36.10
C GLN D 92 3.37 29.61 36.87
N ARG D 93 4.01 28.54 37.32
CA ARG D 93 3.33 27.53 38.11
C ARG D 93 3.33 27.93 39.57
N ALA D 94 2.22 27.62 40.25
CA ALA D 94 2.08 27.97 41.65
C ALA D 94 3.15 27.32 42.50
N ARG D 95 3.64 28.05 43.49
CA ARG D 95 4.67 27.56 44.39
C ARG D 95 4.14 27.27 45.78
N LEU D 96 2.94 27.74 46.08
CA LEU D 96 2.28 27.51 47.35
C LEU D 96 1.04 26.68 47.09
N GLN D 97 0.90 25.57 47.79
CA GLN D 97 -0.26 24.70 47.65
C GLN D 97 -1.05 24.72 48.94
N ILE D 98 -2.35 25.03 48.84
CA ILE D 98 -3.23 25.18 49.99
C ILE D 98 -4.28 24.07 49.96
N SER D 99 -4.39 23.34 51.06
CA SER D 99 -5.40 22.31 51.21
C SER D 99 -6.53 22.83 52.08
N ASP D 100 -7.53 21.98 52.26
CA ASP D 100 -8.74 22.39 52.96
C ASP D 100 -8.52 22.38 54.46
N ALA D 101 -9.63 22.42 55.20
CA ALA D 101 -9.60 22.33 56.65
C ALA D 101 -10.70 21.40 57.13
N PHE D 102 -10.52 20.85 58.33
CA PHE D 102 -11.48 19.92 58.90
C PHE D 102 -11.50 20.09 60.42
N PHE D 103 -12.58 19.66 61.04
CA PHE D 103 -12.68 19.70 62.51
C PHE D 103 -11.56 18.91 63.17
N SER D 104 -10.92 19.53 64.14
CA SER D 104 -9.87 18.87 64.90
C SER D 104 -10.50 17.92 65.93
N GLU D 105 -9.70 16.94 66.35
CA GLU D 105 -10.22 15.92 67.26
C GLU D 105 -10.63 16.52 68.60
N LYS D 106 -9.83 17.45 69.12
CA LYS D 106 -10.14 18.06 70.41
C LYS D 106 -11.46 18.80 70.36
N THR D 107 -11.71 19.54 69.28
CA THR D 107 -12.97 20.26 69.15
C THR D 107 -14.16 19.30 69.11
N LYS D 108 -14.02 18.19 68.38
CA LYS D 108 -15.07 17.20 68.33
C LYS D 108 -15.35 16.65 69.73
N GLU D 109 -14.30 16.31 70.46
CA GLU D 109 -14.49 15.78 71.81
C GLU D 109 -15.15 16.81 72.71
N HIS D 110 -14.76 18.08 72.58
CA HIS D 110 -15.31 19.11 73.44
C HIS D 110 -16.80 19.32 73.17
N PHE D 111 -17.17 19.47 71.90
CA PHE D 111 -18.57 19.66 71.56
C PHE D 111 -19.40 18.42 71.86
N ALA D 112 -18.79 17.24 71.83
CA ALA D 112 -19.53 16.03 72.18
C ALA D 112 -19.76 15.93 73.68
N GLN D 113 -18.74 16.28 74.47
CA GLN D 113 -18.88 16.21 75.93
C GLN D 113 -19.82 17.28 76.45
N ASN D 114 -19.80 18.47 75.85
CA ASN D 114 -20.60 19.58 76.32
C ASN D 114 -22.01 19.59 75.74
N ASP D 115 -22.34 18.67 74.86
CA ASP D 115 -23.66 18.58 74.24
C ASP D 115 -24.02 19.91 73.57
N ILE D 116 -23.14 20.34 72.66
CA ILE D 116 -23.27 21.60 71.95
C ILE D 116 -23.19 21.31 70.46
N ALA D 117 -24.13 21.86 69.69
CA ALA D 117 -24.26 21.52 68.29
C ALA D 117 -23.21 22.24 67.44
N TYR D 118 -23.21 21.95 66.15
CA TYR D 118 -22.25 22.50 65.21
C TYR D 118 -22.82 23.60 64.32
N THR D 119 -24.03 24.08 64.60
CA THR D 119 -24.64 25.04 63.70
C THR D 119 -25.67 25.87 64.45
N GLU D 120 -25.70 27.16 64.15
CA GLU D 120 -26.65 28.09 64.72
C GLU D 120 -27.58 28.60 63.63
N THR D 121 -28.87 28.62 63.92
CA THR D 121 -29.87 29.14 63.01
C THR D 121 -30.19 30.56 63.45
N LYS D 122 -29.79 31.52 62.64
CA LYS D 122 -30.05 32.92 62.94
C LYS D 122 -31.26 33.40 62.15
N PHE D 123 -32.20 34.05 62.84
CA PHE D 123 -33.37 34.64 62.22
C PHE D 123 -33.11 36.12 62.04
N GLU D 124 -33.20 36.60 60.81
CA GLU D 124 -32.94 38.00 60.49
C GLU D 124 -34.18 38.64 59.91
N ASN D 125 -34.44 39.87 60.31
CA ASN D 125 -35.65 40.60 59.94
C ASN D 125 -35.27 41.78 59.06
N THR D 126 -35.90 41.88 57.90
CA THR D 126 -35.73 43.05 57.06
C THR D 126 -36.94 43.96 57.18
N ILE D 127 -36.69 45.22 57.54
CA ILE D 127 -37.71 46.25 57.68
C ILE D 127 -37.54 47.22 56.53
N ASN D 128 -38.56 47.36 55.71
CA ASN D 128 -38.43 48.06 54.44
C ASN D 128 -38.98 49.47 54.50
N ARG D 129 -38.43 50.33 53.65
CA ARG D 129 -38.76 51.75 53.68
C ARG D 129 -40.20 51.98 53.26
N LEU D 130 -40.85 52.95 53.93
CA LEU D 130 -42.11 53.54 53.49
C LEU D 130 -43.28 52.57 53.67
N THR D 131 -43.02 51.32 54.04
CA THR D 131 -44.12 50.39 54.26
C THR D 131 -44.05 49.68 55.60
N ALA D 132 -42.85 49.39 56.10
CA ALA D 132 -42.65 48.75 57.40
C ALA D 132 -43.32 47.38 57.47
N VAL D 133 -42.83 46.48 56.62
CA VAL D 133 -43.25 45.08 56.63
C VAL D 133 -42.03 44.24 56.98
N ALA D 134 -42.13 43.46 58.05
CA ALA D 134 -41.01 42.67 58.56
C ALA D 134 -40.93 41.35 57.81
N ASN D 135 -39.83 41.15 57.09
CA ASN D 135 -39.62 39.92 56.33
C ASN D 135 -38.55 39.07 57.00
N PRO D 136 -38.88 37.86 57.42
CA PRO D 136 -37.90 37.02 58.14
C PRO D 136 -37.09 36.11 57.23
N ARG D 137 -35.92 35.73 57.75
CA ARG D 137 -34.98 34.85 57.01
C ARG D 137 -34.20 33.99 58.00
N GLN D 138 -33.83 32.78 57.61
CA GLN D 138 -33.08 31.83 58.44
C GLN D 138 -31.75 31.52 57.77
N ILE D 139 -30.66 31.62 58.52
CA ILE D 139 -29.31 31.40 58.00
C ILE D 139 -28.54 30.50 58.96
N GLU D 140 -27.71 29.62 58.41
CA GLU D 140 -26.95 28.66 59.20
C GLU D 140 -25.51 29.14 59.34
N ARG D 141 -24.97 29.04 60.56
CA ARG D 141 -23.61 29.45 60.86
C ARG D 141 -22.88 28.36 61.65
N VAL D 142 -21.56 28.41 61.61
CA VAL D 142 -20.72 27.45 62.31
C VAL D 142 -20.46 27.95 63.72
N THR D 143 -20.59 27.06 64.70
CA THR D 143 -20.50 27.48 66.09
C THR D 143 -19.14 28.10 66.38
N ARG D 144 -19.15 29.28 66.99
CA ARG D 144 -17.93 29.99 67.30
C ARG D 144 -17.14 29.23 68.36
N GLY D 145 -15.82 29.24 68.23
CA GLY D 145 -14.97 28.53 69.16
C GLY D 145 -14.51 27.18 68.67
N SER D 146 -14.79 26.82 67.43
CA SER D 146 -14.30 25.57 66.89
C SER D 146 -12.95 25.78 66.21
N GLU D 147 -12.24 24.67 65.97
CA GLU D 147 -10.88 24.70 65.48
C GLU D 147 -10.75 23.84 64.24
N PHE D 148 -10.03 24.35 63.24
CA PHE D 148 -9.79 23.65 61.99
C PHE D 148 -8.29 23.41 61.83
N ASP D 149 -7.94 22.33 61.16
CA ASP D 149 -6.54 21.98 60.90
C ASP D 149 -6.19 22.30 59.45
N PHE D 150 -5.11 23.04 59.24
CA PHE D 150 -4.73 23.46 57.90
C PHE D 150 -3.29 23.08 57.59
N VAL D 151 -3.04 22.86 56.31
CA VAL D 151 -1.70 22.54 55.80
C VAL D 151 -1.45 23.31 54.51
N PHE D 152 -0.26 23.91 54.41
CA PHE D 152 0.28 24.42 53.17
C PHE D 152 1.55 23.67 52.83
N ILE D 153 1.82 23.53 51.54
CA ILE D 153 3.03 22.91 51.05
C ILE D 153 3.79 23.96 50.24
N TYR D 154 5.07 24.12 50.54
CA TYR D 154 5.90 25.08 49.84
C TYR D 154 7.02 24.36 49.11
N ASN D 155 7.09 24.57 47.79
CA ASN D 155 8.16 24.05 46.96
C ASN D 155 9.31 25.04 46.93
N VAL D 156 10.53 24.54 46.88
CA VAL D 156 11.68 25.42 46.64
C VAL D 156 12.10 25.24 45.20
N ASP D 157 12.08 26.33 44.44
CA ASP D 157 12.60 26.35 43.09
C ASP D 157 13.83 27.24 42.95
N GLU D 158 14.14 28.05 43.97
CA GLU D 158 15.33 28.89 43.98
C GLU D 158 15.80 29.00 45.42
N GLU D 159 17.08 28.73 45.65
CA GLU D 159 17.60 28.65 47.02
C GLU D 159 17.51 29.99 47.73
N SER D 160 17.35 31.09 47.00
CA SER D 160 17.43 32.40 47.61
C SER D 160 16.08 32.86 48.14
N GLN D 161 15.07 32.92 47.28
CA GLN D 161 13.87 33.70 47.51
C GLN D 161 12.96 33.14 48.60
N VAL D 162 13.40 32.11 49.32
CA VAL D 162 12.57 31.53 50.37
C VAL D 162 12.25 32.55 51.45
N GLU D 163 13.26 33.34 51.87
CA GLU D 163 13.05 34.29 52.96
C GLU D 163 12.03 35.36 52.57
N ASP D 164 12.16 35.92 51.38
CA ASP D 164 11.19 36.91 50.93
C ASP D 164 9.80 36.31 50.82
N ASP D 165 9.70 35.09 50.31
CA ASP D 165 8.40 34.45 50.18
C ASP D 165 7.75 34.27 51.55
N PHE D 166 8.52 33.86 52.55
CA PHE D 166 7.93 33.64 53.86
C PHE D 166 7.56 34.96 54.55
N GLU D 167 8.32 36.02 54.31
CA GLU D 167 7.89 37.32 54.81
C GLU D 167 6.55 37.73 54.21
N ASN D 168 6.38 37.53 52.90
CA ASN D 168 5.11 37.86 52.27
C ASN D 168 3.97 37.02 52.83
N ILE D 169 4.20 35.72 53.04
CA ILE D 169 3.11 34.90 53.57
C ILE D 169 2.77 35.33 54.99
N GLU D 170 3.75 35.77 55.77
CA GLU D 170 3.46 36.40 57.06
C GLU D 170 2.51 37.58 56.91
N LYS D 171 2.81 38.47 55.97
CA LYS D 171 1.93 39.62 55.84
C LYS D 171 0.52 39.19 55.43
N ALA D 172 0.43 38.18 54.56
CA ALA D 172 -0.89 37.72 54.12
C ALA D 172 -1.69 37.17 55.29
N ILE D 173 -1.06 36.33 56.12
CA ILE D 173 -1.73 35.82 57.31
C ILE D 173 -2.19 36.97 58.19
N HIS D 174 -1.37 38.00 58.34
CA HIS D 174 -1.74 39.14 59.18
C HIS D 174 -3.01 39.81 58.68
N LEU D 175 -3.03 40.16 57.39
CA LEU D 175 -4.21 40.81 56.83
C LEU D 175 -5.45 39.93 56.94
N LEU D 176 -5.30 38.62 56.72
CA LEU D 176 -6.46 37.75 56.87
C LEU D 176 -6.95 37.74 58.31
N GLU D 177 -6.02 37.75 59.28
CA GLU D 177 -6.43 37.72 60.67
C GLU D 177 -7.13 39.00 61.10
N ASN D 178 -6.93 40.10 60.37
CA ASN D 178 -7.72 41.30 60.64
C ASN D 178 -8.90 41.45 59.68
N ASP D 179 -9.54 40.35 59.31
CA ASP D 179 -10.60 40.39 58.31
C ASP D 179 -11.60 39.29 58.64
N TYR D 180 -12.45 38.94 57.67
CA TYR D 180 -13.42 37.87 57.82
C TYR D 180 -13.24 36.86 56.69
N LEU D 181 -13.64 35.63 56.94
CA LEU D 181 -13.57 34.57 55.96
C LEU D 181 -14.96 34.10 55.60
N GLY D 182 -15.20 33.87 54.32
CA GLY D 182 -16.51 33.44 53.87
C GLY D 182 -17.38 34.61 53.46
N GLY D 183 -18.68 34.48 53.74
CA GLY D 183 -19.65 35.49 53.39
C GLY D 183 -20.29 36.10 54.63
N GLY D 184 -21.06 37.17 54.39
CA GLY D 184 -21.73 37.86 55.48
C GLY D 184 -20.73 38.48 56.43
N GLY D 185 -19.75 39.18 55.89
CA GLY D 185 -18.67 39.70 56.70
C GLY D 185 -18.86 41.11 57.21
N THR D 186 -19.45 41.98 56.39
CA THR D 186 -19.63 43.36 56.76
C THR D 186 -20.76 43.56 57.75
N ARG D 187 -21.25 42.47 58.34
CA ARG D 187 -22.34 42.55 59.30
C ARG D 187 -22.13 41.63 60.47
N GLY D 188 -20.96 41.03 60.63
CA GLY D 188 -20.66 40.36 61.89
C GLY D 188 -20.14 38.94 61.84
N ASN D 189 -19.87 38.40 60.65
CA ASN D 189 -19.44 37.03 60.55
C ASN D 189 -18.10 36.93 59.81
N GLY D 190 -17.26 36.00 60.27
CA GLY D 190 -16.05 35.63 59.54
C GLY D 190 -14.74 35.86 60.27
N ARG D 191 -14.74 36.46 61.45
CA ARG D 191 -13.48 36.83 62.10
C ARG D 191 -12.79 35.62 62.70
N ILE D 192 -11.54 35.38 62.29
CA ILE D 192 -10.77 34.21 62.69
C ILE D 192 -9.33 34.63 62.97
N GLN D 193 -8.55 33.71 63.51
CA GLN D 193 -7.11 33.89 63.69
C GLN D 193 -6.40 32.55 63.53
N PHE D 194 -5.08 32.61 63.46
CA PHE D 194 -4.23 31.43 63.29
C PHE D 194 -3.48 31.13 64.57
N LYS D 195 -3.17 29.84 64.78
CA LYS D 195 -2.48 29.43 65.99
C LYS D 195 -1.68 28.16 65.72
N ASP D 196 -0.68 27.95 66.59
CA ASP D 196 0.08 26.71 66.65
C ASP D 196 0.78 26.40 65.32
N THR D 197 1.28 27.44 64.65
CA THR D 197 1.95 27.22 63.38
C THR D 197 3.26 26.48 63.58
N ASN D 198 3.54 25.56 62.66
CA ASN D 198 4.73 24.72 62.73
C ASN D 198 5.36 24.63 61.35
N ILE D 199 6.68 24.54 61.32
CA ILE D 199 7.42 24.32 60.09
C ILE D 199 8.28 23.08 60.27
N GLU D 200 8.23 22.19 59.29
CA GLU D 200 8.97 20.94 59.31
C GLU D 200 9.28 20.55 57.88
N THR D 201 10.57 20.39 57.57
CA THR D 201 10.97 20.06 56.21
C THR D 201 10.71 18.59 55.99
N VAL D 202 9.88 18.28 55.00
CA VAL D 202 9.37 16.93 54.84
C VAL D 202 9.98 16.22 53.63
N VAL D 203 10.40 16.94 52.60
CA VAL D 203 11.14 16.32 51.50
C VAL D 203 12.35 17.17 51.20
N GLY D 204 13.50 16.54 51.02
CA GLY D 204 14.68 17.24 50.59
C GLY D 204 15.69 17.46 51.69
N GLU D 205 16.63 18.36 51.43
CA GLU D 205 17.79 18.60 52.29
C GLU D 205 18.01 20.08 52.49
N TYR D 206 16.96 20.82 52.84
CA TYR D 206 17.04 22.26 52.99
C TYR D 206 17.05 22.65 54.46
N ASP D 207 17.64 23.81 54.73
CA ASP D 207 17.72 24.37 56.07
C ASP D 207 16.64 25.44 56.21
N SER D 208 15.56 25.11 56.91
CA SER D 208 14.47 26.05 57.16
C SER D 208 14.05 25.99 58.61
N THR D 209 15.02 26.04 59.52
CA THR D 209 14.73 26.05 60.95
C THR D 209 14.69 27.45 61.52
N ASN D 210 15.23 28.44 60.82
CA ASN D 210 15.17 29.83 61.26
C ASN D 210 13.96 30.57 60.70
N LEU D 211 13.20 29.94 59.81
CA LEU D 211 11.98 30.56 59.31
C LEU D 211 10.92 30.61 60.40
N LYS D 212 10.08 31.64 60.35
CA LYS D 212 9.14 31.91 61.42
C LYS D 212 7.81 32.40 60.85
N ILE D 213 6.77 31.59 61.01
CA ILE D 213 5.40 31.97 60.70
C ILE D 213 4.65 32.14 62.00
N LYS D 214 4.18 33.35 62.26
CA LYS D 214 3.50 33.68 63.51
C LYS D 214 2.00 33.48 63.40
N TYR E 2 -3.30 50.27 51.67
CA TYR E 2 -4.39 49.57 52.34
C TYR E 2 -4.08 49.36 53.82
N SER E 3 -4.65 50.21 54.66
CA SER E 3 -4.41 50.14 56.10
C SER E 3 -5.69 49.87 56.84
N LYS E 4 -5.56 49.06 57.88
CA LYS E 4 -6.72 48.65 58.67
C LYS E 4 -6.68 49.32 60.02
N ILE E 5 -7.48 50.35 60.17
CA ILE E 5 -7.62 51.05 61.42
C ILE E 5 -8.74 50.36 62.19
N LYS E 6 -8.72 50.48 63.51
CA LYS E 6 -9.66 49.80 64.35
C LYS E 6 -10.33 50.79 65.29
N ILE E 7 -11.57 50.49 65.64
CA ILE E 7 -12.30 51.18 66.71
C ILE E 7 -12.75 50.11 67.69
N SER E 8 -12.68 50.41 68.97
CA SER E 8 -13.17 49.50 69.99
C SER E 8 -13.80 50.30 71.10
N GLY E 9 -14.72 49.68 71.83
CA GLY E 9 -15.30 50.39 72.95
C GLY E 9 -16.27 49.52 73.72
N THR E 10 -16.82 50.09 74.79
CA THR E 10 -17.79 49.38 75.61
C THR E 10 -19.10 50.15 75.62
N ILE E 11 -20.18 49.42 75.83
CA ILE E 11 -21.55 49.94 75.81
C ILE E 11 -22.21 49.57 77.13
N GLU E 12 -22.86 50.54 77.75
CA GLU E 12 -23.46 50.38 79.07
C GLU E 12 -24.97 50.27 78.95
N VAL E 13 -25.54 49.35 79.74
CA VAL E 13 -26.96 49.00 79.66
C VAL E 13 -27.67 49.48 80.91
N VAL E 14 -28.73 50.26 80.72
CA VAL E 14 -29.48 50.86 81.82
C VAL E 14 -30.94 50.42 81.83
N THR E 15 -31.59 50.38 80.66
CA THR E 15 -32.97 49.95 80.56
C THR E 15 -32.99 48.48 80.14
N GLY E 16 -33.74 47.66 80.90
CA GLY E 16 -33.79 46.24 80.64
C GLY E 16 -34.05 45.93 79.19
N LEU E 17 -33.03 45.44 78.50
CA LEU E 17 -33.08 45.36 77.05
C LEU E 17 -33.73 44.06 76.58
N HIS E 18 -34.43 44.16 75.45
CA HIS E 18 -35.01 42.99 74.79
C HIS E 18 -34.90 43.25 73.29
N ILE E 19 -33.83 42.73 72.69
CA ILE E 19 -33.58 42.94 71.27
C ILE E 19 -34.66 42.28 70.44
N GLY E 20 -34.76 40.95 70.51
CA GLY E 20 -35.69 40.23 69.68
C GLY E 20 -34.97 39.46 68.58
N GLY E 21 -33.80 38.92 68.91
CA GLY E 21 -33.04 38.13 67.97
C GLY E 21 -33.65 36.76 67.78
N GLY E 22 -34.55 36.36 68.68
CA GLY E 22 -35.24 35.10 68.55
C GLY E 22 -36.19 35.06 67.37
N GLY E 23 -36.51 36.23 66.80
CA GLY E 23 -37.38 36.31 65.65
C GLY E 23 -37.16 37.56 64.83
N SER E 33 -40.91 34.62 74.96
CA SER E 33 -40.12 35.55 74.15
C SER E 33 -38.68 35.62 74.67
N PRO E 34 -37.81 34.78 74.13
CA PRO E 34 -36.41 34.77 74.59
C PRO E 34 -35.52 35.76 73.86
N VAL E 35 -34.24 35.76 74.20
CA VAL E 35 -33.25 36.63 73.58
C VAL E 35 -32.22 35.75 72.87
N VAL E 36 -31.72 36.24 71.74
CA VAL E 36 -30.76 35.48 70.96
C VAL E 36 -29.51 35.20 71.79
N ARG E 37 -29.07 33.95 71.77
CA ARG E 37 -27.92 33.50 72.54
C ARG E 37 -26.99 32.71 71.65
N ASP E 38 -25.68 32.95 71.77
CA ASP E 38 -24.73 31.99 71.24
C ASP E 38 -24.72 30.74 72.12
N LEU E 39 -25.00 29.61 71.50
CA LEU E 39 -25.23 28.35 72.21
C LEU E 39 -23.94 27.71 72.69
N GLN E 40 -22.84 28.47 72.73
CA GLN E 40 -21.62 28.03 73.38
C GLN E 40 -21.56 28.45 74.85
N THR E 41 -22.09 29.64 75.18
CA THR E 41 -22.08 30.13 76.55
C THR E 41 -23.47 30.36 77.13
N LYS E 42 -24.52 30.29 76.32
CA LYS E 42 -25.89 30.55 76.77
C LYS E 42 -26.00 31.93 77.42
N LEU E 43 -25.29 32.90 76.86
CA LEU E 43 -25.32 34.27 77.34
C LEU E 43 -25.68 35.21 76.20
N PRO E 44 -26.36 36.31 76.49
CA PRO E 44 -26.90 37.15 75.42
C PRO E 44 -25.83 37.70 74.52
N ILE E 45 -26.21 37.94 73.26
CA ILE E 45 -25.34 38.54 72.26
C ILE E 45 -26.10 39.69 71.61
N ILE E 46 -25.48 40.29 70.60
CA ILE E 46 -26.11 41.28 69.76
C ILE E 46 -25.73 40.99 68.31
N PRO E 47 -26.68 40.68 67.44
CA PRO E 47 -26.36 40.56 66.03
C PRO E 47 -25.77 41.86 65.49
N GLY E 48 -24.78 41.73 64.61
CA GLY E 48 -24.21 42.90 63.99
C GLY E 48 -25.11 43.55 62.99
N SER E 49 -26.01 42.79 62.37
CA SER E 49 -27.02 43.39 61.53
C SER E 49 -27.90 44.34 62.32
N SER E 50 -28.10 44.05 63.62
CA SER E 50 -28.88 44.96 64.47
C SER E 50 -28.28 46.36 64.47
N ILE E 51 -27.04 46.47 64.95
CA ILE E 51 -26.41 47.78 65.05
C ILE E 51 -26.24 48.39 63.67
N LYS E 52 -25.82 47.58 62.70
CA LYS E 52 -25.62 48.08 61.35
C LYS E 52 -26.89 48.74 60.81
N GLY E 53 -28.00 48.02 60.86
CA GLY E 53 -29.23 48.52 60.30
C GLY E 53 -29.79 49.69 61.08
N LYS E 54 -29.68 49.65 62.41
CA LYS E 54 -30.27 50.75 63.17
C LYS E 54 -29.48 52.03 63.00
N MET E 55 -28.15 51.97 63.04
CA MET E 55 -27.36 53.15 62.72
C MET E 55 -27.65 53.61 61.30
N ARG E 56 -27.86 52.65 60.38
CA ARG E 56 -28.16 52.99 59.00
C ARG E 56 -29.45 53.80 58.91
N ASN E 57 -30.49 53.33 59.58
CA ASN E 57 -31.78 53.99 59.50
C ASN E 57 -31.75 55.38 60.14
N LEU E 58 -31.13 55.49 61.32
CA LEU E 58 -31.00 56.81 61.94
C LEU E 58 -30.24 57.78 61.05
N LEU E 59 -29.09 57.35 60.53
CA LEU E 59 -28.31 58.26 59.69
C LEU E 59 -29.06 58.64 58.43
N ALA E 60 -29.79 57.69 57.84
CA ALA E 60 -30.57 58.00 56.65
C ALA E 60 -31.67 59.01 56.97
N LYS E 61 -32.33 58.85 58.12
CA LYS E 61 -33.38 59.78 58.50
C LYS E 61 -32.82 61.18 58.73
N HIS E 62 -31.65 61.28 59.35
CA HIS E 62 -31.08 62.60 59.65
C HIS E 62 -30.94 63.44 58.38
N PHE E 63 -30.31 62.88 57.37
CA PHE E 63 -30.23 63.56 56.08
C PHE E 63 -31.53 63.36 55.31
N GLY E 64 -31.61 64.02 54.16
CA GLY E 64 -32.79 63.94 53.32
C GLY E 64 -33.11 62.54 52.83
N LEU E 65 -34.36 62.10 52.99
CA LEU E 65 -34.81 60.79 52.55
C LEU E 65 -36.00 60.98 51.62
N LYS E 66 -35.85 60.54 50.38
CA LYS E 66 -36.87 60.73 49.35
C LYS E 66 -37.82 59.55 49.32
N MET E 67 -39.10 59.84 49.06
CA MET E 67 -40.10 58.77 48.98
C MET E 67 -39.80 57.84 47.81
N LYS E 68 -39.40 58.39 46.66
CA LYS E 68 -39.03 57.55 45.54
C LYS E 68 -37.83 56.67 45.89
N GLN E 69 -36.86 57.23 46.61
CA GLN E 69 -35.73 56.43 47.09
C GLN E 69 -36.16 55.45 48.17
N GLU E 70 -37.20 55.79 48.94
CA GLU E 70 -37.75 54.83 49.90
C GLU E 70 -38.34 53.62 49.17
N SER E 71 -38.98 53.85 48.03
CA SER E 71 -39.50 52.75 47.24
C SER E 71 -38.38 51.85 46.73
N HIS E 72 -37.26 52.45 46.32
CA HIS E 72 -36.18 51.72 45.68
C HIS E 72 -35.02 51.39 46.63
N ASN E 73 -35.19 51.63 47.93
CA ASN E 73 -34.14 51.34 48.93
C ASN E 73 -32.84 52.08 48.61
N GLN E 74 -32.94 53.30 48.11
CA GLN E 74 -31.78 54.12 47.82
C GLN E 74 -31.61 55.15 48.94
N ASP E 75 -30.35 55.40 49.31
CA ASP E 75 -30.06 56.34 50.39
C ASP E 75 -29.04 57.38 49.93
N ASP E 76 -28.58 58.21 50.87
CA ASP E 76 -27.59 59.22 50.55
C ASP E 76 -26.25 58.58 50.26
N GLU E 77 -25.39 59.34 49.57
CA GLU E 77 -24.06 58.83 49.22
C GLU E 77 -23.24 58.48 50.46
N ARG E 78 -23.43 59.23 51.55
CA ARG E 78 -22.68 58.95 52.77
C ARG E 78 -23.00 57.57 53.30
N VAL E 79 -24.29 57.19 53.33
CA VAL E 79 -24.67 55.87 53.81
C VAL E 79 -24.20 54.80 52.82
N LEU E 80 -24.27 55.09 51.52
CA LEU E 80 -23.82 54.13 50.53
C LEU E 80 -22.31 53.93 50.55
N ARG E 81 -21.56 54.88 51.12
CA ARG E 81 -20.12 54.71 51.25
C ARG E 81 -19.76 54.05 52.58
N LEU E 82 -20.11 54.71 53.68
CA LEU E 82 -19.83 54.17 55.00
C LEU E 82 -20.49 52.82 55.18
N PHE E 83 -21.82 52.79 55.11
CA PHE E 83 -22.53 51.55 55.34
C PHE E 83 -22.53 50.66 54.12
N GLY E 84 -22.86 51.20 52.95
CA GLY E 84 -22.73 50.43 51.73
C GLY E 84 -23.84 49.44 51.48
N SER E 85 -24.43 49.48 50.29
CA SER E 85 -25.48 48.54 49.92
C SER E 85 -25.09 47.68 48.73
N SER E 86 -24.66 48.30 47.63
CA SER E 86 -24.18 47.59 46.45
C SER E 86 -25.22 46.63 45.88
N GLU E 87 -26.41 47.15 45.62
CA GLU E 87 -27.44 46.39 44.94
C GLU E 87 -28.10 47.15 43.79
N LYS E 88 -27.71 48.38 43.52
CA LYS E 88 -28.32 49.20 42.48
C LYS E 88 -27.59 49.11 41.15
N GLY E 89 -26.62 48.21 41.00
CA GLY E 89 -25.78 48.18 39.83
C GLY E 89 -24.53 49.03 39.94
N ASN E 90 -24.38 49.79 41.02
CA ASN E 90 -23.13 50.46 41.36
C ASN E 90 -22.58 49.84 42.63
N ILE E 91 -21.36 49.32 42.56
CA ILE E 91 -20.80 48.56 43.66
C ILE E 91 -20.42 49.50 44.79
N GLN E 92 -20.81 49.14 46.01
CA GLN E 92 -20.41 49.84 47.23
C GLN E 92 -20.12 48.80 48.30
N ARG E 93 -18.86 48.36 48.37
CA ARG E 93 -18.45 47.47 49.45
C ARG E 93 -18.28 48.27 50.74
N ALA E 94 -18.82 47.73 51.83
CA ALA E 94 -18.84 48.46 53.10
C ALA E 94 -17.44 48.65 53.65
N ARG E 95 -17.20 49.84 54.22
CA ARG E 95 -15.91 50.18 54.79
C ARG E 95 -15.89 50.07 56.30
N LEU E 96 -16.94 49.57 56.93
CA LEU E 96 -17.02 49.53 58.38
C LEU E 96 -17.53 48.15 58.79
N GLN E 97 -16.61 47.21 58.96
CA GLN E 97 -16.99 45.88 59.42
C GLN E 97 -17.40 45.98 60.88
N ILE E 98 -18.69 45.76 61.15
CA ILE E 98 -19.19 45.63 62.50
C ILE E 98 -19.20 44.17 62.86
N SER E 99 -18.63 43.83 64.00
CA SER E 99 -18.64 42.47 64.51
C SER E 99 -19.64 42.35 65.65
N ASP E 100 -20.08 41.13 65.90
CA ASP E 100 -21.02 40.87 66.96
C ASP E 100 -20.36 41.16 68.31
N ALA E 101 -21.16 41.65 69.24
CA ALA E 101 -20.65 42.10 70.53
C ALA E 101 -20.96 41.06 71.58
N PHE E 102 -19.99 40.82 72.46
CA PHE E 102 -20.15 39.93 73.60
C PHE E 102 -20.13 40.73 74.89
N PHE E 103 -20.22 40.02 76.00
CA PHE E 103 -20.09 40.64 77.31
C PHE E 103 -18.65 41.07 77.54
N SER E 104 -18.44 41.77 78.65
CA SER E 104 -17.11 41.96 79.19
C SER E 104 -16.92 41.06 80.40
N GLU E 105 -15.70 40.55 80.56
CA GLU E 105 -15.39 39.73 81.73
C GLU E 105 -15.57 40.50 83.02
N LYS E 106 -15.44 41.83 82.99
CA LYS E 106 -15.72 42.64 84.16
C LYS E 106 -17.16 42.46 84.61
N THR E 107 -18.09 42.57 83.67
CA THR E 107 -19.51 42.40 84.01
C THR E 107 -19.79 41.00 84.53
N LYS E 108 -19.20 39.99 83.89
CA LYS E 108 -19.43 38.61 84.32
C LYS E 108 -18.92 38.38 85.73
N GLU E 109 -17.72 38.90 86.04
CA GLU E 109 -17.18 38.74 87.39
C GLU E 109 -18.04 39.46 88.41
N HIS E 110 -18.50 40.68 88.09
CA HIS E 110 -19.34 41.43 89.02
C HIS E 110 -20.65 40.71 89.28
N PHE E 111 -21.29 40.20 88.22
CA PHE E 111 -22.56 39.52 88.37
C PHE E 111 -22.41 38.22 89.14
N ALA E 112 -21.34 37.47 88.87
CA ALA E 112 -21.09 36.23 89.61
C ALA E 112 -20.83 36.52 91.08
N GLN E 113 -20.08 37.58 91.38
CA GLN E 113 -19.82 37.94 92.78
C GLN E 113 -21.11 38.35 93.48
N ASN E 114 -21.98 39.10 92.81
CA ASN E 114 -23.22 39.56 93.41
C ASN E 114 -24.39 38.60 93.19
N ASP E 115 -24.19 37.53 92.41
CA ASP E 115 -25.21 36.50 92.18
C ASP E 115 -26.49 37.12 91.61
N ILE E 116 -26.36 37.64 90.38
CA ILE E 116 -27.47 38.27 89.67
C ILE E 116 -27.63 37.59 88.32
N ALA E 117 -28.87 37.26 87.97
CA ALA E 117 -29.16 36.64 86.68
C ALA E 117 -29.15 37.69 85.57
N TYR E 118 -29.16 37.21 84.33
CA TYR E 118 -29.05 38.07 83.16
C TYR E 118 -30.39 38.35 82.50
N THR E 119 -31.37 37.47 82.64
CA THR E 119 -32.65 37.57 81.96
C THR E 119 -33.77 37.76 82.99
N GLU E 120 -34.66 38.71 82.71
CA GLU E 120 -35.80 38.97 83.58
C GLU E 120 -37.06 38.32 83.03
N ARG E 141 -35.57 39.78 80.06
CA ARG E 141 -34.98 40.96 79.44
C ARG E 141 -33.53 41.15 79.90
N VAL E 142 -32.76 41.90 79.13
CA VAL E 142 -31.35 42.11 79.45
C VAL E 142 -31.25 42.97 80.70
N THR E 143 -30.76 42.37 81.79
CA THR E 143 -30.68 43.08 83.05
C THR E 143 -29.79 44.31 82.94
N ARG E 144 -30.02 45.25 83.84
CA ARG E 144 -29.35 46.54 83.81
C ARG E 144 -27.90 46.40 84.28
N GLY E 145 -27.06 47.35 83.86
CA GLY E 145 -25.69 47.41 84.31
C GLY E 145 -24.69 46.63 83.48
N SER E 146 -25.06 46.20 82.28
CA SER E 146 -24.16 45.41 81.48
C SER E 146 -23.12 46.29 80.79
N GLU E 147 -22.08 45.64 80.30
CA GLU E 147 -21.10 46.26 79.42
C GLU E 147 -20.87 45.36 78.21
N PHE E 148 -20.71 45.98 77.05
CA PHE E 148 -20.57 45.25 75.80
C PHE E 148 -19.33 45.73 75.06
N ASP E 149 -18.56 44.78 74.53
CA ASP E 149 -17.32 45.08 73.84
C ASP E 149 -17.56 45.04 72.34
N PHE E 150 -17.67 46.21 71.72
CA PHE E 150 -17.87 46.31 70.28
C PHE E 150 -16.56 46.68 69.60
N VAL E 151 -16.24 45.94 68.54
CA VAL E 151 -14.98 46.09 67.82
C VAL E 151 -15.28 46.25 66.35
N PHE E 152 -15.04 47.44 65.83
CA PHE E 152 -15.24 47.76 64.43
C PHE E 152 -13.91 47.82 63.72
N ILE E 153 -13.89 47.36 62.48
CA ILE E 153 -12.70 47.45 61.64
C ILE E 153 -13.01 48.38 60.48
N TYR E 154 -12.19 49.41 60.32
CA TYR E 154 -12.37 50.39 59.26
C TYR E 154 -11.20 50.27 58.31
N ASN E 155 -11.50 50.06 57.03
CA ASN E 155 -10.49 49.97 55.98
C ASN E 155 -10.27 51.35 55.39
N VAL E 156 -9.02 51.71 55.13
CA VAL E 156 -8.72 53.01 54.51
C VAL E 156 -8.56 52.75 53.01
N ASP E 157 -9.66 52.83 52.29
CA ASP E 157 -9.62 52.74 50.83
C ASP E 157 -9.24 54.06 50.19
N GLU E 158 -9.31 55.16 50.93
CA GLU E 158 -8.91 56.47 50.42
C GLU E 158 -8.40 57.31 51.58
N GLU E 159 -7.24 57.95 51.39
CA GLU E 159 -6.63 58.72 52.46
C GLU E 159 -7.44 59.99 52.76
N SER E 160 -7.94 60.66 51.72
CA SER E 160 -8.53 61.98 51.91
C SER E 160 -9.81 61.91 52.72
N GLN E 161 -10.74 61.04 52.33
CA GLN E 161 -12.09 61.04 52.90
C GLN E 161 -12.14 60.48 54.31
N VAL E 162 -10.98 60.22 54.93
CA VAL E 162 -10.95 59.61 56.26
C VAL E 162 -11.62 60.53 57.28
N GLU E 163 -11.28 61.83 57.25
CA GLU E 163 -11.84 62.74 58.24
C GLU E 163 -13.35 62.86 58.11
N ASP E 164 -13.84 62.99 56.88
CA ASP E 164 -15.27 63.11 56.67
C ASP E 164 -15.99 61.85 57.15
N ASP E 165 -15.45 60.68 56.81
CA ASP E 165 -16.08 59.44 57.23
C ASP E 165 -16.12 59.34 58.75
N PHE E 166 -15.03 59.69 59.42
CA PHE E 166 -15.00 59.52 60.87
C PHE E 166 -15.86 60.55 61.59
N GLU E 167 -15.95 61.79 61.08
CA GLU E 167 -16.88 62.72 61.70
C GLU E 167 -18.31 62.27 61.50
N ASN E 168 -18.63 61.69 60.34
CA ASN E 168 -19.96 61.13 60.14
C ASN E 168 -20.22 59.99 61.11
N ILE E 169 -19.23 59.12 61.34
CA ILE E 169 -19.39 58.03 62.29
C ILE E 169 -19.63 58.58 63.69
N GLU E 170 -18.93 59.67 64.03
CA GLU E 170 -19.14 60.30 65.33
C GLU E 170 -20.57 60.80 65.46
N LYS E 171 -21.09 61.42 64.41
CA LYS E 171 -22.48 61.86 64.44
C LYS E 171 -23.43 60.69 64.62
N ALA E 172 -23.19 59.60 63.89
CA ALA E 172 -24.06 58.44 63.98
C ALA E 172 -24.00 57.83 65.37
N ILE E 173 -22.82 57.79 65.98
CA ILE E 173 -22.70 57.28 67.34
C ILE E 173 -23.51 58.14 68.31
N HIS E 174 -23.44 59.47 68.15
CA HIS E 174 -24.21 60.35 69.02
C HIS E 174 -25.72 60.09 68.86
N LEU E 175 -26.18 60.02 67.61
CA LEU E 175 -27.60 59.76 67.37
C LEU E 175 -28.03 58.43 67.96
N LEU E 176 -27.22 57.39 67.80
CA LEU E 176 -27.54 56.12 68.42
C LEU E 176 -27.62 56.24 69.94
N GLU E 177 -26.68 56.97 70.52
CA GLU E 177 -26.70 57.16 71.97
C GLU E 177 -27.97 57.85 72.42
N ASN E 178 -28.56 58.66 71.54
CA ASN E 178 -29.81 59.34 71.86
C ASN E 178 -30.98 58.76 71.07
N ASP E 179 -31.02 57.44 70.92
CA ASP E 179 -32.16 56.75 70.31
C ASP E 179 -32.26 55.37 70.95
N TYR E 180 -32.99 54.45 70.30
CA TYR E 180 -33.21 53.15 70.89
C TYR E 180 -32.80 52.03 69.93
N LEU E 181 -32.27 50.97 70.51
CA LEU E 181 -31.92 49.74 69.82
C LEU E 181 -32.74 48.58 70.39
N GLY E 182 -33.33 47.79 69.52
CA GLY E 182 -34.10 46.63 69.92
C GLY E 182 -35.51 46.65 69.36
N GLY E 183 -36.23 45.56 69.65
CA GLY E 183 -37.59 45.42 69.20
C GLY E 183 -38.59 45.77 70.29
N GLY E 184 -39.61 46.54 69.91
CA GLY E 184 -40.65 46.93 70.84
C GLY E 184 -40.15 47.76 72.01
N GLY E 185 -39.17 48.61 71.78
CA GLY E 185 -38.60 49.43 72.83
C GLY E 185 -39.29 50.75 73.06
N THR E 186 -40.42 50.99 72.39
CA THR E 186 -41.13 52.27 72.46
C THR E 186 -41.95 52.42 73.73
N ARG E 187 -41.68 51.61 74.75
CA ARG E 187 -42.35 51.74 76.03
C ARG E 187 -41.37 51.94 77.18
N GLY E 188 -40.09 52.16 76.90
CA GLY E 188 -39.14 52.48 77.94
C GLY E 188 -37.85 51.69 77.91
N ASN E 189 -37.69 50.79 76.94
CA ASN E 189 -36.54 49.92 76.87
C ASN E 189 -35.70 50.20 75.62
N GLY E 190 -34.39 50.05 75.77
CA GLY E 190 -33.49 50.06 74.64
C GLY E 190 -32.66 51.30 74.44
N ARG E 191 -32.46 52.12 75.46
CA ARG E 191 -31.54 53.25 75.36
C ARG E 191 -30.32 53.00 76.22
N ILE E 192 -29.13 53.17 75.65
CA ILE E 192 -27.88 52.71 76.24
C ILE E 192 -26.77 53.72 75.94
N GLN E 193 -25.62 53.54 76.60
CA GLN E 193 -24.56 54.53 76.59
C GLN E 193 -23.27 53.98 76.01
N PHE E 194 -22.38 54.89 75.60
CA PHE E 194 -21.09 54.57 75.00
C PHE E 194 -19.97 55.00 75.94
N LYS E 195 -18.95 54.17 76.10
CA LYS E 195 -17.81 54.50 76.96
C LYS E 195 -16.55 53.82 76.46
N ASP E 196 -15.42 54.37 76.91
CA ASP E 196 -14.13 53.67 76.92
C ASP E 196 -13.72 53.19 75.52
N THR E 197 -13.38 54.15 74.67
CA THR E 197 -12.93 53.82 73.33
C THR E 197 -11.41 53.68 73.27
N ASN E 198 -10.93 53.22 72.11
CA ASN E 198 -9.50 53.13 71.84
C ASN E 198 -9.31 53.03 70.33
N ILE E 199 -8.70 54.04 69.73
CA ILE E 199 -8.55 54.12 68.27
C ILE E 199 -7.11 53.75 67.93
N GLU E 200 -6.89 52.48 67.60
CA GLU E 200 -5.57 51.96 67.34
C GLU E 200 -5.48 51.45 65.90
N THR E 201 -4.40 51.80 65.22
CA THR E 201 -4.12 51.24 63.90
C THR E 201 -3.49 49.87 64.10
N VAL E 202 -4.06 48.86 63.43
CA VAL E 202 -3.56 47.51 63.59
C VAL E 202 -2.77 47.05 62.38
N VAL E 203 -3.07 47.59 61.19
CA VAL E 203 -2.24 47.30 60.02
C VAL E 203 -2.05 48.60 59.25
N GLY E 204 -0.80 48.88 58.89
CA GLY E 204 -0.48 50.04 58.07
C GLY E 204 0.55 50.93 58.74
N GLU E 205 0.88 52.01 58.05
CA GLU E 205 1.85 53.00 58.50
C GLU E 205 1.27 54.40 58.44
N TYR E 206 0.03 54.55 58.89
CA TYR E 206 -0.69 55.82 58.85
C TYR E 206 -0.88 56.35 60.27
N ASP E 207 -0.74 57.66 60.42
CA ASP E 207 -0.88 58.30 61.73
C ASP E 207 -2.36 58.47 62.06
N SER E 208 -2.79 57.87 63.17
CA SER E 208 -4.19 57.88 63.59
C SER E 208 -4.31 58.37 65.02
N THR E 209 -3.67 59.51 65.31
CA THR E 209 -3.69 60.05 66.67
C THR E 209 -4.67 61.20 66.84
N ASN E 210 -5.09 61.83 65.76
CA ASN E 210 -5.88 63.06 65.84
C ASN E 210 -7.38 62.82 65.73
N LEU E 211 -7.82 61.56 65.77
CA LEU E 211 -9.22 61.22 65.59
C LEU E 211 -9.90 61.10 66.94
N LYS E 212 -11.23 61.10 66.93
CA LYS E 212 -11.97 60.97 68.17
C LYS E 212 -13.37 60.43 67.91
N ILE E 213 -13.77 59.46 68.75
CA ILE E 213 -15.13 58.95 68.78
C ILE E 213 -15.51 58.78 70.24
N LYS E 214 -16.29 59.72 70.77
CA LYS E 214 -16.61 59.73 72.19
C LYS E 214 -17.53 58.59 72.59
N THR F 5 -26.34 -32.64 -41.89
CA THR F 5 -25.41 -31.53 -42.02
C THR F 5 -25.60 -30.58 -40.86
N LYS F 6 -25.67 -31.13 -39.65
CA LYS F 6 -26.01 -30.32 -38.48
C LYS F 6 -24.81 -29.53 -38.00
N VAL F 7 -25.10 -28.50 -37.19
CA VAL F 7 -24.05 -27.72 -36.58
C VAL F 7 -24.20 -27.83 -35.07
N PHE F 8 -23.08 -27.70 -34.38
CA PHE F 8 -23.02 -27.84 -32.94
C PHE F 8 -22.54 -26.52 -32.34
N LYS F 9 -23.24 -26.05 -31.31
CA LYS F 9 -22.91 -24.83 -30.59
C LYS F 9 -22.39 -25.19 -29.20
N LEU F 10 -21.31 -24.52 -28.79
CA LEU F 10 -20.63 -24.79 -27.53
C LEU F 10 -20.33 -23.48 -26.81
N SER F 11 -20.70 -23.44 -25.53
CA SER F 11 -20.36 -22.33 -24.64
C SER F 11 -19.56 -22.87 -23.46
N PHE F 12 -18.56 -22.11 -23.00
CA PHE F 12 -17.52 -22.65 -22.15
C PHE F 12 -17.61 -22.24 -20.69
N LYS F 13 -17.73 -20.95 -20.39
CA LYS F 13 -17.88 -20.41 -19.04
C LYS F 13 -16.59 -20.39 -18.23
N THR F 14 -15.55 -21.05 -18.70
CA THR F 14 -14.27 -21.11 -18.02
C THR F 14 -13.16 -20.92 -19.04
N PRO F 15 -12.02 -20.41 -18.62
CA PRO F 15 -10.94 -20.19 -19.59
C PRO F 15 -10.38 -21.50 -20.12
N VAL F 16 -9.83 -21.44 -21.34
CA VAL F 16 -9.36 -22.62 -22.04
C VAL F 16 -7.91 -22.39 -22.46
N HIS F 17 -7.18 -23.50 -22.60
CA HIS F 17 -5.78 -23.47 -22.99
C HIS F 17 -5.57 -24.37 -24.19
N PHE F 18 -5.27 -23.78 -25.34
CA PHE F 18 -5.06 -24.54 -26.56
C PHE F 18 -3.58 -24.58 -26.96
N GLY F 19 -2.96 -23.44 -27.19
CA GLY F 19 -1.52 -23.40 -27.34
C GLY F 19 -0.96 -23.96 -28.63
N LYS F 20 0.22 -23.48 -29.01
CA LYS F 20 0.85 -23.85 -30.27
C LYS F 20 2.14 -24.65 -30.09
N LYS F 21 3.08 -24.14 -29.31
CA LYS F 21 4.36 -24.84 -29.13
C LYS F 21 4.69 -25.06 -27.66
N ARG F 22 4.33 -24.09 -26.80
CA ARG F 22 4.70 -24.12 -25.40
C ARG F 22 3.46 -23.87 -24.54
N LEU F 23 3.61 -24.06 -23.23
CA LEU F 23 2.53 -23.72 -22.32
C LEU F 23 2.32 -22.23 -22.16
N SER F 24 3.29 -21.41 -22.56
CA SER F 24 3.11 -19.97 -22.48
C SER F 24 2.16 -19.45 -23.55
N ASP F 25 1.79 -20.29 -24.50
CA ASP F 25 1.02 -19.83 -25.65
C ASP F 25 -0.48 -19.97 -25.38
N GLY F 26 -1.22 -18.99 -25.86
CA GLY F 26 -2.67 -19.02 -25.76
C GLY F 26 -3.29 -18.85 -27.13
N GLU F 27 -4.24 -19.73 -27.44
CA GLU F 27 -4.83 -19.76 -28.77
C GLU F 27 -6.35 -19.81 -28.64
N MET F 28 -7.02 -19.19 -29.60
CA MET F 28 -8.48 -19.10 -29.58
C MET F 28 -9.13 -20.41 -29.97
N THR F 29 -8.72 -20.99 -31.09
CA THR F 29 -9.41 -22.11 -31.70
C THR F 29 -8.50 -23.31 -31.84
N ILE F 30 -9.10 -24.46 -32.12
CA ILE F 30 -8.39 -25.70 -32.35
C ILE F 30 -8.78 -26.24 -33.72
N THR F 31 -8.21 -27.39 -34.07
CA THR F 31 -8.28 -27.93 -35.42
C THR F 31 -9.09 -29.23 -35.42
N ALA F 32 -9.55 -29.61 -36.61
CA ALA F 32 -10.31 -30.85 -36.76
C ALA F 32 -9.54 -32.06 -36.26
N ASP F 33 -8.22 -32.01 -36.27
CA ASP F 33 -7.44 -33.14 -35.80
C ASP F 33 -7.52 -33.26 -34.28
N THR F 34 -7.47 -32.13 -33.58
CA THR F 34 -7.63 -32.16 -32.13
C THR F 34 -9.00 -32.69 -31.72
N LEU F 35 -10.06 -32.31 -32.44
CA LEU F 35 -11.38 -32.79 -32.05
C LEU F 35 -11.60 -34.23 -32.47
N PHE F 36 -11.08 -34.65 -33.62
CA PHE F 36 -11.11 -36.07 -33.94
C PHE F 36 -10.40 -36.87 -32.86
N SER F 37 -9.29 -36.36 -32.37
CA SER F 37 -8.61 -36.98 -31.25
C SER F 37 -9.54 -37.11 -30.05
N ALA F 38 -10.19 -36.01 -29.68
CA ALA F 38 -11.06 -36.03 -28.51
C ALA F 38 -12.17 -37.07 -28.67
N LEU F 39 -12.82 -37.08 -29.83
CA LEU F 39 -13.93 -38.02 -30.06
C LEU F 39 -13.44 -39.45 -30.07
N PHE F 40 -12.29 -39.71 -30.67
CA PHE F 40 -11.75 -41.06 -30.69
C PHE F 40 -11.42 -41.55 -29.29
N ILE F 41 -10.79 -40.70 -28.49
CA ILE F 41 -10.44 -41.09 -27.13
C ILE F 41 -11.70 -41.35 -26.32
N GLU F 42 -12.72 -40.51 -26.48
CA GLU F 42 -13.95 -40.71 -25.73
C GLU F 42 -14.69 -41.96 -26.16
N THR F 43 -14.63 -42.33 -27.44
CA THR F 43 -15.26 -43.56 -27.88
C THR F 43 -14.54 -44.77 -27.32
N LEU F 44 -13.21 -44.78 -27.39
CA LEU F 44 -12.48 -45.87 -26.78
C LEU F 44 -12.72 -45.94 -25.29
N GLN F 45 -12.98 -44.79 -24.68
CA GLN F 45 -13.25 -44.72 -23.25
C GLN F 45 -14.64 -45.26 -22.93
N LEU F 46 -15.64 -44.94 -23.75
CA LEU F 46 -17.00 -45.41 -23.54
C LEU F 46 -17.19 -46.87 -23.90
N GLY F 47 -16.28 -47.47 -24.66
CA GLY F 47 -16.41 -48.86 -25.01
C GLY F 47 -17.24 -49.15 -26.25
N LYS F 48 -17.39 -48.18 -27.14
CA LYS F 48 -18.17 -48.36 -28.35
C LYS F 48 -17.27 -48.84 -29.50
N ASP F 49 -17.79 -48.72 -30.73
CA ASP F 49 -17.09 -49.14 -31.92
C ASP F 49 -16.57 -47.92 -32.67
N THR F 50 -15.28 -47.92 -33.00
CA THR F 50 -14.70 -46.84 -33.79
C THR F 50 -14.84 -47.08 -35.28
N ASP F 51 -15.30 -48.25 -35.70
CA ASP F 51 -15.35 -48.57 -37.12
C ASP F 51 -16.33 -47.67 -37.86
N TRP F 52 -17.49 -47.40 -37.25
CA TRP F 52 -18.51 -46.64 -37.95
C TRP F 52 -18.05 -45.22 -38.25
N LEU F 53 -17.34 -44.60 -37.32
CA LEU F 53 -16.96 -43.21 -37.44
C LEU F 53 -15.54 -43.02 -37.93
N LEU F 54 -14.78 -44.10 -38.12
CA LEU F 54 -13.46 -43.96 -38.74
C LEU F 54 -13.58 -43.53 -40.19
N ASN F 55 -14.52 -44.13 -40.93
CA ASN F 55 -14.62 -43.92 -42.38
C ASN F 55 -16.04 -43.58 -42.81
N ASP F 56 -16.77 -42.81 -41.99
CA ASP F 56 -18.05 -42.26 -42.43
C ASP F 56 -18.27 -40.81 -42.04
N LEU F 57 -17.44 -40.21 -41.19
CA LEU F 57 -17.69 -38.89 -40.64
C LEU F 57 -16.77 -37.86 -41.27
N ILE F 58 -17.33 -36.70 -41.59
CA ILE F 58 -16.58 -35.54 -42.07
C ILE F 58 -16.78 -34.42 -41.07
N ILE F 59 -15.68 -33.85 -40.58
CA ILE F 59 -15.69 -32.82 -39.56
C ILE F 59 -15.03 -31.59 -40.15
N SER F 60 -15.34 -30.43 -39.59
CA SER F 60 -14.73 -29.17 -39.98
C SER F 60 -13.97 -28.59 -38.80
N ASP F 61 -13.35 -27.44 -39.02
CA ASP F 61 -12.63 -26.77 -37.96
C ASP F 61 -13.60 -26.16 -36.96
N THR F 62 -13.06 -25.69 -35.85
CA THR F 62 -13.85 -24.92 -34.92
C THR F 62 -13.96 -23.49 -35.42
N PHE F 63 -15.08 -22.85 -35.13
CA PHE F 63 -15.17 -21.47 -35.56
C PHE F 63 -15.79 -20.62 -34.46
N PRO F 64 -15.44 -19.35 -34.39
CA PRO F 64 -16.03 -18.45 -33.38
C PRO F 64 -17.45 -18.03 -33.72
N TYR F 65 -18.25 -17.77 -32.68
CA TYR F 65 -19.50 -17.06 -32.86
C TYR F 65 -19.70 -16.08 -31.72
N GLU F 66 -20.50 -15.06 -32.00
CA GLU F 66 -20.92 -14.00 -31.09
C GLU F 66 -22.44 -14.00 -31.03
N ASN F 67 -23.00 -12.93 -30.46
CA ASN F 67 -24.39 -12.92 -30.00
C ASN F 67 -25.36 -13.58 -30.99
N GLU F 68 -25.47 -13.01 -32.19
CA GLU F 68 -26.29 -13.62 -33.23
C GLU F 68 -25.56 -13.67 -34.56
N LEU F 69 -24.25 -13.86 -34.53
CA LEU F 69 -23.40 -13.69 -35.69
C LEU F 69 -22.45 -14.89 -35.80
N TYR F 70 -22.01 -15.17 -37.02
CA TYR F 70 -21.12 -16.29 -37.32
C TYR F 70 -19.98 -15.83 -38.21
N TYR F 71 -18.84 -16.52 -38.08
CA TYR F 71 -17.64 -16.16 -38.83
C TYR F 71 -17.07 -17.40 -39.52
N LEU F 72 -16.37 -17.18 -40.61
CA LEU F 72 -15.73 -18.23 -41.38
C LEU F 72 -14.35 -17.77 -41.80
N PRO F 73 -13.41 -18.70 -42.02
CA PRO F 73 -12.03 -18.31 -42.30
C PRO F 73 -11.91 -17.55 -43.61
N LYS F 74 -10.85 -16.77 -43.69
CA LYS F 74 -10.62 -15.93 -44.85
C LYS F 74 -10.21 -16.79 -46.03
N PRO F 75 -10.94 -16.77 -47.14
CA PRO F 75 -10.50 -17.51 -48.32
C PRO F 75 -9.28 -16.88 -48.95
N LEU F 76 -8.49 -17.69 -49.64
CA LEU F 76 -7.26 -17.26 -50.29
C LEU F 76 -7.50 -16.91 -51.75
N ILE F 77 -8.50 -16.09 -52.02
CA ILE F 77 -8.85 -15.74 -53.39
C ILE F 77 -7.83 -14.79 -53.99
N ASP F 85 -7.47 -3.50 -53.37
CA ASP F 85 -6.60 -2.41 -53.76
C ASP F 85 -5.82 -1.87 -52.57
N ASN F 86 -6.49 -1.78 -51.42
CA ASN F 86 -5.82 -1.30 -50.21
C ASN F 86 -4.69 -2.22 -49.79
N HIS F 87 -4.92 -3.53 -49.85
CA HIS F 87 -3.93 -4.56 -49.51
C HIS F 87 -3.23 -4.28 -48.18
N LYS F 88 -3.91 -3.57 -47.28
CA LYS F 88 -3.33 -3.26 -45.98
C LYS F 88 -4.30 -3.58 -44.85
N ALA F 89 -5.60 -3.54 -45.15
CA ALA F 89 -6.61 -3.81 -44.13
C ALA F 89 -7.05 -5.27 -44.12
N PHE F 90 -7.17 -5.87 -45.30
CA PHE F 90 -7.60 -7.26 -45.37
C PHE F 90 -6.59 -8.18 -44.68
N LYS F 91 -5.30 -7.87 -44.80
CA LYS F 91 -4.25 -8.69 -44.21
C LYS F 91 -4.33 -8.75 -42.69
N LYS F 92 -5.06 -7.83 -42.07
CA LYS F 92 -5.25 -7.86 -40.63
C LYS F 92 -6.55 -8.55 -40.23
N LEU F 93 -7.15 -9.32 -41.12
CA LEU F 93 -8.44 -9.96 -40.89
C LEU F 93 -8.27 -11.48 -40.92
N LYS F 94 -8.94 -12.16 -40.00
CA LYS F 94 -8.88 -13.62 -39.94
C LYS F 94 -10.21 -14.28 -40.26
N TYR F 95 -11.33 -13.66 -39.93
CA TYR F 95 -12.64 -14.27 -40.12
C TYR F 95 -13.63 -13.28 -40.72
N VAL F 96 -14.53 -13.78 -41.55
CA VAL F 96 -15.49 -12.96 -42.27
C VAL F 96 -16.90 -13.41 -41.91
N PRO F 97 -17.83 -12.50 -41.67
CA PRO F 97 -19.18 -12.91 -41.29
C PRO F 97 -19.93 -13.58 -42.43
N VAL F 98 -20.86 -14.45 -42.04
CA VAL F 98 -21.54 -15.31 -43.01
C VAL F 98 -22.39 -14.49 -43.96
N HIS F 99 -23.13 -13.52 -43.44
CA HIS F 99 -23.99 -12.70 -44.28
C HIS F 99 -23.23 -12.05 -45.43
N HIS F 100 -21.96 -11.77 -45.23
CA HIS F 100 -21.13 -11.09 -46.21
C HIS F 100 -20.23 -12.05 -46.97
N TYR F 101 -20.31 -13.34 -46.66
CA TYR F 101 -19.38 -14.32 -47.22
C TYR F 101 -19.44 -14.30 -48.74
N ASN F 102 -20.64 -14.45 -49.31
CA ASN F 102 -20.79 -14.35 -50.76
C ASN F 102 -20.32 -12.99 -51.25
N GLN F 103 -20.71 -11.93 -50.55
CA GLN F 103 -20.30 -10.59 -50.97
C GLN F 103 -18.79 -10.46 -50.94
N TYR F 104 -18.13 -11.22 -50.06
CA TYR F 104 -16.68 -11.19 -50.04
C TYR F 104 -16.09 -11.76 -51.33
N LEU F 105 -16.65 -12.86 -51.82
CA LEU F 105 -16.05 -13.52 -52.97
C LEU F 105 -16.34 -12.81 -54.28
N ASN F 106 -17.26 -11.86 -54.29
CA ASN F 106 -17.58 -11.11 -55.48
C ASN F 106 -16.98 -9.71 -55.48
N GLY F 107 -16.11 -9.40 -54.52
CA GLY F 107 -15.49 -8.09 -54.47
C GLY F 107 -16.43 -6.96 -54.08
N GLU F 108 -17.48 -7.27 -53.34
CA GLU F 108 -18.45 -6.25 -52.92
C GLU F 108 -18.17 -5.68 -51.54
N LEU F 109 -17.02 -6.00 -50.95
CA LEU F 109 -16.70 -5.51 -49.62
C LEU F 109 -15.69 -4.36 -49.71
N SER F 110 -16.00 -3.26 -49.02
CA SER F 110 -15.19 -2.06 -49.07
C SER F 110 -14.29 -1.95 -47.84
N ALA F 111 -13.33 -1.03 -47.92
CA ALA F 111 -12.32 -0.91 -46.86
C ALA F 111 -12.94 -0.43 -45.55
N GLU F 112 -13.85 0.54 -45.61
CA GLU F 112 -14.46 1.04 -44.38
C GLU F 112 -15.28 -0.04 -43.68
N ASP F 113 -16.00 -0.84 -44.47
CA ASP F 113 -16.75 -1.95 -43.90
C ASP F 113 -15.81 -2.94 -43.23
N ALA F 114 -14.69 -3.25 -43.88
CA ALA F 114 -13.73 -4.17 -43.30
C ALA F 114 -13.16 -3.63 -42.00
N THR F 115 -12.85 -2.33 -41.96
CA THR F 115 -12.32 -1.75 -40.73
C THR F 115 -13.35 -1.81 -39.60
N ASP F 116 -14.61 -1.54 -39.90
CA ASP F 116 -15.66 -1.69 -38.89
C ASP F 116 -15.71 -3.14 -38.40
N LEU F 117 -15.60 -4.09 -39.32
CA LEU F 117 -15.56 -5.49 -38.94
C LEU F 117 -14.42 -5.75 -37.97
N ASN F 118 -13.21 -5.29 -38.31
CA ASN F 118 -12.09 -5.48 -37.38
C ASN F 118 -12.41 -4.89 -36.02
N ASP F 119 -13.12 -3.75 -35.99
CA ASP F 119 -13.47 -3.15 -34.71
C ASP F 119 -14.39 -4.05 -33.90
N ILE F 120 -15.38 -4.67 -34.55
CA ILE F 120 -16.44 -5.36 -33.81
C ILE F 120 -16.03 -6.76 -33.35
N PHE F 121 -14.87 -7.25 -33.77
CA PHE F 121 -14.55 -8.68 -33.67
C PHE F 121 -13.88 -9.08 -32.37
N ASN F 122 -14.14 -8.39 -31.27
CA ASN F 122 -13.55 -8.78 -29.99
C ASN F 122 -14.43 -9.83 -29.31
N ILE F 123 -13.89 -11.05 -29.14
CA ILE F 123 -14.67 -12.14 -28.58
C ILE F 123 -13.96 -12.79 -27.41
N GLY F 124 -13.11 -12.05 -26.72
CA GLY F 124 -12.45 -12.58 -25.56
C GLY F 124 -11.07 -11.97 -25.40
N TYR F 125 -10.37 -12.44 -24.37
CA TYR F 125 -9.06 -11.89 -24.02
C TYR F 125 -8.14 -12.99 -23.51
N PHE F 126 -6.90 -12.60 -23.23
CA PHE F 126 -5.78 -13.49 -22.97
C PHE F 126 -5.23 -13.24 -21.57
N SER F 127 -4.63 -14.26 -20.96
CA SER F 127 -4.09 -14.08 -19.62
C SER F 127 -3.01 -15.13 -19.33
N LEU F 128 -1.87 -14.67 -18.82
CA LEU F 128 -0.77 -15.54 -18.42
C LEU F 128 -0.84 -15.74 -16.91
N GLN F 129 -1.33 -16.90 -16.51
CA GLN F 129 -1.44 -17.23 -15.08
C GLN F 129 -0.14 -17.84 -14.61
N THR F 130 0.43 -17.26 -13.57
CA THR F 130 1.69 -17.71 -13.00
C THR F 130 1.44 -18.65 -11.83
N LYS F 131 2.31 -19.64 -11.70
CA LYS F 131 2.16 -20.68 -10.70
C LYS F 131 3.55 -21.08 -10.23
N VAL F 132 3.59 -22.01 -9.27
CA VAL F 132 4.83 -22.49 -8.68
C VAL F 132 4.78 -24.01 -8.60
N SER F 133 5.91 -24.58 -8.21
CA SER F 133 6.00 -26.00 -7.93
C SER F 133 6.86 -26.20 -6.70
N LEU F 134 6.29 -26.82 -5.68
CA LEU F 134 7.01 -27.12 -4.46
C LEU F 134 7.21 -28.62 -4.26
N ILE F 135 6.80 -29.45 -5.22
CA ILE F 135 6.99 -30.89 -5.12
C ILE F 135 8.46 -31.28 -5.16
N ALA F 136 9.34 -30.30 -5.37
CA ALA F 136 10.77 -30.55 -5.48
C ALA F 136 11.36 -30.78 -4.09
N GLN F 137 12.69 -30.69 -3.98
CA GLN F 137 13.35 -30.91 -2.71
C GLN F 137 12.89 -29.90 -1.66
N GLU F 138 11.96 -29.02 -2.05
CA GLU F 138 11.23 -28.23 -1.06
C GLU F 138 10.58 -29.13 -0.02
N THR F 139 10.11 -30.30 -0.45
CA THR F 139 9.67 -31.31 0.50
C THR F 139 10.83 -31.77 1.38
N ASP F 140 12.03 -31.85 0.80
CA ASP F 140 13.19 -32.32 1.55
C ASP F 140 13.74 -31.23 2.46
N SER F 141 14.18 -30.13 1.88
CA SER F 141 14.89 -29.08 2.59
C SER F 141 14.88 -27.83 1.73
N SER F 142 15.79 -26.90 2.01
CA SER F 142 15.99 -25.74 1.16
C SER F 142 16.17 -26.17 -0.29
N ALA F 143 15.27 -25.72 -1.14
CA ALA F 143 15.35 -25.94 -2.58
C ALA F 143 14.55 -24.85 -3.27
N ASP F 144 15.07 -24.36 -4.38
CA ASP F 144 14.44 -23.25 -5.07
C ASP F 144 13.09 -23.65 -5.63
N SER F 145 12.13 -22.73 -5.57
CA SER F 145 10.85 -22.93 -6.21
C SER F 145 10.98 -22.71 -7.72
N GLU F 146 9.99 -23.18 -8.46
CA GLU F 146 10.02 -23.17 -9.93
C GLU F 146 8.76 -22.53 -10.47
N PRO F 147 8.72 -21.21 -10.55
CA PRO F 147 7.58 -20.53 -11.17
C PRO F 147 7.44 -20.89 -12.63
N TYR F 148 6.24 -21.28 -13.03
CA TYR F 148 5.92 -21.51 -14.44
C TYR F 148 4.68 -20.74 -14.80
N SER F 149 4.32 -20.78 -16.08
CA SER F 149 3.27 -19.94 -16.62
C SER F 149 2.38 -20.75 -17.54
N VAL F 150 1.08 -20.59 -17.40
CA VAL F 150 0.09 -21.18 -18.30
C VAL F 150 -0.64 -20.04 -18.99
N GLY F 151 -1.06 -20.27 -20.23
CA GLY F 151 -1.77 -19.28 -21.01
C GLY F 151 -3.22 -19.67 -21.18
N THR F 152 -4.11 -18.71 -20.97
CA THR F 152 -5.54 -18.98 -21.02
C THR F 152 -6.26 -17.93 -21.85
N PHE F 153 -7.33 -18.35 -22.49
CA PHE F 153 -8.23 -17.48 -23.23
C PHE F 153 -9.60 -17.51 -22.57
N THR F 154 -10.24 -16.34 -22.46
CA THR F 154 -11.53 -16.24 -21.81
C THR F 154 -12.53 -15.56 -22.73
N PHE F 155 -13.75 -16.10 -22.77
CA PHE F 155 -14.84 -15.66 -23.62
C PHE F 155 -15.73 -14.66 -22.89
N GLU F 156 -16.37 -13.78 -23.67
CA GLU F 156 -17.49 -12.99 -23.17
C GLU F 156 -18.72 -13.88 -23.01
N PRO F 157 -19.74 -13.41 -22.28
CA PRO F 157 -20.85 -14.31 -21.92
C PRO F 157 -21.61 -14.89 -23.10
N GLU F 158 -21.55 -14.27 -24.28
CA GLU F 158 -22.35 -14.71 -25.42
C GLU F 158 -21.53 -15.10 -26.63
N ALA F 159 -20.24 -15.40 -26.47
CA ALA F 159 -19.42 -15.93 -27.55
C ALA F 159 -19.07 -17.39 -27.27
N GLY F 160 -18.56 -18.05 -28.30
CA GLY F 160 -18.19 -19.45 -28.14
C GLY F 160 -17.77 -20.08 -29.44
N LEU F 161 -17.91 -21.41 -29.51
CA LEU F 161 -17.44 -22.18 -30.65
C LEU F 161 -18.58 -22.92 -31.35
N TYR F 162 -18.44 -23.15 -32.65
CA TYR F 162 -19.38 -23.99 -33.40
C TYR F 162 -18.64 -24.88 -34.39
N PHE F 163 -19.25 -26.03 -34.67
CA PHE F 163 -18.69 -27.07 -35.53
C PHE F 163 -19.74 -27.48 -36.56
N ILE F 164 -19.28 -28.08 -37.66
CA ILE F 164 -20.14 -28.60 -38.71
C ILE F 164 -19.86 -30.08 -38.90
N ALA F 165 -20.91 -30.90 -38.91
CA ALA F 165 -20.75 -32.33 -39.16
C ALA F 165 -21.84 -32.83 -40.09
N LYS F 166 -21.48 -33.80 -40.92
CA LYS F 166 -22.36 -34.24 -42.00
C LYS F 166 -22.20 -35.73 -42.24
N GLY F 167 -23.19 -36.30 -42.91
CA GLY F 167 -23.32 -37.70 -43.16
C GLY F 167 -24.77 -38.11 -43.02
N SER F 168 -24.98 -39.41 -42.75
CA SER F 168 -26.33 -39.93 -42.61
C SER F 168 -26.89 -39.59 -41.23
N GLU F 169 -28.11 -40.06 -40.97
CA GLU F 169 -28.74 -39.78 -39.69
C GLU F 169 -28.16 -40.65 -38.58
N GLU F 170 -27.81 -41.90 -38.90
CA GLU F 170 -27.30 -42.81 -37.88
C GLU F 170 -25.96 -42.34 -37.33
N THR F 171 -25.04 -41.97 -38.22
CA THR F 171 -23.74 -41.48 -37.78
C THR F 171 -23.88 -40.25 -36.90
N LEU F 172 -24.81 -39.37 -37.24
CA LEU F 172 -24.96 -38.15 -36.47
C LEU F 172 -25.68 -38.41 -35.15
N ASP F 173 -26.51 -39.45 -35.06
CA ASP F 173 -27.02 -39.85 -33.76
C ASP F 173 -25.91 -40.35 -32.85
N HIS F 174 -25.00 -41.15 -33.42
CA HIS F 174 -23.80 -41.54 -32.69
C HIS F 174 -23.03 -40.31 -32.21
N LEU F 175 -22.89 -39.31 -33.08
CA LEU F 175 -22.17 -38.10 -32.72
C LEU F 175 -22.89 -37.34 -31.60
N ASN F 176 -24.21 -37.30 -31.63
CA ASN F 176 -25.00 -36.73 -30.54
C ASN F 176 -24.62 -37.38 -29.22
N ASN F 177 -24.62 -38.71 -29.21
CA ASN F 177 -24.30 -39.42 -27.98
C ASN F 177 -22.89 -39.08 -27.52
N ILE F 178 -21.95 -39.02 -28.46
CA ILE F 178 -20.55 -38.77 -28.10
C ILE F 178 -20.38 -37.37 -27.51
N MET F 179 -21.04 -36.37 -28.08
CA MET F 179 -20.94 -35.03 -27.52
C MET F 179 -21.60 -34.94 -26.15
N THR F 180 -22.74 -35.61 -25.97
CA THR F 180 -23.39 -35.63 -24.66
C THR F 180 -22.47 -36.22 -23.60
N ALA F 181 -21.75 -37.29 -23.94
CA ALA F 181 -20.79 -37.84 -22.99
C ALA F 181 -19.60 -36.90 -22.79
N LEU F 182 -19.12 -36.28 -23.88
CA LEU F 182 -17.87 -35.53 -23.84
C LEU F 182 -17.99 -34.21 -23.08
N GLN F 183 -19.19 -33.64 -23.01
CA GLN F 183 -19.31 -32.29 -22.46
C GLN F 183 -18.88 -32.18 -20.99
N TYR F 184 -18.44 -33.30 -20.39
CA TYR F 184 -17.99 -33.31 -19.01
C TYR F 184 -16.49 -33.49 -18.86
N SER F 185 -15.81 -34.02 -19.87
CA SER F 185 -14.37 -33.87 -19.99
C SER F 185 -14.09 -32.50 -20.61
N GLY F 186 -12.85 -32.25 -21.04
CA GLY F 186 -12.46 -30.98 -21.57
C GLY F 186 -11.98 -31.08 -23.01
N LEU F 187 -11.59 -29.92 -23.55
CA LEU F 187 -11.11 -29.85 -24.92
C LEU F 187 -9.79 -29.11 -25.03
N GLY F 188 -8.93 -29.22 -24.04
CA GLY F 188 -7.70 -28.49 -24.13
C GLY F 188 -6.50 -29.10 -23.45
N GLY F 189 -5.78 -28.27 -22.73
CA GLY F 189 -4.49 -28.62 -22.18
C GLY F 189 -4.68 -29.05 -20.76
N LYS F 190 -4.52 -28.12 -19.83
CA LYS F 190 -4.50 -28.46 -18.42
C LYS F 190 -5.91 -28.81 -17.96
N ARG F 191 -6.52 -29.82 -18.57
CA ARG F 191 -7.91 -30.15 -18.27
C ARG F 191 -8.06 -30.59 -16.83
N ASN F 192 -7.16 -31.43 -16.36
CA ASN F 192 -7.20 -31.92 -15.00
C ASN F 192 -6.81 -30.88 -13.98
N ALA F 193 -6.56 -29.64 -14.41
CA ALA F 193 -6.27 -28.53 -13.52
C ALA F 193 -7.41 -27.55 -13.41
N GLY F 194 -8.47 -27.72 -14.20
CA GLY F 194 -9.66 -26.89 -14.05
C GLY F 194 -9.99 -26.01 -15.22
N TYR F 195 -9.63 -26.43 -16.43
CA TYR F 195 -9.77 -25.57 -17.60
C TYR F 195 -10.56 -26.30 -18.67
N GLY F 196 -11.47 -25.58 -19.32
CA GLY F 196 -12.05 -26.01 -20.57
C GLY F 196 -13.23 -26.94 -20.53
N GLN F 197 -14.31 -26.59 -19.83
CA GLN F 197 -15.54 -27.36 -19.92
C GLN F 197 -16.64 -26.54 -20.59
N PHE F 198 -17.68 -27.22 -21.04
CA PHE F 198 -18.61 -26.60 -21.98
C PHE F 198 -19.98 -27.27 -21.88
N GLU F 199 -20.97 -26.57 -22.45
CA GLU F 199 -22.31 -27.09 -22.68
C GLU F 199 -22.70 -26.82 -24.13
N TYR F 200 -23.49 -27.72 -24.72
CA TYR F 200 -23.70 -27.70 -26.15
C TYR F 200 -25.16 -27.78 -26.52
N GLU F 201 -25.42 -27.46 -27.80
CA GLU F 201 -26.75 -27.49 -28.38
C GLU F 201 -26.60 -27.84 -29.85
N ILE F 202 -27.65 -28.44 -30.42
CA ILE F 202 -27.65 -28.88 -31.81
C ILE F 202 -28.53 -27.93 -32.61
N ILE F 203 -27.98 -27.35 -33.67
CA ILE F 203 -28.63 -26.27 -34.40
C ILE F 203 -28.65 -26.59 -35.89
N ASN F 204 -29.70 -26.12 -36.55
CA ASN F 204 -29.78 -26.04 -38.01
C ASN F 204 -30.22 -24.62 -38.36
N ASN F 205 -29.25 -23.80 -38.75
CA ASN F 205 -29.50 -22.46 -39.24
C ASN F 205 -29.78 -22.50 -40.74
N GLN F 206 -30.64 -21.59 -41.21
CA GLN F 206 -31.00 -21.58 -42.62
C GLN F 206 -29.83 -21.14 -43.49
N GLN F 207 -29.15 -20.06 -43.12
CA GLN F 207 -28.12 -19.52 -43.99
C GLN F 207 -26.88 -20.39 -44.01
N LEU F 208 -26.61 -21.12 -42.91
CA LEU F 208 -25.54 -22.12 -42.95
C LEU F 208 -25.83 -23.18 -44.01
N SER F 209 -27.06 -23.68 -44.05
CA SER F 209 -27.42 -24.65 -45.07
C SER F 209 -27.35 -24.03 -46.45
N LYS F 210 -27.68 -22.75 -46.59
CA LYS F 210 -27.63 -22.11 -47.89
C LYS F 210 -26.20 -22.00 -48.40
N LEU F 211 -25.27 -21.57 -47.55
CA LEU F 211 -23.87 -21.53 -47.97
C LEU F 211 -23.34 -22.92 -48.26
N LEU F 212 -23.68 -23.91 -47.42
CA LEU F 212 -23.15 -25.25 -47.63
C LEU F 212 -23.66 -25.91 -48.90
N ASN F 213 -24.72 -25.37 -49.51
CA ASN F 213 -25.35 -25.98 -50.67
C ASN F 213 -25.25 -25.09 -51.90
N GLN F 214 -24.09 -24.48 -52.11
CA GLN F 214 -23.91 -23.62 -53.26
C GLN F 214 -23.55 -24.46 -54.49
N ASN F 215 -23.14 -23.78 -55.56
CA ASN F 215 -22.72 -24.44 -56.80
C ASN F 215 -21.78 -23.50 -57.53
N GLY F 216 -20.54 -23.92 -57.73
CA GLY F 216 -19.53 -23.08 -58.35
C GLY F 216 -18.50 -23.92 -59.06
N LYS F 217 -17.28 -23.38 -59.17
CA LYS F 217 -16.21 -24.07 -59.85
C LYS F 217 -14.99 -24.32 -58.97
N HIS F 218 -14.75 -23.49 -57.97
CA HIS F 218 -13.65 -23.67 -57.03
C HIS F 218 -14.18 -24.34 -55.77
N SER F 219 -13.31 -24.43 -54.76
CA SER F 219 -13.71 -25.04 -53.51
C SER F 219 -12.89 -24.49 -52.37
N ILE F 220 -13.56 -24.23 -51.23
CA ILE F 220 -12.92 -23.73 -50.03
C ILE F 220 -12.89 -24.83 -49.00
N LEU F 221 -11.74 -25.01 -48.37
CA LEU F 221 -11.53 -26.06 -47.39
C LEU F 221 -11.86 -25.56 -46.00
N LEU F 222 -12.67 -26.33 -45.27
CA LEU F 222 -13.03 -26.01 -43.89
C LEU F 222 -12.38 -26.97 -42.90
N SER F 223 -11.31 -27.64 -43.30
CA SER F 223 -10.66 -28.61 -42.44
C SER F 223 -9.18 -28.65 -42.79
N THR F 224 -8.45 -29.54 -42.12
CA THR F 224 -7.05 -29.81 -42.45
C THR F 224 -6.94 -31.23 -43.00
N ALA F 225 -6.44 -31.36 -44.23
CA ALA F 225 -6.44 -32.63 -44.92
C ALA F 225 -5.19 -32.75 -45.78
N MET F 226 -4.88 -33.98 -46.16
CA MET F 226 -3.77 -34.26 -47.05
C MET F 226 -4.22 -35.22 -48.14
N ALA F 227 -3.72 -34.99 -49.35
CA ALA F 227 -4.03 -35.86 -50.47
C ALA F 227 -3.29 -37.19 -50.34
N LYS F 228 -3.93 -38.24 -50.81
CA LYS F 228 -3.27 -39.52 -50.93
C LYS F 228 -2.20 -39.45 -52.01
N LYS F 229 -1.26 -40.38 -51.97
CA LYS F 229 -0.18 -40.41 -52.95
C LYS F 229 -0.71 -40.36 -54.38
N GLU F 230 -1.49 -41.36 -54.76
CA GLU F 230 -1.87 -41.54 -56.17
C GLU F 230 -2.66 -40.35 -56.74
N GLU F 231 -3.00 -39.36 -55.94
CA GLU F 231 -3.74 -38.20 -56.44
C GLU F 231 -3.02 -36.88 -56.26
N ILE F 232 -1.91 -36.84 -55.53
CA ILE F 232 -1.28 -35.55 -55.25
C ILE F 232 -0.86 -34.87 -56.53
N GLU F 233 -0.34 -35.64 -57.49
CA GLU F 233 0.11 -35.05 -58.74
C GLU F 233 -1.02 -34.33 -59.46
N SER F 234 -2.26 -34.78 -59.28
CA SER F 234 -3.39 -34.11 -59.91
C SER F 234 -4.11 -33.17 -58.96
N ALA F 235 -3.73 -33.13 -57.69
CA ALA F 235 -4.39 -32.24 -56.75
C ALA F 235 -3.91 -30.80 -56.92
N LEU F 236 -2.62 -30.62 -57.21
CA LEU F 236 -1.98 -29.31 -57.19
C LEU F 236 -1.89 -28.69 -58.57
N LYS F 237 -2.86 -28.93 -59.44
CA LYS F 237 -2.79 -28.36 -60.78
C LYS F 237 -2.88 -26.84 -60.73
N GLU F 238 -3.85 -26.31 -60.01
CA GLU F 238 -3.98 -24.86 -59.83
C GLU F 238 -4.54 -24.65 -58.43
N ALA F 239 -3.66 -24.38 -57.47
CA ALA F 239 -4.07 -24.34 -56.08
C ALA F 239 -3.39 -23.19 -55.37
N ARG F 240 -3.97 -22.81 -54.24
CA ARG F 240 -3.44 -21.75 -53.39
C ARG F 240 -3.59 -22.22 -51.96
N TYR F 241 -2.48 -22.55 -51.30
CA TYR F 241 -2.57 -23.26 -50.04
C TYR F 241 -1.45 -22.83 -49.11
N ILE F 242 -1.47 -23.39 -47.90
CA ILE F 242 -0.45 -23.16 -46.88
C ILE F 242 -0.12 -24.50 -46.24
N LEU F 243 1.18 -24.81 -46.15
CA LEU F 243 1.64 -25.99 -45.45
C LEU F 243 2.05 -25.62 -44.03
N THR F 244 1.51 -26.32 -43.06
CA THR F 244 1.84 -26.09 -41.66
C THR F 244 2.26 -27.41 -41.05
N LYS F 245 3.47 -27.44 -40.49
CA LYS F 245 3.94 -28.64 -39.80
C LYS F 245 3.15 -28.84 -38.52
N ARG F 246 2.72 -30.07 -38.29
CA ARG F 246 1.93 -30.41 -37.11
C ARG F 246 2.62 -31.54 -36.36
N SER F 247 3.19 -31.24 -35.20
CA SER F 247 3.89 -32.20 -34.38
C SER F 247 3.36 -32.15 -32.96
N GLY F 248 3.76 -33.11 -32.15
CA GLY F 248 3.34 -33.12 -30.78
C GLY F 248 3.66 -34.43 -30.11
N PHE F 249 3.09 -34.60 -28.92
CA PHE F 249 3.34 -35.75 -28.07
C PHE F 249 2.10 -36.62 -28.03
N VAL F 250 2.27 -37.89 -27.65
CA VAL F 250 1.15 -38.83 -27.69
C VAL F 250 0.59 -39.02 -26.29
N GLN F 251 -0.62 -39.58 -26.19
CA GLN F 251 -1.18 -40.02 -24.93
C GLN F 251 -1.22 -41.55 -24.88
N SER F 252 -0.27 -42.15 -24.16
CA SER F 252 -0.21 -43.60 -23.89
C SER F 252 -0.02 -44.45 -25.15
N THR F 253 1.18 -44.35 -25.75
CA THR F 253 1.68 -45.34 -26.70
C THR F 253 2.59 -46.39 -26.08
N ASN F 254 3.68 -45.98 -25.44
CA ASN F 254 4.72 -46.89 -24.99
C ASN F 254 5.16 -46.46 -23.58
N TYR F 255 6.32 -46.96 -23.14
CA TYR F 255 6.73 -46.76 -21.76
C TYR F 255 7.09 -45.32 -21.48
N SER F 256 8.14 -44.81 -22.12
CA SER F 256 8.55 -43.44 -21.89
C SER F 256 7.70 -42.50 -22.73
N GLU F 257 7.13 -41.49 -22.08
CA GLU F 257 6.44 -40.46 -22.85
C GLU F 257 7.41 -39.71 -23.73
N MET F 258 8.58 -39.35 -23.20
CA MET F 258 9.56 -38.57 -23.96
C MET F 258 10.05 -39.35 -25.18
N LEU F 259 10.29 -40.64 -25.01
CA LEU F 259 10.71 -41.46 -26.15
C LEU F 259 9.62 -41.60 -27.20
N VAL F 260 8.37 -41.26 -26.87
CA VAL F 260 7.28 -41.30 -27.82
C VAL F 260 6.91 -39.88 -28.18
N LYS F 261 7.08 -39.53 -29.45
CA LYS F 261 6.70 -38.23 -29.97
C LYS F 261 6.34 -38.42 -31.42
N LYS F 262 5.20 -37.85 -31.84
CA LYS F 262 4.66 -38.15 -33.16
C LYS F 262 5.62 -37.73 -34.27
N SER F 263 5.65 -38.52 -35.32
CA SER F 263 6.40 -38.15 -36.51
C SER F 263 5.74 -36.95 -37.16
N ASP F 264 6.56 -36.06 -37.70
CA ASP F 264 6.08 -34.79 -38.20
C ASP F 264 5.16 -35.00 -39.38
N PHE F 265 4.20 -34.10 -39.55
CA PHE F 265 3.25 -34.18 -40.64
C PHE F 265 2.98 -32.79 -41.19
N TYR F 266 2.69 -32.72 -42.47
CA TYR F 266 2.40 -31.48 -43.16
C TYR F 266 1.03 -31.57 -43.81
N SER F 267 0.25 -30.50 -43.69
CA SER F 267 -1.11 -30.50 -44.18
C SER F 267 -1.51 -29.10 -44.58
N PHE F 268 -2.53 -29.02 -45.42
CA PHE F 268 -3.05 -27.75 -45.88
C PHE F 268 -3.84 -27.07 -44.77
N SER F 269 -4.04 -25.77 -44.91
CA SER F 269 -4.70 -25.00 -43.88
C SER F 269 -6.19 -24.86 -44.22
N SER F 270 -6.88 -23.99 -43.50
CA SER F 270 -8.33 -23.93 -43.54
C SER F 270 -8.87 -22.77 -44.38
N GLY F 271 -8.08 -22.23 -45.29
CA GLY F 271 -8.59 -21.21 -46.19
C GLY F 271 -8.22 -21.57 -47.61
N SER F 272 -7.73 -22.79 -47.75
CA SER F 272 -7.19 -23.26 -49.01
C SER F 272 -8.24 -23.25 -50.10
N VAL F 273 -7.84 -22.97 -51.33
CA VAL F 273 -8.73 -23.05 -52.48
C VAL F 273 -8.14 -24.02 -53.51
N PHE F 274 -8.95 -24.99 -53.92
CA PHE F 274 -8.52 -26.07 -54.80
C PHE F 274 -9.44 -26.15 -56.01
N LYS F 275 -8.86 -26.16 -57.20
CA LYS F 275 -9.65 -26.33 -58.41
C LYS F 275 -10.05 -27.78 -58.61
N ASN F 276 -9.21 -28.72 -58.17
CA ASN F 276 -9.49 -30.14 -58.33
C ASN F 276 -9.61 -30.79 -56.96
N ILE F 277 -10.75 -31.43 -56.70
CA ILE F 277 -11.03 -32.01 -55.40
C ILE F 277 -10.20 -33.27 -55.21
N PHE F 278 -9.90 -33.58 -53.95
CA PHE F 278 -9.37 -34.89 -53.58
C PHE F 278 -10.10 -35.41 -52.36
N ASN F 279 -10.25 -36.72 -52.30
CA ASN F 279 -10.58 -37.35 -51.04
C ASN F 279 -9.32 -37.43 -50.19
N GLY F 280 -9.51 -37.62 -48.88
CA GLY F 280 -8.42 -37.64 -47.95
C GLY F 280 -8.07 -39.04 -47.48
N ASP F 281 -7.52 -39.10 -46.28
CA ASP F 281 -7.25 -40.36 -45.61
C ASP F 281 -6.95 -40.05 -44.15
N ILE F 282 -7.14 -41.04 -43.30
CA ILE F 282 -6.67 -40.97 -41.93
C ILE F 282 -5.27 -41.58 -41.89
N PHE F 283 -4.28 -40.75 -41.58
CA PHE F 283 -2.88 -41.10 -41.79
C PHE F 283 -2.25 -41.63 -40.52
N ASN F 284 -1.38 -42.62 -40.68
CA ASN F 284 -0.65 -43.20 -39.57
C ASN F 284 0.63 -42.42 -39.33
N VAL F 285 0.79 -41.94 -38.09
CA VAL F 285 1.98 -41.20 -37.72
C VAL F 285 2.67 -41.89 -36.55
N GLY F 286 2.59 -43.22 -36.50
CA GLY F 286 3.20 -44.00 -35.45
C GLY F 286 4.42 -44.75 -35.94
N HIS F 287 5.32 -45.03 -35.00
CA HIS F 287 6.55 -45.77 -35.29
C HIS F 287 7.12 -46.24 -33.96
N ASN F 288 7.49 -47.52 -33.90
CA ASN F 288 7.98 -48.12 -32.67
C ASN F 288 7.00 -47.90 -31.52
N GLY F 289 5.74 -48.17 -31.81
CA GLY F 289 4.69 -48.13 -30.81
C GLY F 289 3.93 -49.44 -30.79
N LYS F 290 3.01 -49.54 -29.84
CA LYS F 290 2.20 -50.75 -29.74
C LYS F 290 0.97 -50.67 -30.62
N HIS F 291 0.38 -49.48 -30.76
CA HIS F 291 -0.88 -49.29 -31.44
C HIS F 291 -0.82 -48.04 -32.30
N PRO F 292 -1.61 -47.99 -33.38
CA PRO F 292 -1.48 -46.88 -34.33
C PRO F 292 -1.93 -45.56 -33.75
N VAL F 293 -1.37 -44.49 -34.29
CA VAL F 293 -1.71 -43.13 -33.90
C VAL F 293 -2.16 -42.42 -35.16
N TYR F 294 -3.41 -41.97 -35.16
CA TYR F 294 -4.05 -41.47 -36.37
C TYR F 294 -4.05 -39.96 -36.40
N ARG F 295 -3.84 -39.42 -37.57
CA ARG F 295 -4.10 -38.01 -37.83
C ARG F 295 -5.27 -37.94 -38.81
N TYR F 296 -6.19 -37.03 -38.54
CA TYR F 296 -7.33 -36.85 -39.42
C TYR F 296 -6.93 -35.98 -40.60
N ALA F 297 -7.27 -36.43 -41.81
CA ALA F 297 -7.08 -35.60 -43.00
C ALA F 297 -8.15 -36.01 -44.02
N LYS F 298 -9.29 -35.34 -43.96
CA LYS F 298 -10.35 -35.58 -44.93
C LYS F 298 -11.09 -34.27 -45.11
N PRO F 299 -11.21 -33.79 -46.34
CA PRO F 299 -11.70 -32.43 -46.55
C PRO F 299 -13.22 -32.29 -46.46
N LEU F 300 -13.63 -31.11 -46.00
CA LEU F 300 -15.03 -30.71 -45.95
C LEU F 300 -15.15 -29.43 -46.76
N TRP F 301 -15.79 -29.52 -47.92
CA TRP F 301 -15.78 -28.45 -48.91
C TRP F 301 -16.94 -27.50 -48.76
N LEU F 302 -16.74 -26.28 -49.24
CA LEU F 302 -17.85 -25.43 -49.66
C LEU F 302 -17.51 -24.86 -51.02
N GLU F 303 -18.41 -25.03 -51.97
CA GLU F 303 -18.10 -24.89 -53.39
C GLU F 303 -18.51 -23.51 -53.88
N VAL F 304 -17.70 -22.50 -53.55
CA VAL F 304 -17.93 -21.18 -54.11
C VAL F 304 -16.65 -20.36 -54.08
N MET G 1 43.72 -6.14 -67.80
CA MET G 1 42.52 -5.50 -67.28
C MET G 1 41.32 -5.78 -68.17
N ASN G 2 40.40 -6.61 -67.67
CA ASN G 2 39.18 -6.88 -68.40
C ASN G 2 38.38 -5.60 -68.59
N LYS G 3 37.75 -5.48 -69.76
CA LYS G 3 37.07 -4.23 -70.10
C LYS G 3 35.90 -3.93 -69.17
N LYS G 4 35.27 -4.95 -68.60
CA LYS G 4 34.23 -4.71 -67.61
C LYS G 4 34.75 -3.83 -66.49
N ASN G 5 35.94 -4.15 -65.97
CA ASN G 5 36.54 -3.33 -64.94
C ASN G 5 36.80 -1.93 -65.45
N ILE G 6 37.14 -1.79 -66.74
CA ILE G 6 37.44 -0.47 -67.27
C ILE G 6 36.20 0.41 -67.23
N LEU G 7 35.08 -0.13 -67.69
CA LEU G 7 33.82 0.60 -67.58
C LEU G 7 33.47 0.90 -66.14
N MET G 8 33.59 -0.10 -65.26
CA MET G 8 33.17 0.10 -63.88
C MET G 8 33.98 1.20 -63.20
N TYR G 9 35.29 1.20 -63.42
CA TYR G 9 36.16 2.21 -62.83
C TYR G 9 35.90 3.59 -63.42
N GLY G 10 35.79 3.67 -64.75
CA GLY G 10 35.42 4.96 -65.30
C GLY G 10 34.01 5.38 -64.93
N SER G 11 33.24 4.49 -64.33
CA SER G 11 31.86 4.76 -64.00
C SER G 11 31.68 5.33 -62.59
N LEU G 12 32.29 4.73 -61.56
CA LEU G 12 32.07 5.24 -60.20
C LEU G 12 32.50 6.70 -60.07
N LEU G 13 33.68 7.03 -60.56
CA LEU G 13 34.29 8.32 -60.27
C LEU G 13 34.14 9.31 -61.42
N HIS G 14 33.23 9.03 -62.36
CA HIS G 14 33.10 9.88 -63.54
C HIS G 14 32.54 11.26 -63.21
N ASP G 15 32.11 11.49 -61.98
CA ASP G 15 31.46 12.74 -61.60
C ASP G 15 32.10 13.37 -60.37
N ILE G 16 33.44 13.48 -60.38
CA ILE G 16 34.21 13.99 -59.24
C ILE G 16 34.75 15.39 -59.49
N GLY G 17 34.91 15.78 -60.75
CA GLY G 17 35.27 17.15 -61.05
C GLY G 17 34.28 18.14 -60.48
N LYS G 18 33.04 17.70 -60.26
CA LYS G 18 32.05 18.54 -59.60
C LYS G 18 32.50 18.91 -58.19
N ILE G 19 33.03 17.95 -57.44
CA ILE G 19 33.58 18.28 -56.13
C ILE G 19 34.80 19.16 -56.26
N ILE G 20 35.70 18.84 -57.19
CA ILE G 20 36.90 19.67 -57.26
C ILE G 20 36.57 21.08 -57.71
N TYR G 21 35.39 21.28 -58.28
CA TYR G 21 34.93 22.62 -58.65
C TYR G 21 34.20 23.29 -57.49
N ARG G 22 33.52 22.50 -56.66
CA ARG G 22 32.86 23.07 -55.48
C ARG G 22 33.86 23.44 -54.40
N SER G 23 35.01 22.75 -54.36
CA SER G 23 36.01 22.99 -53.33
C SER G 23 36.71 24.34 -53.50
N GLY G 24 36.67 24.91 -54.69
CA GLY G 24 37.28 26.21 -54.89
C GLY G 24 38.78 26.21 -55.01
N ASP G 25 39.41 25.04 -55.10
CA ASP G 25 40.85 24.96 -55.30
C ASP G 25 41.18 25.59 -56.64
N HIS G 26 41.87 26.73 -56.60
CA HIS G 26 42.12 27.52 -57.81
C HIS G 26 42.92 26.75 -58.86
N THR G 27 43.63 25.70 -58.45
CA THR G 27 44.43 24.93 -59.41
C THR G 27 43.55 24.22 -60.43
N PHE G 28 42.43 23.65 -59.99
CA PHE G 28 41.62 22.80 -60.85
C PHE G 28 40.14 23.12 -60.70
N SER G 29 39.78 24.41 -60.71
CA SER G 29 38.39 24.83 -60.61
C SER G 29 38.08 25.94 -61.60
N ARG G 30 38.58 25.82 -62.83
CA ARG G 30 38.36 26.85 -63.84
C ARG G 30 37.52 26.37 -65.01
N GLY G 31 37.54 25.07 -65.32
CA GLY G 31 36.88 24.53 -66.47
C GLY G 31 35.72 23.62 -66.14
N THR G 32 35.23 22.93 -67.16
CA THR G 32 34.11 22.03 -67.00
C THR G 32 34.48 20.86 -66.09
N HIS G 33 33.48 20.31 -65.40
CA HIS G 33 33.74 19.37 -64.32
C HIS G 33 34.44 18.11 -64.83
N SER G 34 34.13 17.66 -66.04
CA SER G 34 34.77 16.46 -66.56
C SER G 34 36.28 16.64 -66.69
N LYS G 35 36.73 17.74 -67.31
CA LYS G 35 38.16 17.95 -67.43
C LYS G 35 38.80 18.31 -66.12
N LEU G 36 38.07 18.95 -65.20
CA LEU G 36 38.64 19.15 -63.87
C LEU G 36 38.94 17.82 -63.20
N GLY G 37 38.00 16.88 -63.25
CA GLY G 37 38.25 15.56 -62.68
C GLY G 37 39.36 14.82 -63.38
N HIS G 38 39.42 14.91 -64.71
CA HIS G 38 40.50 14.27 -65.46
C HIS G 38 41.85 14.86 -65.07
N GLN G 39 41.93 16.18 -64.94
CA GLN G 39 43.19 16.81 -64.55
C GLN G 39 43.58 16.39 -63.14
N PHE G 40 42.62 16.30 -62.23
CA PHE G 40 42.93 15.85 -60.87
C PHE G 40 43.50 14.44 -60.89
N LEU G 41 42.82 13.51 -61.56
CA LEU G 41 43.23 12.11 -61.52
C LEU G 41 44.44 11.82 -62.41
N SER G 42 44.78 12.74 -63.32
CA SER G 42 45.97 12.55 -64.15
C SER G 42 47.27 12.67 -63.36
N GLN G 43 47.19 12.87 -62.03
CA GLN G 43 48.38 12.90 -61.21
C GLN G 43 48.79 11.50 -60.77
N PHE G 44 47.93 10.80 -60.05
CA PHE G 44 48.27 9.60 -59.32
C PHE G 44 48.69 8.48 -60.27
N SER G 45 49.71 7.72 -59.85
CA SER G 45 50.31 6.71 -60.73
C SER G 45 49.44 5.47 -60.85
N GLU G 46 48.75 5.09 -59.76
CA GLU G 46 47.94 3.88 -59.80
C GLU G 46 46.77 4.02 -60.77
N PHE G 47 46.13 5.18 -60.79
CA PHE G 47 44.92 5.42 -61.57
C PHE G 47 45.21 5.80 -63.02
N LYS G 48 46.38 5.43 -63.54
CA LYS G 48 46.80 5.87 -64.87
C LYS G 48 46.25 4.97 -65.98
N ASP G 49 45.16 4.26 -65.73
CA ASP G 49 44.48 3.54 -66.80
C ASP G 49 44.00 4.53 -67.85
N ASN G 50 44.43 4.31 -69.10
CA ASN G 50 44.16 5.28 -70.16
C ASN G 50 42.68 5.30 -70.54
N GLU G 51 42.09 4.11 -70.72
CA GLU G 51 40.68 4.05 -71.08
C GLU G 51 39.79 4.57 -69.95
N VAL G 52 40.25 4.48 -68.71
CA VAL G 52 39.50 5.07 -67.61
C VAL G 52 39.50 6.59 -67.72
N LEU G 53 40.64 7.18 -68.10
CA LEU G 53 40.68 8.61 -68.35
C LEU G 53 39.73 8.99 -69.48
N ASP G 54 39.72 8.21 -70.56
CA ASP G 54 38.79 8.46 -71.65
C ASP G 54 37.35 8.39 -71.15
N ASN G 55 37.04 7.40 -70.34
CA ASN G 55 35.68 7.25 -69.81
C ASN G 55 35.28 8.46 -69.00
N VAL G 56 36.18 8.95 -68.13
CA VAL G 56 35.80 10.01 -67.21
C VAL G 56 35.79 11.38 -67.87
N ALA G 57 36.47 11.55 -69.00
CA ALA G 57 36.59 12.88 -69.56
C ALA G 57 35.35 13.36 -70.31
N TYR G 58 34.44 12.47 -70.70
CA TYR G 58 33.41 12.83 -71.68
C TYR G 58 32.02 12.26 -71.33
N HIS G 59 31.58 12.37 -70.08
CA HIS G 59 30.33 11.71 -69.72
C HIS G 59 29.10 12.56 -70.05
N HIS G 60 29.19 13.46 -71.01
CA HIS G 60 28.12 14.38 -71.35
C HIS G 60 27.97 14.45 -72.86
N TYR G 61 27.21 15.43 -73.35
CA TYR G 61 26.82 15.43 -74.75
C TYR G 61 27.93 15.99 -75.64
N LYS G 62 28.26 17.27 -75.46
CA LYS G 62 29.21 17.93 -76.36
C LYS G 62 30.56 17.24 -76.36
N GLU G 63 30.98 16.74 -75.19
CA GLU G 63 32.29 16.11 -75.08
C GLU G 63 32.42 14.97 -76.07
N LEU G 64 31.42 14.08 -76.12
CA LEU G 64 31.41 13.04 -77.15
C LEU G 64 31.12 13.60 -78.53
N ALA G 65 30.42 14.72 -78.62
CA ALA G 65 30.12 15.28 -79.93
C ALA G 65 31.37 15.77 -80.63
N LYS G 66 32.42 16.14 -79.89
CA LYS G 66 33.63 16.66 -80.49
C LYS G 66 34.84 15.76 -80.27
N ALA G 67 34.65 14.52 -79.83
CA ALA G 67 35.78 13.67 -79.46
C ALA G 67 36.09 12.57 -80.45
N ASN G 68 35.19 12.31 -81.41
CA ASN G 68 35.32 11.32 -82.47
C ASN G 68 36.10 10.08 -82.03
N LEU G 69 35.57 9.43 -80.98
CA LEU G 69 36.17 8.23 -80.44
C LEU G 69 35.93 7.04 -81.36
N ASP G 70 36.52 5.91 -81.00
CA ASP G 70 36.35 4.69 -81.77
C ASP G 70 34.96 4.09 -81.51
N ASN G 71 34.64 3.04 -82.27
CA ASN G 71 33.31 2.44 -82.17
C ASN G 71 33.14 1.63 -80.89
N ASP G 72 34.22 1.07 -80.36
CA ASP G 72 34.16 0.31 -79.12
C ASP G 72 34.97 1.06 -78.06
N ASN G 73 34.26 1.86 -77.25
CA ASN G 73 34.87 2.56 -76.13
C ASN G 73 33.76 3.03 -75.23
N THR G 74 33.93 2.82 -73.95
CA THR G 74 32.84 2.89 -72.98
C THR G 74 32.31 4.27 -72.76
N ALA G 75 32.74 5.33 -73.43
CA ALA G 75 32.17 6.65 -73.15
C ALA G 75 30.70 6.74 -73.57
N TYR G 76 30.35 6.07 -74.67
CA TYR G 76 28.95 6.05 -75.11
C TYR G 76 28.05 5.35 -74.09
N ILE G 77 28.46 4.16 -73.64
CA ILE G 77 27.66 3.43 -72.66
C ILE G 77 27.63 4.17 -71.33
N THR G 78 28.71 4.89 -71.01
CA THR G 78 28.69 5.77 -69.85
C THR G 78 27.62 6.84 -70.00
N TYR G 79 27.55 7.44 -71.19
CA TYR G 79 26.55 8.47 -71.45
C TYR G 79 25.15 7.92 -71.24
N ILE G 80 24.90 6.73 -71.78
CA ILE G 80 23.56 6.16 -71.72
C ILE G 80 23.17 5.83 -70.28
N ALA G 81 24.07 5.18 -69.54
CA ALA G 81 23.76 4.84 -68.16
C ALA G 81 23.57 6.10 -67.32
N ASP G 82 24.42 7.10 -67.52
CA ASP G 82 24.28 8.36 -66.81
C ASP G 82 22.90 8.95 -67.04
N ASN G 83 22.46 8.97 -68.30
CA ASN G 83 21.16 9.54 -68.61
C ASN G 83 20.03 8.76 -67.94
N ILE G 84 20.08 7.43 -68.00
CA ILE G 84 19.00 6.65 -67.42
C ILE G 84 18.95 6.84 -65.90
N ALA G 85 20.11 6.95 -65.26
CA ALA G 85 20.13 7.18 -63.82
C ALA G 85 19.62 8.56 -63.46
N SER G 86 19.93 9.57 -64.28
CA SER G 86 19.59 10.94 -63.93
C SER G 86 18.09 11.13 -63.83
N GLY G 87 17.34 10.58 -64.77
CA GLY G 87 15.89 10.74 -64.79
C GLY G 87 15.46 12.16 -65.07
N SER G 153 32.31 26.95 -47.08
CA SER G 153 32.36 26.04 -48.22
C SER G 153 33.74 25.40 -48.32
N GLY G 154 34.63 25.77 -47.41
CA GLY G 154 35.99 25.24 -47.47
C GLY G 154 36.08 23.77 -47.15
N ASN G 155 35.06 23.21 -46.51
CA ASN G 155 35.09 21.79 -46.18
C ASN G 155 35.31 20.93 -47.40
N TYR G 156 34.82 21.36 -48.57
CA TYR G 156 35.12 20.64 -49.80
C TYR G 156 36.62 20.73 -50.13
N THR G 157 37.24 21.88 -49.86
CA THR G 157 38.68 21.99 -50.08
C THR G 157 39.44 21.05 -49.17
N THR G 158 39.05 20.99 -47.89
CA THR G 158 39.65 20.03 -46.97
C THR G 158 39.44 18.61 -47.49
N LEU G 159 38.24 18.33 -48.01
CA LEU G 159 37.94 17.01 -48.51
C LEU G 159 38.83 16.65 -49.68
N MET G 160 39.16 17.61 -50.54
CA MET G 160 39.97 17.27 -51.70
C MET G 160 41.45 17.17 -51.34
N LYS G 161 41.92 17.92 -50.35
CA LYS G 161 43.22 17.61 -49.76
C LYS G 161 43.27 16.16 -49.28
N ASP G 162 42.27 15.76 -48.47
CA ASP G 162 42.23 14.40 -47.96
C ASP G 162 42.13 13.39 -49.08
N MET G 163 41.40 13.73 -50.13
CA MET G 163 41.25 12.85 -51.29
C MET G 163 42.59 12.63 -51.98
N SER G 164 43.36 13.72 -52.16
CA SER G 164 44.67 13.59 -52.77
C SER G 164 45.57 12.67 -51.96
N HIS G 165 45.58 12.89 -50.63
CA HIS G 165 46.41 12.07 -49.77
C HIS G 165 46.02 10.59 -49.88
N ASP G 166 44.72 10.31 -49.77
CA ASP G 166 44.26 8.92 -49.82
C ASP G 166 44.56 8.27 -51.16
N LEU G 167 44.32 8.99 -52.25
CA LEU G 167 44.55 8.40 -53.57
C LEU G 167 46.03 8.13 -53.81
N GLU G 168 46.91 9.02 -53.38
CA GLU G 168 48.33 8.74 -53.61
C GLU G 168 48.90 7.73 -52.63
N HIS G 169 48.25 7.48 -51.50
CA HIS G 169 48.84 6.63 -50.47
C HIS G 169 48.14 5.29 -50.28
N LYS G 170 46.85 5.28 -49.99
CA LYS G 170 46.22 4.10 -49.40
C LYS G 170 45.79 3.05 -50.43
N LEU G 171 45.01 3.44 -51.43
CA LEU G 171 44.27 2.49 -52.25
C LEU G 171 45.16 1.82 -53.28
N SER G 172 44.67 0.68 -53.79
CA SER G 172 45.28 -0.04 -54.90
C SER G 172 44.31 -0.04 -56.08
N ILE G 173 44.87 -0.17 -57.29
CA ILE G 173 44.07 -0.04 -58.52
C ILE G 173 43.86 -1.38 -59.23
N LYS G 174 44.55 -2.43 -58.82
CA LYS G 174 44.48 -3.69 -59.56
C LYS G 174 43.08 -4.28 -59.47
N GLU G 175 42.87 -5.38 -60.20
CA GLU G 175 41.59 -6.05 -60.19
C GLU G 175 41.24 -6.51 -58.78
N GLY G 176 39.95 -6.51 -58.47
CA GLY G 176 39.50 -6.87 -57.16
C GLY G 176 39.59 -5.78 -56.13
N THR G 177 40.18 -4.63 -56.47
CA THR G 177 40.19 -3.48 -55.58
C THR G 177 38.93 -2.63 -55.72
N PHE G 178 38.05 -2.98 -56.66
CA PHE G 178 36.85 -2.19 -56.86
C PHE G 178 35.95 -2.12 -55.64
N PRO G 179 35.68 -3.21 -54.91
CA PRO G 179 34.91 -3.05 -53.66
C PRO G 179 35.56 -2.09 -52.67
N SER G 180 36.89 -2.14 -52.54
CA SER G 180 37.56 -1.21 -51.64
C SER G 180 37.36 0.22 -52.11
N LEU G 181 37.46 0.45 -53.41
CA LEU G 181 37.19 1.78 -53.93
C LEU G 181 35.77 2.19 -53.63
N LEU G 182 34.85 1.24 -53.66
CA LEU G 182 33.45 1.54 -53.39
C LEU G 182 33.25 2.00 -51.96
N GLN G 183 33.79 1.25 -51.00
CA GLN G 183 33.68 1.70 -49.60
C GLN G 183 34.37 3.03 -49.39
N TRP G 184 35.49 3.26 -50.07
CA TRP G 184 36.17 4.54 -49.92
C TRP G 184 35.27 5.69 -50.38
N THR G 185 34.69 5.57 -51.58
CA THR G 185 33.80 6.60 -52.08
C THR G 185 32.60 6.79 -51.17
N GLU G 186 32.07 5.70 -50.62
CA GLU G 186 30.95 5.81 -49.71
C GLU G 186 31.32 6.57 -48.46
N SER G 187 32.41 6.17 -47.79
CA SER G 187 32.79 6.78 -46.53
C SER G 187 33.14 8.25 -46.70
N LEU G 188 33.65 8.63 -47.88
CA LEU G 188 33.97 10.03 -48.08
C LEU G 188 32.74 10.85 -48.49
N TRP G 189 31.94 10.34 -49.42
CA TRP G 189 30.98 11.15 -50.14
C TRP G 189 29.55 11.01 -49.64
N GLN G 190 29.30 10.28 -48.56
CA GLN G 190 27.91 9.98 -48.20
C GLN G 190 27.10 11.22 -47.80
N TYR G 191 27.68 12.42 -47.85
CA TYR G 191 26.95 13.63 -47.51
C TYR G 191 27.12 14.76 -48.51
N VAL G 192 28.00 14.62 -49.49
CA VAL G 192 28.22 15.69 -50.46
C VAL G 192 26.91 15.98 -51.20
N PRO G 193 26.52 17.23 -51.40
CA PRO G 193 25.30 17.48 -52.17
C PRO G 193 25.47 17.04 -53.60
N SER G 194 24.55 16.18 -54.04
CA SER G 194 24.66 15.56 -55.37
C SER G 194 24.59 16.60 -56.48
N SER G 195 23.70 17.57 -56.35
CA SER G 195 23.66 18.69 -57.28
C SER G 195 22.91 19.84 -56.63
N THR G 196 23.13 21.02 -57.18
CA THR G 196 22.53 22.26 -56.66
C THR G 196 21.63 22.91 -57.72
N ASN G 197 20.96 22.09 -58.53
CA ASN G 197 20.11 22.61 -59.58
C ASN G 197 18.98 23.44 -58.99
N LYS G 198 18.77 24.63 -59.56
CA LYS G 198 17.74 25.54 -59.05
C LYS G 198 16.33 25.07 -59.38
N ASN G 199 16.16 24.29 -60.43
CA ASN G 199 14.84 23.84 -60.87
C ASN G 199 14.51 22.44 -60.39
N GLN G 200 15.34 21.85 -59.53
CA GLN G 200 15.15 20.48 -59.06
C GLN G 200 15.32 20.42 -57.55
N LEU G 201 14.66 19.44 -56.95
CA LEU G 201 14.80 19.14 -55.53
C LEU G 201 15.73 17.95 -55.38
N ILE G 202 16.91 18.19 -54.80
CA ILE G 202 17.99 17.19 -54.79
C ILE G 202 18.00 16.55 -53.41
N ASP G 203 17.22 15.48 -53.25
CA ASP G 203 17.20 14.69 -52.03
C ASP G 203 18.16 13.51 -52.10
N ILE G 204 19.21 13.60 -52.90
CA ILE G 204 20.14 12.51 -53.11
C ILE G 204 21.55 13.01 -52.79
N SER G 205 22.42 12.07 -52.44
CA SER G 205 23.83 12.35 -52.27
C SER G 205 24.58 12.01 -53.56
N LEU G 206 25.84 12.40 -53.62
CA LEU G 206 26.64 12.12 -54.82
C LEU G 206 26.95 10.63 -54.93
N TYR G 207 26.98 9.96 -53.78
CA TYR G 207 27.22 8.52 -53.75
C TYR G 207 26.17 7.76 -54.56
N ASP G 208 24.91 8.15 -54.43
CA ASP G 208 23.83 7.43 -55.11
C ASP G 208 23.87 7.64 -56.62
N HIS G 209 24.05 8.88 -57.07
CA HIS G 209 24.22 9.13 -58.50
C HIS G 209 25.34 8.29 -59.08
N SER G 210 26.52 8.34 -58.47
CA SER G 210 27.64 7.59 -59.02
C SER G 210 27.37 6.07 -59.02
N ARG G 211 26.86 5.55 -57.91
CA ARG G 211 26.70 4.11 -57.76
C ARG G 211 25.64 3.56 -58.71
N ILE G 212 24.50 4.25 -58.80
CA ILE G 212 23.46 3.75 -59.70
C ILE G 212 23.86 3.96 -61.15
N THR G 213 24.65 4.99 -61.44
CA THR G 213 25.21 5.09 -62.78
C THR G 213 26.04 3.85 -63.10
N CYS G 214 26.82 3.38 -62.14
CA CYS G 214 27.60 2.17 -62.36
C CYS G 214 26.72 0.95 -62.59
N ALA G 215 25.70 0.79 -61.76
CA ALA G 215 24.84 -0.38 -61.88
C ALA G 215 24.16 -0.41 -63.25
N ILE G 216 23.63 0.73 -63.68
CA ILE G 216 23.01 0.82 -64.99
C ILE G 216 24.02 0.55 -66.10
N ALA G 217 25.24 1.07 -65.94
CA ALA G 217 26.25 0.87 -66.97
C ALA G 217 26.58 -0.59 -67.13
N SER G 218 26.78 -1.30 -66.02
CA SER G 218 27.14 -2.70 -66.11
C SER G 218 26.00 -3.51 -66.72
N CYS G 219 24.75 -3.19 -66.35
CA CYS G 219 23.63 -3.93 -66.92
C CYS G 219 23.49 -3.68 -68.42
N ILE G 220 23.60 -2.42 -68.84
CA ILE G 220 23.55 -2.12 -70.27
C ILE G 220 24.65 -2.86 -71.00
N PHE G 221 25.84 -2.95 -70.39
CA PHE G 221 26.91 -3.65 -71.09
C PHE G 221 26.64 -5.14 -71.19
N ASP G 222 26.13 -5.74 -70.12
CA ASP G 222 25.80 -7.16 -70.21
C ASP G 222 24.83 -7.40 -71.35
N TYR G 223 23.81 -6.55 -71.46
CA TYR G 223 22.83 -6.71 -72.52
C TYR G 223 23.46 -6.53 -73.90
N LEU G 224 24.18 -5.43 -74.11
CA LEU G 224 24.73 -5.15 -75.44
C LEU G 224 25.75 -6.19 -75.86
N ASN G 225 26.62 -6.62 -74.96
CA ASN G 225 27.66 -7.56 -75.33
C ASN G 225 27.11 -8.97 -75.53
N GLU G 226 26.20 -9.41 -74.65
CA GLU G 226 25.73 -10.78 -74.74
C GLU G 226 25.03 -11.07 -76.06
N ASN G 227 24.49 -10.06 -76.73
CA ASN G 227 23.79 -10.27 -77.98
C ASN G 227 24.70 -10.02 -79.18
N ASN G 228 26.01 -9.96 -78.96
CA ASN G 228 27.01 -9.96 -80.03
C ASN G 228 26.88 -8.74 -80.94
N ILE G 229 26.79 -7.57 -80.32
CA ILE G 229 26.88 -6.30 -81.04
C ILE G 229 28.22 -5.67 -80.72
N HIS G 230 28.89 -5.14 -81.75
CA HIS G 230 30.17 -4.49 -81.57
C HIS G 230 30.18 -3.02 -81.97
N ASN G 231 29.15 -2.53 -82.63
CA ASN G 231 29.10 -1.14 -83.08
C ASN G 231 28.30 -0.31 -82.08
N TYR G 232 28.88 -0.18 -80.88
CA TYR G 232 28.19 0.47 -79.78
C TYR G 232 27.73 1.88 -80.13
N LYS G 233 28.53 2.59 -80.92
CA LYS G 233 28.21 3.97 -81.23
C LYS G 233 26.90 4.09 -82.00
N ASP G 234 26.76 3.35 -83.10
CA ASP G 234 25.56 3.46 -83.91
C ASP G 234 24.34 3.01 -83.14
N GLU G 235 24.48 1.96 -82.34
CA GLU G 235 23.33 1.45 -81.58
C GLU G 235 22.90 2.43 -80.50
N LEU G 236 23.84 3.12 -79.86
CA LEU G 236 23.50 4.02 -78.77
C LEU G 236 23.69 5.49 -79.12
N PHE G 237 23.97 5.80 -80.38
CA PHE G 237 24.09 7.19 -80.80
C PHE G 237 23.86 7.33 -82.30
N LYS G 244 16.79 7.30 -77.90
CA LYS G 244 15.38 7.09 -77.56
C LYS G 244 14.90 5.72 -78.00
N SER G 245 15.26 5.33 -79.23
CA SER G 245 14.81 4.06 -79.76
C SER G 245 15.30 2.90 -78.92
N PHE G 246 16.56 2.95 -78.48
CA PHE G 246 17.03 1.93 -77.56
C PHE G 246 16.37 2.08 -76.20
N TYR G 247 16.03 3.30 -75.81
CA TYR G 247 15.49 3.52 -74.47
C TYR G 247 14.20 2.75 -74.24
N GLN G 248 13.49 2.41 -75.32
CA GLN G 248 12.21 1.73 -75.19
C GLN G 248 12.31 0.21 -75.19
N LYS G 249 13.48 -0.34 -75.48
CA LYS G 249 13.61 -1.79 -75.54
C LYS G 249 13.62 -2.40 -74.15
N GLU G 250 13.12 -3.63 -74.04
CA GLU G 250 13.03 -4.33 -72.77
C GLU G 250 14.43 -4.78 -72.39
N ALA G 251 15.22 -3.84 -71.87
CA ALA G 251 16.65 -4.00 -71.75
C ALA G 251 17.07 -4.76 -70.49
N PHE G 252 16.52 -4.39 -69.34
CA PHE G 252 17.05 -4.92 -68.09
C PHE G 252 15.90 -5.38 -67.21
N LEU G 253 16.18 -5.69 -65.94
CA LEU G 253 15.30 -6.59 -65.23
C LEU G 253 15.35 -6.31 -63.74
N LEU G 254 14.19 -6.29 -63.09
CA LEU G 254 14.09 -6.07 -61.66
C LEU G 254 13.87 -7.39 -60.95
N LEU G 255 14.60 -7.61 -59.87
CA LEU G 255 14.68 -8.90 -59.22
C LEU G 255 14.50 -8.74 -57.73
N SER G 256 13.73 -9.63 -57.13
CA SER G 256 13.36 -9.47 -55.73
C SER G 256 13.50 -10.78 -55.00
N MET G 257 14.10 -10.69 -53.82
CA MET G 257 14.20 -11.80 -52.87
C MET G 257 13.41 -11.44 -51.64
N ASP G 258 12.49 -12.33 -51.27
CA ASP G 258 11.76 -12.18 -50.01
C ASP G 258 11.86 -13.49 -49.26
N MET G 259 12.27 -13.42 -48.00
CA MET G 259 12.38 -14.60 -47.16
C MET G 259 11.27 -14.56 -46.13
N SER G 260 10.58 -15.68 -45.98
CA SER G 260 9.44 -15.75 -45.09
C SER G 260 9.86 -16.27 -43.73
N GLY G 261 8.90 -16.27 -42.81
CA GLY G 261 9.08 -16.92 -41.53
C GLY G 261 10.00 -16.22 -40.57
N ILE G 262 10.31 -14.95 -40.78
CA ILE G 262 11.21 -14.25 -39.87
C ILE G 262 10.57 -14.11 -38.49
N GLN G 263 9.30 -13.75 -38.44
CA GLN G 263 8.64 -13.55 -37.15
C GLN G 263 8.56 -14.85 -36.35
N ASP G 264 8.26 -15.96 -37.01
CA ASP G 264 8.18 -17.23 -36.31
C ASP G 264 9.53 -17.67 -35.79
N PHE G 265 10.59 -17.48 -36.57
CA PHE G 265 11.92 -17.93 -36.18
C PHE G 265 12.54 -17.01 -35.14
N ILE G 266 12.16 -15.73 -35.12
CA ILE G 266 12.75 -14.79 -34.20
C ILE G 266 12.19 -14.95 -32.79
N TYR G 267 10.99 -15.53 -32.67
CA TYR G 267 10.34 -15.72 -31.37
C TYR G 267 10.33 -17.18 -30.94
N ASN G 268 11.24 -17.99 -31.49
CA ASN G 268 11.36 -19.38 -31.08
C ASN G 268 12.34 -19.56 -29.94
N ILE G 269 12.53 -18.54 -29.12
CA ILE G 269 13.41 -18.63 -27.96
C ILE G 269 12.55 -18.89 -26.73
N SER G 270 13.13 -19.56 -25.74
CA SER G 270 12.42 -19.85 -24.50
C SER G 270 12.31 -18.62 -23.61
N ALA G 274 17.12 -14.24 -22.96
CA ALA G 274 15.70 -14.26 -22.64
C ALA G 274 15.02 -13.08 -23.29
N LEU G 275 15.53 -11.88 -23.02
CA LEU G 275 15.07 -10.67 -23.69
C LEU G 275 16.13 -10.03 -24.58
N LYS G 276 17.40 -10.06 -24.18
CA LYS G 276 18.49 -9.59 -25.03
C LYS G 276 19.03 -10.68 -25.93
N SER G 277 18.63 -11.95 -25.71
CA SER G 277 19.06 -13.03 -26.59
C SER G 277 18.41 -12.95 -27.96
N LEU G 278 17.27 -12.29 -28.08
CA LEU G 278 16.64 -12.10 -29.38
C LEU G 278 17.23 -10.92 -30.15
N ARG G 279 18.55 -10.90 -30.24
CA ARG G 279 19.25 -10.02 -31.18
C ARG G 279 20.28 -10.84 -31.93
N SER G 280 20.72 -11.94 -31.32
CA SER G 280 21.70 -12.80 -31.97
C SER G 280 21.12 -13.46 -33.21
N ARG G 281 19.89 -14.00 -33.10
CA ARG G 281 19.27 -14.61 -34.26
C ARG G 281 18.73 -13.59 -35.25
N SER G 282 18.37 -12.38 -34.77
CA SER G 282 18.17 -11.27 -35.70
C SER G 282 19.44 -11.03 -36.52
N PHE G 283 20.59 -11.02 -35.85
CA PHE G 283 21.86 -10.85 -36.55
C PHE G 283 22.08 -11.98 -37.54
N TYR G 284 21.73 -13.20 -37.17
CA TYR G 284 21.93 -14.33 -38.07
C TYR G 284 21.11 -14.18 -39.34
N LEU G 285 19.85 -13.78 -39.19
CA LEU G 285 19.01 -13.57 -40.37
C LEU G 285 19.59 -12.49 -41.27
N GLU G 286 20.00 -11.37 -40.67
CA GLU G 286 20.53 -10.27 -41.48
C GLU G 286 21.80 -10.70 -42.21
N LEU G 287 22.67 -11.43 -41.52
CA LEU G 287 23.92 -11.84 -42.13
C LEU G 287 23.67 -12.84 -43.25
N MET G 288 22.72 -13.76 -43.09
CA MET G 288 22.45 -14.68 -44.19
C MET G 288 21.96 -13.93 -45.41
N LEU G 289 21.07 -12.96 -45.22
CA LEU G 289 20.58 -12.23 -46.39
C LEU G 289 21.74 -11.56 -47.12
N GLU G 290 22.63 -10.89 -46.38
CA GLU G 290 23.74 -10.20 -47.01
C GLU G 290 24.69 -11.18 -47.71
N VAL G 291 24.95 -12.32 -47.09
CA VAL G 291 25.84 -13.32 -47.69
C VAL G 291 25.27 -13.83 -49.01
N ILE G 292 24.00 -14.18 -49.01
CA ILE G 292 23.40 -14.75 -50.22
C ILE G 292 23.36 -13.72 -51.33
N VAL G 293 23.08 -12.45 -51.01
CA VAL G 293 23.05 -11.44 -52.06
C VAL G 293 24.45 -11.16 -52.61
N ASP G 294 25.47 -11.15 -51.74
CA ASP G 294 26.82 -10.91 -52.24
C ASP G 294 27.27 -12.06 -53.12
N GLN G 295 26.99 -13.29 -52.69
CA GLN G 295 27.21 -14.47 -53.54
C GLN G 295 26.55 -14.33 -54.89
N LEU G 296 25.27 -13.93 -54.91
CA LEU G 296 24.56 -13.80 -56.17
C LEU G 296 25.27 -12.83 -57.09
N LEU G 297 25.69 -11.68 -56.56
CA LEU G 297 26.40 -10.73 -57.40
C LEU G 297 27.71 -11.31 -57.92
N GLU G 298 28.44 -12.06 -57.09
CA GLU G 298 29.68 -12.67 -57.56
C GLU G 298 29.43 -13.64 -58.71
N ARG G 299 28.35 -14.42 -58.63
CA ARG G 299 28.07 -15.41 -59.67
C ARG G 299 27.77 -14.78 -61.02
N LEU G 300 27.49 -13.48 -61.05
CA LEU G 300 27.01 -12.83 -62.26
C LEU G 300 28.00 -11.80 -62.82
N GLU G 301 29.24 -11.81 -62.35
CA GLU G 301 30.31 -10.91 -62.83
C GLU G 301 29.85 -9.45 -62.88
N LEU G 302 29.18 -9.01 -61.81
CA LEU G 302 29.05 -7.59 -61.49
C LEU G 302 29.51 -7.42 -60.05
N ALA G 303 29.21 -6.29 -59.42
CA ALA G 303 29.62 -6.07 -58.05
C ALA G 303 28.43 -5.67 -57.19
N ARG G 304 28.70 -5.34 -55.93
CA ARG G 304 27.66 -4.90 -54.99
C ARG G 304 27.11 -3.52 -55.33
N ALA G 305 27.49 -2.95 -56.47
CA ALA G 305 26.86 -1.73 -56.93
C ALA G 305 25.39 -1.94 -57.22
N ASN G 306 25.04 -3.08 -57.80
CA ASN G 306 23.72 -3.38 -58.36
C ASN G 306 22.70 -3.84 -57.33
N LEU G 307 22.89 -3.51 -56.07
CA LEU G 307 21.96 -3.90 -55.02
C LEU G 307 21.30 -2.66 -54.44
N LEU G 308 20.00 -2.49 -54.69
CA LEU G 308 19.31 -1.29 -54.22
C LEU G 308 19.03 -1.37 -52.74
N TYR G 309 18.19 -2.30 -52.30
CA TYR G 309 17.80 -2.26 -50.90
C TYR G 309 17.84 -3.65 -50.29
N THR G 310 18.19 -3.70 -49.01
CA THR G 310 18.18 -4.93 -48.24
C THR G 310 17.65 -4.66 -46.84
N GLY G 311 17.11 -5.70 -46.22
CA GLY G 311 16.67 -5.63 -44.85
C GLY G 311 15.19 -5.94 -44.74
N GLY G 312 14.76 -6.01 -43.49
CA GLY G 312 13.46 -6.60 -43.25
C GLY G 312 13.59 -8.07 -43.58
N GLY G 313 13.05 -8.46 -44.73
CA GLY G 313 13.34 -9.77 -45.27
C GLY G 313 13.56 -9.66 -46.76
N HIS G 314 13.78 -8.44 -47.22
CA HIS G 314 13.74 -8.12 -48.64
C HIS G 314 15.11 -7.79 -49.18
N ALA G 315 15.24 -8.01 -50.49
CA ALA G 315 16.39 -7.58 -51.26
C ALA G 315 15.91 -7.23 -52.66
N TYR G 316 15.98 -5.95 -52.99
CA TYR G 316 15.61 -5.42 -54.30
C TYR G 316 16.88 -5.13 -55.07
N LEU G 317 17.00 -5.75 -56.25
CA LEU G 317 18.20 -5.83 -57.07
C LEU G 317 17.85 -5.58 -58.53
N LEU G 318 18.87 -5.27 -59.31
CA LEU G 318 18.71 -4.95 -60.71
C LEU G 318 19.76 -5.71 -61.52
N VAL G 319 19.31 -6.40 -62.58
CA VAL G 319 20.16 -7.21 -63.43
C VAL G 319 19.79 -6.95 -64.88
N SER G 320 20.41 -7.70 -65.79
CA SER G 320 20.18 -7.53 -67.22
C SER G 320 19.18 -8.56 -67.75
N ASN G 321 18.60 -8.23 -68.90
CA ASN G 321 17.61 -9.08 -69.57
C ASN G 321 18.26 -9.84 -70.71
N THR G 322 18.98 -10.90 -70.36
CA THR G 322 19.52 -11.80 -71.36
C THR G 322 19.29 -13.24 -70.94
N ASP G 323 19.47 -14.15 -71.90
CA ASP G 323 19.19 -15.55 -71.65
C ASP G 323 20.17 -16.16 -70.66
N LYS G 324 21.44 -15.77 -70.74
CA LYS G 324 22.46 -16.39 -69.89
C LYS G 324 22.20 -16.09 -68.42
N VAL G 325 21.91 -14.83 -68.10
CA VAL G 325 21.65 -14.50 -66.70
C VAL G 325 20.38 -15.18 -66.23
N LYS G 326 19.39 -15.32 -67.12
CA LYS G 326 18.17 -16.01 -66.73
C LYS G 326 18.44 -17.46 -66.36
N LYS G 327 19.25 -18.14 -67.17
CA LYS G 327 19.60 -19.52 -66.85
C LYS G 327 20.35 -19.61 -65.53
N LYS G 328 21.30 -18.69 -65.31
CA LYS G 328 22.06 -18.74 -64.07
C LYS G 328 21.19 -18.44 -62.86
N ILE G 329 20.24 -17.52 -63.00
CA ILE G 329 19.31 -17.22 -61.92
C ILE G 329 18.48 -18.45 -61.59
N THR G 330 18.03 -19.16 -62.61
CA THR G 330 17.28 -20.39 -62.36
C THR G 330 18.12 -21.41 -61.62
N GLN G 331 19.39 -21.58 -62.03
CA GLN G 331 20.25 -22.53 -61.35
C GLN G 331 20.47 -22.14 -59.89
N PHE G 332 20.74 -20.86 -59.65
CA PHE G 332 20.96 -20.39 -58.28
C PHE G 332 19.70 -20.61 -57.44
N ASN G 333 18.54 -20.37 -58.04
CA ASN G 333 17.28 -20.59 -57.33
C ASN G 333 17.14 -22.04 -56.91
N ASN G 334 17.46 -22.96 -57.83
CA ASN G 334 17.36 -24.37 -57.47
C ASN G 334 18.30 -24.73 -56.33
N GLU G 335 19.53 -24.23 -56.40
CA GLU G 335 20.48 -24.53 -55.33
C GLU G 335 20.03 -23.97 -53.99
N LEU G 336 19.54 -22.72 -54.00
CA LEU G 336 19.08 -22.12 -52.75
C LEU G 336 17.88 -22.87 -52.18
N LYS G 337 16.92 -23.23 -53.03
CA LYS G 337 15.77 -23.96 -52.54
C LYS G 337 16.21 -25.27 -51.91
N LYS G 338 17.11 -25.99 -52.57
CA LYS G 338 17.60 -27.24 -52.03
C LYS G 338 18.29 -27.03 -50.69
N TRP G 339 19.12 -26.00 -50.59
CA TRP G 339 19.89 -25.81 -49.36
C TRP G 339 19.00 -25.36 -48.22
N PHE G 340 18.08 -24.44 -48.47
CA PHE G 340 17.15 -24.00 -47.41
C PHE G 340 16.32 -25.17 -46.92
N MET G 341 15.84 -26.02 -47.82
CA MET G 341 15.12 -27.20 -47.37
C MET G 341 16.03 -28.13 -46.58
N SER G 342 17.29 -28.24 -46.98
CA SER G 342 18.20 -29.14 -46.27
C SER G 342 18.47 -28.64 -44.86
N GLU G 343 18.86 -27.37 -44.71
CA GLU G 343 19.19 -26.83 -43.41
C GLU G 343 17.96 -26.75 -42.51
N PHE G 344 16.83 -26.28 -43.05
CA PHE G 344 15.60 -26.11 -42.30
C PHE G 344 14.45 -26.75 -43.07
N THR G 345 13.52 -27.39 -42.38
CA THR G 345 12.48 -28.11 -43.10
C THR G 345 11.61 -27.19 -43.95
N THR G 346 10.78 -26.37 -43.30
CA THR G 346 9.97 -25.36 -44.00
C THR G 346 9.85 -24.05 -43.27
N ASP G 347 10.41 -23.90 -42.07
CA ASP G 347 10.19 -22.70 -41.27
C ASP G 347 10.86 -21.48 -41.86
N LEU G 348 11.73 -21.65 -42.85
CA LEU G 348 12.43 -20.53 -43.45
C LEU G 348 12.56 -20.82 -44.93
N SER G 349 12.05 -19.92 -45.76
CA SER G 349 12.09 -20.10 -47.20
C SER G 349 12.80 -18.91 -47.85
N LEU G 350 12.85 -18.95 -49.18
CA LEU G 350 13.39 -17.86 -49.96
C LEU G 350 12.69 -17.87 -51.31
N SER G 351 12.20 -16.71 -51.73
CA SER G 351 11.45 -16.60 -52.97
C SER G 351 12.05 -15.51 -53.83
N MET G 352 12.15 -15.78 -55.14
CA MET G 352 12.78 -14.88 -56.08
C MET G 352 11.86 -14.66 -57.28
N ALA G 353 11.60 -13.39 -57.59
CA ALA G 353 10.73 -13.06 -58.70
C ALA G 353 11.33 -11.91 -59.50
N PHE G 354 11.17 -12.03 -60.82
CA PHE G 354 11.84 -11.07 -61.73
C PHE G 354 10.88 -10.56 -62.81
N GLU G 355 10.75 -9.24 -62.94
CA GLU G 355 9.93 -8.64 -63.98
C GLU G 355 10.80 -7.76 -64.86
N LYS G 356 10.65 -7.91 -66.17
CA LYS G 356 11.46 -7.16 -67.11
C LYS G 356 11.03 -5.70 -67.15
N CYS G 357 12.01 -4.82 -67.39
CA CYS G 357 11.77 -3.40 -67.48
C CYS G 357 12.65 -2.82 -68.58
N SER G 358 12.17 -1.75 -69.18
CA SER G 358 12.88 -1.01 -70.20
C SER G 358 13.58 0.18 -69.58
N GLY G 359 14.36 0.88 -70.41
CA GLY G 359 14.94 2.14 -69.97
C GLY G 359 13.89 3.17 -69.64
N ASP G 360 12.70 3.03 -70.23
CA ASP G 360 11.61 3.96 -69.96
C ASP G 360 10.93 3.67 -68.63
N ASP G 361 10.87 2.41 -68.21
CA ASP G 361 10.09 2.05 -67.02
C ASP G 361 10.68 2.67 -65.76
N LEU G 362 11.99 2.53 -65.56
CA LEU G 362 12.60 3.14 -64.37
C LEU G 362 12.53 4.66 -64.45
N MET G 363 12.74 5.22 -65.63
CA MET G 363 12.49 6.64 -65.82
C MET G 363 11.02 6.94 -65.60
N ASN G 364 10.71 8.19 -65.30
CA ASN G 364 9.33 8.62 -65.09
C ASN G 364 8.73 9.08 -66.41
N THR G 365 8.03 8.19 -67.09
CA THR G 365 7.40 8.52 -68.37
C THR G 365 5.88 8.52 -68.26
N SER G 366 5.27 7.41 -67.84
CA SER G 366 3.82 7.31 -67.72
C SER G 366 3.45 6.65 -66.41
N GLY G 367 4.20 6.96 -65.35
CA GLY G 367 3.90 6.42 -64.04
C GLY G 367 3.93 4.90 -63.99
N ASN G 368 4.74 4.28 -64.83
CA ASN G 368 4.76 2.82 -64.90
C ASN G 368 5.56 2.17 -63.79
N TYR G 369 6.35 2.95 -63.02
CA TYR G 369 7.18 2.35 -61.98
C TYR G 369 6.32 1.71 -60.90
N ARG G 370 5.24 2.38 -60.51
CA ARG G 370 4.27 1.79 -59.60
C ARG G 370 3.76 0.45 -60.14
N THR G 371 3.45 0.43 -61.43
CA THR G 371 2.95 -0.79 -62.06
C THR G 371 3.97 -1.91 -61.97
N ILE G 372 5.24 -1.59 -62.25
CA ILE G 372 6.30 -2.58 -62.18
C ILE G 372 6.39 -3.16 -60.78
N TRP G 373 6.36 -2.28 -59.78
CA TRP G 373 6.53 -2.73 -58.41
C TRP G 373 5.37 -3.61 -57.99
N ARG G 374 4.15 -3.20 -58.35
CA ARG G 374 2.97 -4.00 -58.03
C ARG G 374 3.02 -5.36 -58.70
N ASN G 375 3.48 -5.42 -59.95
CA ASN G 375 3.55 -6.70 -60.64
C ASN G 375 4.56 -7.63 -59.97
N VAL G 376 5.71 -7.09 -59.57
CA VAL G 376 6.70 -7.93 -58.87
C VAL G 376 6.11 -8.46 -57.57
N SER G 377 5.43 -7.60 -56.82
CA SER G 377 4.78 -8.06 -55.60
C SER G 377 3.74 -9.13 -55.89
N SER G 378 3.02 -8.99 -57.00
CA SER G 378 1.98 -9.96 -57.34
C SER G 378 2.57 -11.33 -57.62
N LYS G 379 3.60 -11.39 -58.48
CA LYS G 379 4.20 -12.69 -58.75
C LYS G 379 4.87 -13.24 -57.51
N LEU G 380 5.35 -12.38 -56.63
CA LEU G 380 5.90 -12.85 -55.36
C LEU G 380 4.83 -13.53 -54.52
N SER G 381 3.65 -12.90 -54.44
CA SER G 381 2.55 -13.52 -53.69
C SER G 381 2.15 -14.85 -54.30
N ASP G 382 2.11 -14.92 -55.62
CA ASP G 382 1.77 -16.18 -56.27
C ASP G 382 2.79 -17.26 -55.96
N ILE G 383 4.09 -16.94 -56.06
CA ILE G 383 5.12 -17.91 -55.75
C ILE G 383 5.02 -18.35 -54.30
N LYS G 384 4.62 -17.44 -53.42
CA LYS G 384 4.38 -17.81 -52.04
C LYS G 384 3.22 -18.78 -51.92
N ALA G 385 2.23 -18.66 -52.79
CA ALA G 385 1.04 -19.51 -52.70
C ALA G 385 1.33 -20.94 -53.13
N HIS G 386 2.31 -21.15 -54.01
CA HIS G 386 2.59 -22.49 -54.55
C HIS G 386 4.05 -22.84 -54.36
N LYS G 387 4.56 -22.74 -53.14
CA LYS G 387 6.01 -22.79 -52.97
C LYS G 387 6.59 -24.18 -53.00
N TYR G 388 5.82 -25.22 -53.28
CA TYR G 388 6.38 -26.56 -53.36
C TYR G 388 5.76 -27.34 -54.51
N SER G 389 6.34 -28.50 -54.78
CA SER G 389 5.87 -29.43 -55.80
C SER G 389 5.57 -30.78 -55.17
N ALA G 390 5.00 -31.68 -55.96
CA ALA G 390 4.53 -32.95 -55.43
C ALA G 390 5.67 -33.81 -54.91
N GLU G 391 6.79 -33.84 -55.63
CA GLU G 391 7.92 -34.65 -55.19
C GLU G 391 8.43 -34.18 -53.82
N ASP G 392 8.52 -32.86 -53.64
CA ASP G 392 8.97 -32.33 -52.37
C ASP G 392 8.04 -32.71 -51.24
N ILE G 393 6.73 -32.64 -51.48
CA ILE G 393 5.79 -32.87 -50.40
C ILE G 393 5.71 -34.35 -50.07
N LEU G 394 6.00 -35.22 -51.04
CA LEU G 394 6.06 -36.65 -50.72
C LEU G 394 7.34 -37.01 -49.99
N LYS G 395 8.46 -36.40 -50.38
CA LYS G 395 9.70 -36.63 -49.65
C LYS G 395 9.63 -36.10 -48.23
N LEU G 396 8.87 -35.01 -48.03
CA LEU G 396 8.73 -34.46 -46.70
C LEU G 396 7.97 -35.39 -45.77
N ASN G 397 6.96 -36.08 -46.30
CA ASN G 397 6.15 -36.99 -45.50
C ASN G 397 6.73 -38.40 -45.45
N HIS G 398 8.05 -38.52 -45.61
CA HIS G 398 8.74 -39.80 -45.51
C HIS G 398 9.34 -39.95 -44.12
N PHE G 399 9.22 -41.16 -43.56
CA PHE G 399 9.52 -41.37 -42.16
C PHE G 399 11.01 -41.18 -41.87
N HIS G 400 11.29 -40.83 -40.62
CA HIS G 400 12.65 -40.57 -40.16
C HIS G 400 12.74 -40.95 -38.70
N SER G 401 13.97 -41.14 -38.22
CA SER G 401 14.19 -41.55 -36.84
C SER G 401 13.79 -40.44 -35.87
N TYR G 402 13.17 -40.85 -34.76
CA TYR G 402 12.76 -39.93 -33.72
C TYR G 402 12.96 -40.60 -32.37
N GLY G 403 12.41 -39.97 -31.34
CA GLY G 403 12.55 -40.44 -29.97
C GLY G 403 13.69 -39.79 -29.22
N ASP G 404 14.74 -39.38 -29.92
CA ASP G 404 15.83 -38.64 -29.31
C ASP G 404 15.32 -37.26 -28.89
N ARG G 405 16.04 -36.64 -27.97
CA ARG G 405 15.64 -35.34 -27.48
C ARG G 405 15.71 -34.30 -28.58
N GLU G 406 14.95 -33.23 -28.39
CA GLU G 406 14.92 -32.09 -29.28
C GLU G 406 15.73 -30.93 -28.70
N CYS G 407 16.00 -29.95 -29.55
CA CYS G 407 16.76 -28.78 -29.12
C CYS G 407 16.04 -28.06 -28.00
N LYS G 408 16.77 -27.79 -26.91
CA LYS G 408 16.14 -27.21 -25.73
C LYS G 408 15.62 -25.81 -26.00
N GLU G 409 16.20 -25.11 -26.96
CA GLU G 409 15.75 -23.77 -27.28
C GLU G 409 15.00 -23.71 -28.61
N CYS G 410 15.23 -24.67 -29.50
CA CYS G 410 14.75 -24.58 -30.87
C CYS G 410 13.76 -25.68 -31.22
N LEU G 411 13.67 -26.76 -30.44
CA LEU G 411 12.52 -27.66 -30.43
C LEU G 411 12.33 -28.38 -31.76
N ARG G 412 13.40 -28.96 -32.27
CA ARG G 412 13.36 -29.62 -33.56
C ARG G 412 14.21 -30.88 -33.48
N SER G 413 13.63 -32.02 -33.89
CA SER G 413 14.20 -33.33 -33.59
C SER G 413 14.66 -34.07 -34.85
N ASP G 414 15.12 -33.36 -35.86
CA ASP G 414 15.64 -33.99 -37.07
C ASP G 414 17.15 -33.92 -37.18
N ILE G 415 17.84 -33.34 -36.19
CA ILE G 415 19.26 -33.04 -36.28
C ILE G 415 19.96 -33.67 -35.09
N ASP G 416 21.15 -34.22 -35.33
CA ASP G 416 21.96 -34.73 -34.24
C ASP G 416 22.28 -33.62 -33.25
N ILE G 417 22.30 -33.97 -31.97
CA ILE G 417 22.45 -32.99 -30.90
C ILE G 417 23.72 -33.31 -30.12
N ASN G 418 24.24 -32.29 -29.47
CA ASN G 418 25.48 -32.41 -28.71
C ASN G 418 25.16 -32.72 -27.24
N ASP G 419 26.20 -32.75 -26.41
CA ASP G 419 26.01 -33.11 -25.01
C ASP G 419 25.26 -32.02 -24.25
N ASP G 420 25.55 -30.75 -24.54
CA ASP G 420 24.96 -29.66 -23.78
C ASP G 420 23.46 -29.55 -23.95
N GLY G 421 22.88 -30.11 -25.01
CA GLY G 421 21.46 -30.04 -25.25
C GLY G 421 21.02 -29.02 -26.27
N LEU G 422 21.93 -28.53 -27.10
CA LEU G 422 21.59 -27.59 -28.17
C LEU G 422 22.11 -28.14 -29.48
N CYS G 423 21.37 -27.88 -30.56
CA CYS G 423 21.80 -28.37 -31.86
C CYS G 423 22.97 -27.52 -32.36
N SER G 424 23.39 -27.78 -33.60
CA SER G 424 24.57 -27.10 -34.13
C SER G 424 24.31 -25.61 -34.29
N ILE G 425 23.19 -25.24 -34.92
CA ILE G 425 22.99 -23.85 -35.29
C ILE G 425 22.72 -22.99 -34.06
N CYS G 426 21.90 -23.48 -33.13
CA CYS G 426 21.55 -22.67 -31.96
C CYS G 426 22.76 -22.49 -31.04
N GLU G 427 23.55 -23.55 -30.87
CA GLU G 427 24.79 -23.44 -30.11
C GLU G 427 25.75 -22.48 -30.79
N GLY G 428 25.87 -22.56 -32.12
CA GLY G 428 26.69 -21.60 -32.83
C GLY G 428 26.26 -20.17 -32.60
N ILE G 429 24.95 -19.93 -32.61
CA ILE G 429 24.45 -18.58 -32.40
C ILE G 429 24.77 -18.08 -31.01
N ILE G 430 24.59 -18.92 -29.99
CA ILE G 430 24.87 -18.45 -28.63
C ILE G 430 26.36 -18.16 -28.47
N ASN G 431 27.22 -19.02 -29.01
CA ASN G 431 28.66 -18.76 -28.93
C ASN G 431 29.05 -17.50 -29.70
N ILE G 432 28.46 -17.29 -30.88
CA ILE G 432 28.83 -16.13 -31.67
C ILE G 432 28.31 -14.86 -31.03
N SER G 433 27.20 -14.92 -30.29
CA SER G 433 26.76 -13.74 -29.56
C SER G 433 27.70 -13.45 -28.40
N ASN G 434 28.15 -14.50 -27.70
CA ASN G 434 29.11 -14.31 -26.62
C ASN G 434 30.40 -13.69 -27.14
N ASP G 435 30.85 -14.13 -28.32
CA ASP G 435 32.05 -13.54 -28.92
C ASP G 435 31.80 -12.13 -29.45
N LEU G 436 30.62 -11.89 -30.04
CA LEU G 436 30.29 -10.59 -30.60
C LEU G 436 30.24 -9.53 -29.52
N ARG G 437 29.84 -9.91 -28.30
CA ARG G 437 29.86 -8.96 -27.20
C ARG G 437 31.27 -8.42 -26.94
N ASP G 438 32.31 -9.15 -27.33
CA ASP G 438 33.70 -8.72 -27.19
C ASP G 438 34.41 -8.50 -28.52
N LYS G 439 34.43 -9.51 -29.39
CA LYS G 439 35.05 -9.39 -30.70
C LYS G 439 34.06 -8.85 -31.72
N SER G 440 34.59 -8.26 -32.80
CA SER G 440 33.72 -7.61 -33.76
C SER G 440 34.16 -7.75 -35.21
N PHE G 441 34.73 -8.88 -35.63
CA PHE G 441 34.90 -9.12 -37.05
C PHE G 441 34.44 -10.54 -37.39
N PHE G 442 33.76 -10.69 -38.52
CA PHE G 442 33.28 -11.99 -38.96
C PHE G 442 33.93 -12.33 -40.30
N VAL G 443 34.32 -13.59 -40.44
CA VAL G 443 35.09 -14.04 -41.60
C VAL G 443 34.40 -15.23 -42.22
N LEU G 444 34.30 -15.21 -43.55
CA LEU G 444 33.62 -16.23 -44.33
C LEU G 444 34.68 -17.20 -44.87
N SER G 445 34.69 -18.42 -44.33
CA SER G 445 35.71 -19.39 -44.64
C SER G 445 35.08 -20.71 -45.09
N GLU G 446 35.93 -21.67 -45.45
CA GLU G 446 35.46 -22.99 -45.82
C GLU G 446 35.01 -23.80 -44.61
N THR G 447 35.76 -23.75 -43.52
CA THR G 447 35.40 -24.43 -42.28
C THR G 447 35.50 -23.45 -41.13
N GLY G 448 34.67 -23.67 -40.11
CA GLY G 448 34.57 -22.73 -39.02
C GLY G 448 33.46 -23.02 -38.03
N LYS G 449 32.64 -22.01 -37.74
CA LYS G 449 31.68 -22.10 -36.64
C LYS G 449 30.23 -22.16 -37.08
N LEU G 450 29.71 -21.16 -37.79
CA LEU G 450 28.28 -21.13 -38.07
C LEU G 450 27.98 -21.30 -39.55
N LYS G 451 26.94 -22.09 -39.83
CA LYS G 451 26.63 -22.57 -41.17
C LYS G 451 26.15 -21.45 -42.09
N MET G 452 26.49 -21.56 -43.38
CA MET G 452 26.17 -20.59 -44.41
C MET G 452 25.87 -21.36 -45.69
N PRO G 453 25.41 -20.74 -46.78
CA PRO G 453 25.12 -21.52 -47.98
C PRO G 453 26.37 -21.98 -48.69
N PHE G 454 26.23 -23.10 -49.40
CA PHE G 454 27.29 -23.68 -50.21
C PHE G 454 28.51 -24.08 -49.38
N ASN G 455 28.26 -24.81 -48.29
CA ASN G 455 29.30 -25.42 -47.46
C ASN G 455 30.34 -24.40 -47.01
N LYS G 456 29.86 -23.23 -46.61
CA LYS G 456 30.70 -22.17 -46.08
C LYS G 456 30.33 -21.92 -44.63
N PHE G 457 31.25 -21.28 -43.91
CA PHE G 457 31.07 -21.05 -42.49
C PHE G 457 31.50 -19.64 -42.17
N ILE G 458 30.98 -19.11 -41.06
CA ILE G 458 31.42 -17.84 -40.52
C ILE G 458 32.10 -18.10 -39.18
N SER G 459 33.21 -17.39 -38.96
CA SER G 459 34.00 -17.47 -37.74
C SER G 459 34.28 -16.06 -37.23
N VAL G 460 34.69 -15.98 -35.97
CA VAL G 460 34.85 -14.71 -35.27
C VAL G 460 36.34 -14.40 -35.12
N ILE G 461 36.71 -13.16 -35.35
CA ILE G 461 38.09 -12.71 -35.26
C ILE G 461 38.11 -11.26 -34.81
N ASP G 462 39.29 -10.81 -34.39
CA ASP G 462 39.49 -9.46 -33.87
C ASP G 462 40.28 -8.61 -34.87
N TYR G 463 40.46 -7.34 -34.50
CA TYR G 463 40.85 -6.31 -35.47
C TYR G 463 42.18 -6.63 -36.13
N GLU G 464 43.27 -6.61 -35.34
CA GLU G 464 44.58 -6.92 -35.89
C GLU G 464 44.56 -8.25 -36.61
N GLU G 465 43.85 -9.24 -36.06
CA GLU G 465 43.67 -10.50 -36.77
C GLU G 465 43.06 -10.26 -38.13
N ALA G 466 42.13 -9.30 -38.23
CA ALA G 466 41.50 -9.00 -39.51
C ALA G 466 42.52 -8.45 -40.50
N GLU G 467 43.38 -7.53 -40.07
CA GLU G 467 44.36 -7.04 -41.05
C GLU G 467 45.39 -8.11 -41.43
N MET G 468 45.81 -8.96 -40.49
CA MET G 468 46.70 -10.05 -40.90
C MET G 468 46.01 -11.00 -41.88
N LEU G 469 44.74 -11.30 -41.65
CA LEU G 469 44.03 -12.15 -42.61
C LEU G 469 43.89 -11.47 -43.97
N VAL G 470 43.70 -10.15 -43.97
CA VAL G 470 43.61 -9.42 -45.23
C VAL G 470 44.96 -9.44 -45.96
N GLN G 471 46.06 -9.36 -45.21
CA GLN G 471 47.37 -9.41 -45.84
C GLN G 471 47.58 -10.73 -46.58
N ASN G 472 47.18 -11.84 -45.98
CA ASN G 472 47.30 -13.14 -46.62
C ASN G 472 46.22 -13.34 -47.67
N ARG G 477 35.77 -12.97 -47.24
CA ARG G 477 35.17 -11.65 -47.10
C ARG G 477 34.86 -11.37 -45.63
N ILE G 478 34.96 -10.11 -45.23
CA ILE G 478 34.87 -9.71 -43.83
C ILE G 478 33.59 -8.93 -43.61
N TYR G 479 32.92 -9.19 -42.50
CA TYR G 479 31.68 -8.53 -42.15
C TYR G 479 31.83 -7.86 -40.79
N SER G 480 31.39 -6.61 -40.71
CA SER G 480 31.55 -5.75 -39.54
C SER G 480 30.19 -5.27 -39.07
N LYS G 481 30.20 -4.30 -38.15
CA LYS G 481 28.98 -3.73 -37.60
C LYS G 481 29.11 -2.21 -37.61
N ASN G 482 28.63 -1.58 -38.68
CA ASN G 482 28.55 -0.12 -38.78
C ASN G 482 29.90 0.55 -38.53
N LYS G 483 30.96 -0.03 -39.10
CA LYS G 483 32.30 0.52 -38.97
C LYS G 483 32.83 0.81 -40.37
N PRO G 484 32.98 2.08 -40.76
CA PRO G 484 33.42 2.41 -42.13
C PRO G 484 34.95 2.37 -42.30
N TYR G 485 35.52 1.19 -42.09
CA TYR G 485 36.93 0.97 -42.33
C TYR G 485 37.17 0.74 -43.81
N ILE G 486 38.14 1.46 -44.37
CA ILE G 486 38.37 1.46 -45.81
C ILE G 486 39.81 1.03 -46.09
N GLY G 487 39.99 0.42 -47.26
CA GLY G 487 41.29 0.03 -47.74
C GLY G 487 41.81 -1.31 -47.26
N ILE G 488 41.10 -1.97 -46.35
CA ILE G 488 41.57 -3.26 -45.80
C ILE G 488 40.96 -4.34 -46.69
N GLY G 489 41.64 -4.58 -47.82
CA GLY G 489 41.21 -5.63 -48.74
C GLY G 489 39.79 -5.39 -49.23
N ILE G 490 39.00 -6.47 -49.23
CA ILE G 490 37.59 -6.42 -49.62
C ILE G 490 36.76 -6.66 -48.36
N SER G 491 35.91 -5.70 -48.01
CA SER G 491 35.07 -5.79 -46.84
C SER G 491 33.69 -5.24 -47.16
N THR G 492 32.68 -5.74 -46.45
CA THR G 492 31.30 -5.28 -46.60
C THR G 492 30.79 -4.84 -45.23
N ASN G 493 30.60 -3.55 -45.08
CA ASN G 493 30.17 -2.99 -43.79
C ASN G 493 28.66 -3.24 -43.63
N LEU G 494 28.30 -4.05 -42.65
CA LEU G 494 26.89 -4.26 -42.35
C LEU G 494 26.49 -3.50 -41.10
N ASP G 534 4.60 2.46 -40.56
CA ASP G 534 3.19 2.25 -40.85
C ASP G 534 2.91 2.40 -42.35
N ASN G 535 3.07 3.61 -42.86
CA ASN G 535 2.84 3.87 -44.27
C ASN G 535 4.08 3.53 -45.09
N LEU G 536 4.58 2.29 -44.93
CA LEU G 536 5.76 1.87 -45.67
C LEU G 536 5.47 1.60 -47.14
N GLY G 537 4.29 1.04 -47.44
CA GLY G 537 3.98 0.69 -48.82
C GLY G 537 3.97 1.89 -49.75
N ALA G 538 3.37 2.99 -49.29
CA ALA G 538 3.32 4.19 -50.11
C ALA G 538 4.72 4.72 -50.38
N THR G 539 5.59 4.73 -49.37
CA THR G 539 6.95 5.20 -49.57
C THR G 539 7.74 4.30 -50.50
N PHE G 540 7.58 2.98 -50.36
CA PHE G 540 8.38 2.05 -51.16
C PHE G 540 7.90 1.96 -52.61
N ILE G 541 6.59 2.09 -52.84
CA ILE G 541 6.06 1.93 -54.19
C ILE G 541 5.97 3.26 -54.92
N SER G 542 5.54 4.32 -54.23
CA SER G 542 5.39 5.61 -54.89
C SER G 542 6.68 6.43 -54.82
N GLY G 543 7.17 6.73 -53.63
CA GLY G 543 8.28 7.64 -53.50
C GLY G 543 7.83 9.04 -53.88
N ILE G 544 8.36 9.56 -54.98
CA ILE G 544 7.90 10.82 -55.54
C ILE G 544 7.17 10.53 -56.84
N PRO G 545 5.85 10.71 -56.89
CA PRO G 545 5.08 10.26 -58.06
C PRO G 545 5.44 10.96 -59.36
N GLU G 546 5.79 12.25 -59.33
CA GLU G 546 5.99 13.01 -60.57
C GLU G 546 7.32 13.74 -60.52
N LYS G 547 8.02 13.77 -61.67
CA LYS G 547 9.21 14.58 -61.91
C LYS G 547 10.43 14.05 -61.15
N TYR G 548 10.23 13.04 -60.29
CA TYR G 548 11.36 12.43 -59.59
C TYR G 548 11.19 10.92 -59.44
N ASN G 549 10.40 10.28 -60.31
CA ASN G 549 10.10 8.86 -60.16
C ASN G 549 11.14 8.04 -60.93
N SER G 550 12.26 7.79 -60.25
CA SER G 550 13.36 7.02 -60.81
C SER G 550 13.86 6.01 -59.78
N ILE G 551 14.75 5.13 -60.25
CA ILE G 551 15.36 4.15 -59.36
C ILE G 551 16.27 4.84 -58.35
N SER G 552 16.85 5.98 -58.72
CA SER G 552 17.73 6.70 -57.81
C SER G 552 16.98 7.18 -56.57
N ARG G 553 15.72 7.61 -56.74
CA ARG G 553 14.96 8.11 -55.61
C ARG G 553 14.65 7.00 -54.61
N THR G 554 14.30 5.81 -55.10
CA THR G 554 14.11 4.71 -54.15
C THR G 554 15.44 4.29 -53.55
N ALA G 555 16.54 4.45 -54.28
CA ALA G 555 17.85 4.17 -53.69
C ALA G 555 18.14 5.07 -52.51
N THR G 556 18.00 6.38 -52.70
CA THR G 556 18.30 7.31 -51.62
C THR G 556 17.30 7.18 -50.47
N LEU G 557 16.04 6.93 -50.79
CA LEU G 557 15.04 6.74 -49.74
C LEU G 557 15.38 5.52 -48.90
N SER G 558 15.79 4.42 -49.55
CA SER G 558 16.18 3.23 -48.81
C SER G 558 17.40 3.51 -47.95
N ARG G 559 18.37 4.24 -48.48
CA ARG G 559 19.57 4.53 -47.70
C ARG G 559 19.24 5.35 -46.46
N GLN G 560 18.41 6.39 -46.62
CA GLN G 560 18.05 7.23 -45.49
C GLN G 560 17.25 6.46 -44.46
N LEU G 561 16.30 5.64 -44.91
CA LEU G 561 15.53 4.82 -43.98
C LEU G 561 16.42 3.84 -43.25
N SER G 562 17.40 3.26 -43.95
CA SER G 562 18.31 2.32 -43.30
C SER G 562 19.17 3.02 -42.26
N LEU G 563 19.62 4.23 -42.57
CA LEU G 563 20.38 5.00 -41.59
C LEU G 563 19.54 5.29 -40.36
N PHE G 564 18.26 5.63 -40.56
CA PHE G 564 17.38 5.85 -39.41
C PHE G 564 17.17 4.58 -38.60
N PHE G 565 16.95 3.45 -39.29
CA PHE G 565 16.55 2.23 -38.60
C PHE G 565 17.73 1.57 -37.89
N LYS G 566 18.88 1.49 -38.54
CA LYS G 566 19.99 0.70 -38.01
C LYS G 566 20.96 1.51 -37.16
N TYR G 567 21.18 2.78 -37.49
CA TYR G 567 22.17 3.60 -36.79
C TYR G 567 21.55 4.61 -35.84
N GLU G 568 20.47 5.29 -36.25
CA GLU G 568 19.86 6.29 -35.39
C GLU G 568 19.08 5.64 -34.25
N LEU G 569 18.49 4.47 -34.48
CA LEU G 569 17.79 3.76 -33.41
C LEU G 569 18.76 3.37 -32.30
N ASN G 570 19.95 2.90 -32.66
CA ASN G 570 20.95 2.55 -31.66
C ASN G 570 21.38 3.78 -30.86
N HIS G 571 21.55 4.92 -31.54
CA HIS G 571 21.89 6.15 -30.84
C HIS G 571 20.78 6.56 -29.88
N LEU G 572 19.53 6.42 -30.30
CA LEU G 572 18.40 6.75 -29.43
C LEU G 572 18.34 5.83 -28.22
N LEU G 573 18.59 4.54 -28.42
CA LEU G 573 18.50 3.54 -27.36
C LEU G 573 19.76 3.49 -26.50
N GLU G 574 20.83 4.20 -26.88
CA GLU G 574 22.03 4.23 -26.06
C GLU G 574 21.73 4.74 -24.66
N ASN G 575 20.78 5.66 -24.51
CA ASN G 575 20.39 6.17 -23.20
C ASN G 575 19.30 5.35 -22.54
N TYR G 576 18.87 4.26 -23.17
CA TYR G 576 17.81 3.41 -22.61
C TYR G 576 18.30 1.97 -22.48
N TRP G 594 7.69 -0.76 -18.88
CA TRP G 594 6.35 -0.48 -19.35
C TRP G 594 6.20 1.01 -19.74
N ASP G 595 6.57 1.89 -18.81
CA ASP G 595 6.54 3.32 -19.10
C ASP G 595 7.52 3.68 -20.21
N ASP G 596 8.70 3.05 -20.21
CA ASP G 596 9.68 3.32 -21.24
C ASP G 596 9.16 2.93 -22.61
N ILE G 597 8.39 1.84 -22.70
CA ILE G 597 7.83 1.41 -23.98
C ILE G 597 6.87 2.46 -24.52
N ILE G 598 6.00 2.99 -23.65
CA ILE G 598 5.05 4.01 -24.07
C ILE G 598 5.77 5.28 -24.48
N GLU G 599 6.78 5.69 -23.71
CA GLU G 599 7.53 6.89 -24.05
C GLU G 599 8.23 6.73 -25.39
N ALA G 600 8.83 5.56 -25.63
CA ALA G 600 9.49 5.30 -26.91
C ALA G 600 8.48 5.29 -28.05
N SER G 601 7.29 4.74 -27.82
CA SER G 601 6.26 4.74 -28.87
C SER G 601 5.85 6.17 -29.23
N ILE G 602 5.63 7.00 -28.22
CA ILE G 602 5.26 8.40 -28.47
C ILE G 602 6.39 9.13 -29.20
N TYR G 603 7.63 8.90 -28.76
CA TYR G 603 8.78 9.54 -29.41
C TYR G 603 8.90 9.11 -30.86
N ILE G 604 8.72 7.82 -31.13
CA ILE G 604 8.81 7.31 -32.50
C ILE G 604 7.70 7.90 -33.37
N ASN G 605 6.48 7.97 -32.82
CA ASN G 605 5.37 8.55 -33.59
C ASN G 605 5.64 10.01 -33.91
N ASP G 606 6.14 10.78 -32.93
CA ASP G 606 6.44 12.19 -33.19
C ASP G 606 7.56 12.34 -34.22
N LYS G 607 8.60 11.52 -34.11
CA LYS G 607 9.70 11.59 -35.06
C LYS G 607 9.25 11.21 -36.47
N PHE G 608 8.37 10.22 -36.59
CA PHE G 608 7.85 9.86 -37.90
C PHE G 608 6.95 10.95 -38.46
N LYS G 609 6.17 11.60 -37.60
CA LYS G 609 5.37 12.74 -38.06
C LYS G 609 6.27 13.85 -38.59
N GLU G 610 7.37 14.13 -37.89
CA GLU G 610 8.35 15.08 -38.40
C GLU G 610 9.00 14.58 -39.68
N PHE G 611 9.11 13.26 -39.84
CA PHE G 611 9.77 12.69 -41.00
C PHE G 611 9.02 13.03 -42.29
N THR G 612 7.69 12.98 -42.24
CA THR G 612 6.88 13.30 -43.41
C THR G 612 5.89 14.42 -43.08
#